data_3AOE
#
_entry.id   3AOE
#
_cell.length_a   121.986
_cell.length_b   146.093
_cell.length_c   158.284
_cell.angle_alpha   90.00
_cell.angle_beta   90.00
_cell.angle_gamma   90.00
#
_symmetry.space_group_name_H-M   'P 21 21 21'
#
loop_
_entity.id
_entity.type
_entity.pdbx_description
1 polymer 'Glutamate dehydrogenase'
2 polymer 'Glutamate dehydrogenase'
3 non-polymer LEUCINE
4 water water
#
loop_
_entity_poly.entity_id
_entity_poly.type
_entity_poly.pdbx_seq_one_letter_code
_entity_poly.pdbx_strand_id
1 'polypeptide(L)'
;MKSEPLSYLGKDGGPWEIFTEQVDRVVPYLGRLAPLAESLKRPKRVLIVDVPVRLDDGSVAYFEGYRVHHNTARGPAKGG
VRYHPEVTLSEVMALAGWMTIKNAAVGLPYGGGKGGIRVDPRKLSPGELERLTRRYTSEIGILLGPDRDIPAPDVNTGER
EMAWMMDTYSMNVGRTVPGVVTGKPIALGGSLGRRDATGRGVFITAAAAAEKIGLQVEGARVAIQGFGNVGNAAARAFHD
HGARVVAVQDHTGTVYNEAGIDPYDLLRHVQEFGGVRGYPKAEPLPAADFWGLPVEFLVPAALEKQITEQNAWRIRARIV
AEGANGPTTPAADDILLEKGVLVVPDVIANAGGVTVSYFEWVQDFNSYFWTEEEINARLERVLRNAFEAVWQVAQEKKIP
LRTAAYVVAATRVLEARALRGLYP
;
A,B
2 'polypeptide(L)'
;MPLKAYRPPEDPGLWDTYLEWLERALKVAGVHPTTLEYLAHPKRLVTLSLPVVMDDGKVRIFQGYRVVHDIARGPAKGGV
RLDPGVTLGQTAGLAAWMTLKAAVYDLPFGGAAGGIAVDPKGLSPQELERLVRRYTAELVGLIGPDSDILGPDLGADQQV
MAWIMDTYSMTVGSTVPGVVTGKPHALGGSEGRDDAAGLGALLVLEALAKRRGLDLRGARVVVQGLGQVGAAVALHAERL
GMRVVAVATSMGGMYAPEGLDVAEVLSAYEATGSLPRLDLAPEEVFGLEAEVLVLAAREGALDGDRARQVQAQAVVEVAN
FGLNPEAEAYLLGKGALVVPDLLSGGGGLLASYLEWVQDLNMFFWSPEEVRERFETRVARVVDAVCRRAERGGLDLRMGA
LALALERLDEATRLRGVYP
;
E,F,C,D
#
# COMPACT_ATOMS: atom_id res chain seq x y z
N SER A 3 23.37 13.58 -23.27
CA SER A 3 24.46 12.55 -23.45
C SER A 3 25.90 13.09 -23.26
N GLU A 4 26.02 14.35 -22.84
CA GLU A 4 27.32 14.98 -22.46
C GLU A 4 27.64 14.65 -20.98
N PRO A 5 28.94 14.72 -20.56
CA PRO A 5 29.33 14.31 -19.19
C PRO A 5 28.55 15.04 -18.08
N LEU A 6 28.42 14.40 -16.93
CA LEU A 6 27.56 14.85 -15.84
C LEU A 6 27.90 16.22 -15.26
N SER A 7 27.03 17.20 -15.50
CA SER A 7 27.29 18.59 -15.18
C SER A 7 27.32 18.91 -13.70
N TYR A 8 26.79 18.02 -12.87
CA TYR A 8 26.78 18.25 -11.43
C TYR A 8 28.07 17.82 -10.71
N LEU A 9 29.01 17.26 -11.47
CA LEU A 9 30.36 17.06 -10.95
C LEU A 9 31.26 18.22 -11.30
N GLY A 10 30.79 19.08 -12.20
CA GLY A 10 31.63 20.13 -12.77
C GLY A 10 32.73 19.40 -13.52
N LYS A 11 33.83 20.09 -13.83
CA LYS A 11 34.99 19.47 -14.49
C LYS A 11 35.81 18.63 -13.47
N ASP A 12 35.35 18.63 -12.21
CA ASP A 12 36.14 18.08 -11.08
C ASP A 12 35.94 16.55 -10.89
N GLY A 13 35.95 15.82 -12.00
CA GLY A 13 35.73 14.35 -12.04
C GLY A 13 36.23 13.55 -10.83
N GLY A 14 37.56 13.38 -10.74
CA GLY A 14 38.18 12.56 -9.69
C GLY A 14 37.82 11.07 -9.72
N PRO A 15 37.30 10.54 -8.60
CA PRO A 15 37.12 9.07 -8.48
C PRO A 15 36.06 8.46 -9.41
N TRP A 16 35.06 9.26 -9.77
CA TRP A 16 34.06 8.87 -10.74
C TRP A 16 34.62 8.65 -12.16
N GLU A 17 35.55 9.53 -12.57
CA GLU A 17 36.24 9.40 -13.83
C GLU A 17 37.13 8.15 -13.85
N ILE A 18 37.80 7.89 -12.73
CA ILE A 18 38.53 6.62 -12.59
C ILE A 18 37.60 5.43 -12.88
N PHE A 19 36.43 5.39 -12.22
CA PHE A 19 35.42 4.35 -12.54
C PHE A 19 35.06 4.36 -14.02
N THR A 20 34.76 5.55 -14.56
CA THR A 20 34.35 5.76 -15.96
C THR A 20 35.41 5.29 -16.96
N GLU A 21 36.67 5.58 -16.67
CA GLU A 21 37.78 5.13 -17.52
C GLU A 21 37.82 3.63 -17.59
N GLN A 22 37.56 2.97 -16.45
CA GLN A 22 37.59 1.52 -16.39
C GLN A 22 36.47 0.97 -17.26
N VAL A 23 35.33 1.62 -17.29
CA VAL A 23 34.29 1.22 -18.20
C VAL A 23 34.78 1.36 -19.66
N ASP A 24 35.33 2.52 -20.02
CA ASP A 24 35.95 2.71 -21.36
C ASP A 24 36.88 1.54 -21.74
N ARG A 25 37.82 1.19 -20.86
CA ARG A 25 38.79 0.12 -21.10
C ARG A 25 38.17 -1.26 -21.43
N VAL A 26 36.88 -1.42 -21.13
CA VAL A 26 36.21 -2.71 -21.30
C VAL A 26 35.40 -2.87 -22.62
N VAL A 27 34.95 -1.74 -23.18
CA VAL A 27 34.23 -1.67 -24.46
C VAL A 27 34.77 -2.56 -25.60
N PRO A 28 36.10 -2.55 -25.86
CA PRO A 28 36.69 -3.45 -26.85
C PRO A 28 36.29 -4.93 -26.72
N TYR A 29 35.73 -5.31 -25.58
CA TYR A 29 35.45 -6.72 -25.28
C TYR A 29 33.98 -7.05 -25.21
N LEU A 30 33.15 -6.04 -25.41
CA LEU A 30 31.73 -6.14 -25.17
C LEU A 30 30.89 -6.78 -26.28
N GLY A 31 31.44 -6.83 -27.49
CA GLY A 31 30.69 -7.30 -28.64
C GLY A 31 29.45 -6.49 -28.93
N ARG A 32 28.35 -7.18 -29.17
CA ARG A 32 27.08 -6.55 -29.57
C ARG A 32 26.44 -5.79 -28.42
N LEU A 33 27.11 -5.78 -27.27
CA LEU A 33 26.65 -5.11 -26.08
C LEU A 33 27.27 -3.73 -25.93
N ALA A 34 28.33 -3.46 -26.69
CA ALA A 34 29.09 -2.19 -26.62
C ALA A 34 28.26 -0.87 -26.73
N PRO A 35 27.24 -0.82 -27.61
CA PRO A 35 26.36 0.35 -27.64
C PRO A 35 25.68 0.66 -26.28
N LEU A 36 25.48 -0.37 -25.47
CA LEU A 36 24.85 -0.22 -24.16
C LEU A 36 25.82 0.24 -23.09
N ALA A 37 27.12 0.18 -23.38
CA ALA A 37 28.13 0.55 -22.41
C ALA A 37 27.93 1.93 -21.74
N GLU A 38 27.46 2.95 -22.48
CA GLU A 38 27.11 4.27 -21.94
C GLU A 38 26.25 4.22 -20.66
N SER A 39 25.30 3.29 -20.58
CA SER A 39 24.43 3.17 -19.40
C SER A 39 25.22 3.01 -18.08
N LEU A 40 26.39 2.36 -18.16
CA LEU A 40 27.25 2.13 -17.03
C LEU A 40 27.88 3.43 -16.53
N LYS A 41 27.99 4.43 -17.42
CA LYS A 41 28.53 5.75 -17.11
C LYS A 41 27.48 6.70 -16.49
N ARG A 42 26.33 6.14 -16.13
CA ARG A 42 25.24 6.94 -15.58
C ARG A 42 24.64 6.22 -14.38
N PRO A 43 24.65 6.85 -13.22
CA PRO A 43 23.95 6.23 -12.10
C PRO A 43 22.47 6.38 -12.33
N LYS A 44 21.71 5.28 -12.15
CA LYS A 44 20.26 5.31 -12.23
C LYS A 44 19.74 6.48 -11.39
N ARG A 45 20.14 6.54 -10.12
CA ARG A 45 19.74 7.65 -9.27
C ARG A 45 20.65 8.03 -8.11
N VAL A 46 20.58 9.31 -7.74
CA VAL A 46 21.30 9.82 -6.60
C VAL A 46 20.34 10.57 -5.69
N LEU A 47 20.33 10.19 -4.42
CA LEU A 47 19.51 10.84 -3.43
C LEU A 47 20.41 11.45 -2.39
N ILE A 48 20.37 12.78 -2.33
CA ILE A 48 21.14 13.53 -1.34
C ILE A 48 20.13 14.02 -0.32
N VAL A 49 20.36 13.68 0.94
CA VAL A 49 19.45 14.05 1.99
C VAL A 49 20.17 14.88 3.05
N ASP A 50 19.42 15.83 3.59
CA ASP A 50 19.78 16.48 4.82
C ASP A 50 19.47 15.54 5.96
N VAL A 51 20.46 15.32 6.82
CA VAL A 51 20.21 14.57 8.05
C VAL A 51 20.43 15.42 9.32
N PRO A 52 19.34 15.96 9.86
CA PRO A 52 19.36 16.75 11.07
C PRO A 52 19.41 15.86 12.31
N VAL A 53 20.33 16.16 13.22
CA VAL A 53 20.50 15.40 14.47
C VAL A 53 20.42 16.32 15.70
N ARG A 54 19.53 16.01 16.64
CA ARG A 54 19.53 16.70 17.94
C ARG A 54 20.73 16.22 18.75
N LEU A 55 21.66 17.13 18.99
CA LEU A 55 22.87 16.84 19.73
C LEU A 55 22.61 16.77 21.27
N ASP A 56 23.49 16.10 22.00
CA ASP A 56 23.36 15.94 23.46
C ASP A 56 23.15 17.25 24.22
N ASP A 57 23.74 18.34 23.74
CA ASP A 57 23.51 19.67 24.32
C ASP A 57 22.22 20.35 23.90
N GLY A 58 21.45 19.74 23.00
CA GLY A 58 20.14 20.31 22.67
C GLY A 58 20.08 21.15 21.42
N SER A 59 21.24 21.48 20.86
CA SER A 59 21.30 22.11 19.55
C SER A 59 21.14 21.06 18.41
N VAL A 60 20.79 21.54 17.22
CA VAL A 60 20.56 20.69 16.05
C VAL A 60 21.76 20.84 15.11
N ALA A 61 22.37 19.73 14.72
CA ALA A 61 23.40 19.75 13.66
C ALA A 61 22.90 19.11 12.34
N TYR A 62 23.41 19.54 11.20
CA TYR A 62 22.90 19.08 9.92
C TYR A 62 23.99 18.40 9.13
N PHE A 63 23.74 17.19 8.64
CA PHE A 63 24.77 16.44 7.90
C PHE A 63 24.28 16.04 6.51
N GLU A 64 25.13 16.21 5.49
CA GLU A 64 24.79 15.71 4.16
C GLU A 64 24.89 14.17 4.14
N GLY A 65 23.84 13.52 3.68
CA GLY A 65 23.88 12.08 3.41
C GLY A 65 23.60 11.77 1.94
N TYR A 66 24.05 10.60 1.50
CA TYR A 66 23.96 10.21 0.12
C TYR A 66 23.53 8.76 0.02
N ARG A 67 22.66 8.46 -0.93
CA ARG A 67 22.48 7.07 -1.28
C ARG A 67 22.42 7.00 -2.78
N VAL A 68 23.28 6.18 -3.35
CA VAL A 68 23.41 6.16 -4.82
C VAL A 68 23.04 4.80 -5.33
N HIS A 69 22.10 4.77 -6.26
CA HIS A 69 21.85 3.54 -6.99
C HIS A 69 22.52 3.64 -8.33
N HIS A 70 23.67 3.00 -8.47
CA HIS A 70 24.40 3.13 -9.75
C HIS A 70 23.72 2.39 -10.90
N ASN A 71 23.37 1.13 -10.66
CA ASN A 71 22.77 0.27 -11.66
C ASN A 71 21.93 -0.78 -10.99
N THR A 72 20.87 -1.19 -11.70
CA THR A 72 19.80 -1.96 -11.13
C THR A 72 19.37 -3.11 -12.06
N ALA A 73 20.12 -3.33 -13.14
CA ALA A 73 19.76 -4.33 -14.14
C ALA A 73 19.67 -5.75 -13.59
N ARG A 74 20.52 -6.09 -12.63
CA ARG A 74 20.66 -7.49 -12.19
C ARG A 74 19.95 -7.79 -10.87
N GLY A 75 19.46 -6.73 -10.24
CA GLY A 75 18.73 -6.85 -9.01
C GLY A 75 18.79 -5.56 -8.23
N PRO A 76 18.30 -5.60 -6.98
CA PRO A 76 18.27 -4.47 -6.10
C PRO A 76 19.69 -3.99 -5.79
N ALA A 77 19.76 -2.74 -5.37
CA ALA A 77 21.03 -2.07 -5.12
C ALA A 77 21.54 -2.67 -3.85
N LYS A 78 22.85 -2.82 -3.76
CA LYS A 78 23.47 -3.43 -2.62
C LYS A 78 24.78 -2.73 -2.41
N GLY A 79 25.03 -2.25 -1.22
CA GLY A 79 26.34 -1.70 -0.93
C GLY A 79 26.31 -0.95 0.36
N GLY A 80 27.45 -0.90 1.03
CA GLY A 80 27.53 -0.27 2.34
C GLY A 80 27.38 1.24 2.43
N VAL A 81 27.37 1.70 3.68
CA VAL A 81 27.27 3.08 4.00
C VAL A 81 28.49 3.47 4.83
N ARG A 82 29.12 4.55 4.40
CA ARG A 82 30.37 5.07 4.94
C ARG A 82 30.12 6.37 5.73
N TYR A 83 30.72 6.48 6.91
CA TYR A 83 30.69 7.73 7.67
C TYR A 83 32.11 8.31 7.66
N HIS A 84 32.32 9.34 6.86
CA HIS A 84 33.64 9.94 6.75
C HIS A 84 33.51 11.44 6.51
N PRO A 85 34.34 12.26 7.19
CA PRO A 85 34.27 13.72 6.97
C PRO A 85 34.65 14.16 5.53
N GLU A 86 35.32 13.29 4.77
CA GLU A 86 35.69 13.57 3.37
C GLU A 86 34.77 12.90 2.33
N VAL A 87 33.65 12.34 2.78
CA VAL A 87 32.62 11.79 1.89
C VAL A 87 32.08 12.88 0.96
N THR A 88 32.25 12.65 -0.35
CA THR A 88 31.71 13.54 -1.40
C THR A 88 30.73 12.79 -2.29
N LEU A 89 29.88 13.52 -3.01
CA LEU A 89 28.96 12.92 -3.98
C LEU A 89 29.68 12.06 -5.05
N SER A 90 30.73 12.63 -5.63
CA SER A 90 31.56 11.94 -6.58
C SER A 90 32.07 10.60 -6.05
N GLU A 91 32.43 10.59 -4.77
CA GLU A 91 33.02 9.43 -4.16
C GLU A 91 32.00 8.29 -4.05
N VAL A 92 30.85 8.60 -3.48
CA VAL A 92 29.80 7.61 -3.29
C VAL A 92 29.40 6.98 -4.63
N MET A 93 29.30 7.83 -5.65
CA MET A 93 28.94 7.42 -6.99
C MET A 93 29.93 6.43 -7.57
N ALA A 94 31.22 6.77 -7.49
CA ALA A 94 32.30 5.90 -7.95
C ALA A 94 32.20 4.57 -7.23
N LEU A 95 31.91 4.61 -5.93
CA LEU A 95 31.84 3.41 -5.13
C LEU A 95 30.60 2.57 -5.45
N ALA A 96 29.48 3.22 -5.76
CA ALA A 96 28.29 2.49 -6.22
C ALA A 96 28.58 1.77 -7.54
N GLY A 97 29.27 2.46 -8.44
CA GLY A 97 29.78 1.86 -9.68
C GLY A 97 30.59 0.59 -9.44
N TRP A 98 31.57 0.67 -8.55
CA TRP A 98 32.39 -0.50 -8.22
C TRP A 98 31.59 -1.68 -7.61
N MET A 99 30.50 -1.38 -6.92
CA MET A 99 29.60 -2.44 -6.44
C MET A 99 28.83 -3.14 -7.57
N THR A 100 28.40 -2.40 -8.58
CA THR A 100 27.78 -3.02 -9.75
C THR A 100 28.75 -4.03 -10.36
N ILE A 101 29.97 -3.57 -10.66
CA ILE A 101 31.02 -4.44 -11.20
C ILE A 101 31.26 -5.65 -10.28
N LYS A 102 31.56 -5.41 -9.01
CA LYS A 102 31.90 -6.52 -8.13
C LYS A 102 30.72 -7.46 -8.01
N ASN A 103 29.52 -6.92 -7.76
CA ASN A 103 28.34 -7.78 -7.68
C ASN A 103 28.10 -8.68 -8.91
N ALA A 104 28.37 -8.17 -10.09
CA ALA A 104 28.25 -8.96 -11.30
C ALA A 104 29.41 -9.95 -11.50
N ALA A 105 30.64 -9.53 -11.25
CA ALA A 105 31.77 -10.43 -11.45
C ALA A 105 31.61 -11.71 -10.64
N VAL A 106 31.12 -11.57 -9.41
CA VAL A 106 30.99 -12.74 -8.55
C VAL A 106 29.69 -13.49 -8.77
N GLY A 107 28.76 -12.85 -9.47
CA GLY A 107 27.52 -13.49 -9.87
C GLY A 107 26.38 -13.35 -8.87
N LEU A 108 26.35 -12.26 -8.10
CA LEU A 108 25.25 -12.03 -7.15
C LEU A 108 24.02 -11.34 -7.81
N PRO A 109 22.79 -11.68 -7.41
CA PRO A 109 21.62 -11.06 -8.06
C PRO A 109 21.34 -9.64 -7.53
N TYR A 110 22.37 -8.80 -7.62
CA TYR A 110 22.34 -7.47 -7.09
C TYR A 110 22.85 -6.49 -8.11
N GLY A 111 22.29 -5.30 -8.15
CA GLY A 111 22.92 -4.19 -8.84
C GLY A 111 23.93 -3.58 -7.92
N GLY A 112 24.30 -2.32 -8.13
CA GLY A 112 25.28 -1.70 -7.26
C GLY A 112 24.75 -0.47 -6.57
N GLY A 113 25.08 -0.34 -5.27
CA GLY A 113 24.71 0.81 -4.45
C GLY A 113 25.82 1.25 -3.47
N LYS A 114 25.68 2.46 -2.92
CA LYS A 114 26.51 2.94 -1.78
C LYS A 114 25.92 4.17 -1.15
N GLY A 115 26.19 4.30 0.15
CA GLY A 115 25.83 5.47 0.87
C GLY A 115 26.99 6.06 1.65
N GLY A 116 26.79 7.30 2.08
CA GLY A 116 27.75 7.97 2.91
C GLY A 116 27.07 9.08 3.63
N ILE A 117 27.49 9.32 4.88
CA ILE A 117 27.18 10.56 5.57
C ILE A 117 28.50 11.30 5.72
N ARG A 118 28.48 12.60 5.47
CA ARG A 118 29.69 13.39 5.63
C ARG A 118 29.81 13.86 7.10
N VAL A 119 30.45 13.04 7.92
CA VAL A 119 30.55 13.27 9.35
C VAL A 119 31.85 12.65 9.85
N ASP A 120 32.39 13.18 10.94
CA ASP A 120 33.50 12.52 11.62
C ASP A 120 32.93 11.87 12.84
N PRO A 121 32.63 10.56 12.76
CA PRO A 121 31.92 9.89 13.85
C PRO A 121 32.59 10.07 15.23
N ARG A 122 33.91 10.27 15.24
CA ARG A 122 34.66 10.51 16.49
C ARG A 122 34.21 11.76 17.28
N LYS A 123 33.71 12.76 16.56
CA LYS A 123 33.16 13.98 17.15
C LYS A 123 31.78 13.80 17.80
N LEU A 124 31.20 12.62 17.67
CA LEU A 124 29.83 12.39 18.12
C LEU A 124 29.77 11.34 19.22
N SER A 125 28.89 11.53 20.19
CA SER A 125 28.68 10.50 21.21
C SER A 125 27.90 9.28 20.66
N PRO A 126 27.98 8.12 21.35
CA PRO A 126 27.20 6.94 20.92
C PRO A 126 25.71 7.23 20.67
N GLY A 127 25.10 8.07 21.50
CA GLY A 127 23.73 8.54 21.33
C GLY A 127 23.53 9.38 20.06
N GLU A 128 24.50 10.22 19.74
CA GLU A 128 24.38 11.09 18.58
C GLU A 128 24.53 10.27 17.28
N LEU A 129 25.48 9.33 17.29
CA LEU A 129 25.71 8.42 16.18
C LEU A 129 24.47 7.57 15.90
N GLU A 130 23.79 7.17 16.97
CA GLU A 130 22.53 6.46 16.87
C GLU A 130 21.44 7.32 16.18
N ARG A 131 21.24 8.54 16.69
CA ARG A 131 20.24 9.43 16.11
C ARG A 131 20.61 9.82 14.69
N LEU A 132 21.90 9.91 14.41
CA LEU A 132 22.36 10.12 13.06
C LEU A 132 21.92 8.95 12.21
N THR A 133 22.27 7.74 12.67
CA THR A 133 22.00 6.53 11.91
C THR A 133 20.50 6.40 11.60
N ARG A 134 19.66 6.50 12.63
CA ARG A 134 18.19 6.36 12.50
C ARG A 134 17.57 7.40 11.57
N ARG A 135 18.05 8.65 11.65
CA ARG A 135 17.51 9.67 10.78
C ARG A 135 17.94 9.43 9.31
N TYR A 136 19.17 8.99 9.10
CA TYR A 136 19.61 8.70 7.73
C TYR A 136 18.73 7.60 7.16
N THR A 137 18.50 6.58 7.98
CA THR A 137 17.72 5.47 7.47
C THR A 137 16.24 5.78 7.28
N SER A 138 15.68 6.71 8.05
CA SER A 138 14.33 7.25 7.72
C SER A 138 14.35 8.03 6.42
N GLU A 139 15.38 8.87 6.25
CA GLU A 139 15.46 9.71 5.05
C GLU A 139 15.57 8.92 3.74
N ILE A 140 16.32 7.82 3.75
CA ILE A 140 16.48 7.03 2.55
C ILE A 140 15.43 5.91 2.48
N GLY A 141 14.52 5.92 3.46
CA GLY A 141 13.39 4.99 3.53
C GLY A 141 12.61 4.77 2.24
N ILE A 142 12.50 5.77 1.38
CA ILE A 142 11.83 5.58 0.08
C ILE A 142 12.64 4.75 -0.92
N LEU A 143 13.89 4.45 -0.58
CA LEU A 143 14.74 3.65 -1.42
C LEU A 143 14.88 2.23 -0.88
N LEU A 144 14.82 2.09 0.44
CA LEU A 144 15.12 0.81 1.11
C LEU A 144 14.12 -0.32 0.89
N GLY A 145 14.63 -1.54 0.89
CA GLY A 145 13.78 -2.68 1.05
C GLY A 145 14.57 -3.88 0.65
N PRO A 146 14.18 -5.05 1.14
CA PRO A 146 14.90 -6.29 0.83
C PRO A 146 14.95 -6.60 -0.66
N ASP A 147 13.98 -6.05 -1.40
CA ASP A 147 13.90 -6.19 -2.89
C ASP A 147 14.15 -4.86 -3.63
N ARG A 148 14.74 -3.87 -2.95
CA ARG A 148 14.92 -2.53 -3.54
C ARG A 148 16.36 -2.04 -3.35
N ASP A 149 16.79 -1.98 -2.10
CA ASP A 149 18.11 -1.54 -1.73
C ASP A 149 18.46 -2.16 -0.39
N ILE A 150 19.66 -2.74 -0.30
CA ILE A 150 20.12 -3.35 0.94
C ILE A 150 21.53 -2.80 1.30
N PRO A 151 21.60 -1.88 2.26
CA PRO A 151 22.86 -1.33 2.75
C PRO A 151 23.70 -2.35 3.50
N ALA A 152 24.84 -1.91 4.03
CA ALA A 152 25.83 -2.79 4.64
C ALA A 152 26.85 -1.97 5.41
N PRO A 153 27.79 -2.64 6.11
CA PRO A 153 28.88 -1.82 6.69
C PRO A 153 29.85 -1.32 5.63
N ASP A 154 30.61 -0.28 5.98
CA ASP A 154 31.73 0.24 5.17
C ASP A 154 32.62 1.04 6.15
N VAL A 155 33.33 2.07 5.67
CA VAL A 155 34.26 2.81 6.52
C VAL A 155 33.55 3.48 7.72
N ASN A 156 33.97 3.08 8.94
CA ASN A 156 33.45 3.59 10.24
C ASN A 156 32.02 3.16 10.61
N THR A 157 31.52 2.10 9.98
CA THR A 157 30.20 1.52 10.33
C THR A 157 30.34 0.01 10.52
N GLY A 158 29.45 -0.59 11.30
CA GLY A 158 29.54 -2.01 11.53
C GLY A 158 28.27 -2.60 12.08
N GLU A 159 28.40 -3.76 12.70
CA GLU A 159 27.29 -4.41 13.33
C GLU A 159 26.37 -3.45 14.11
N ARG A 160 26.94 -2.50 14.82
CA ARG A 160 26.15 -1.59 15.68
C ARG A 160 25.17 -0.70 14.87
N GLU A 161 25.68 -0.10 13.81
CA GLU A 161 24.88 0.76 12.92
C GLU A 161 23.83 -0.02 12.11
N MET A 162 24.22 -1.16 11.55
CA MET A 162 23.30 -2.07 10.86
C MET A 162 22.12 -2.51 11.74
N ALA A 163 22.39 -2.79 13.02
CA ALA A 163 21.33 -3.12 13.94
C ALA A 163 20.32 -1.97 13.98
N TRP A 164 20.85 -0.76 14.09
CA TRP A 164 20.04 0.44 14.16
C TRP A 164 19.25 0.66 12.88
N MET A 165 19.84 0.39 11.73
CA MET A 165 19.15 0.56 10.46
C MET A 165 17.98 -0.42 10.32
N MET A 166 18.20 -1.66 10.73
CA MET A 166 17.20 -2.69 10.65
C MET A 166 16.04 -2.40 11.60
N ASP A 167 16.36 -1.88 12.78
CA ASP A 167 15.32 -1.60 13.75
C ASP A 167 14.44 -0.45 13.30
N THR A 168 15.09 0.58 12.80
CA THR A 168 14.42 1.78 12.34
C THR A 168 13.51 1.43 11.17
N TYR A 169 14.07 0.76 10.16
CA TYR A 169 13.30 0.36 9.01
C TYR A 169 12.10 -0.49 9.44
N SER A 170 12.37 -1.48 10.29
CA SER A 170 11.32 -2.38 10.82
C SER A 170 10.21 -1.68 11.62
N MET A 171 10.57 -0.71 12.47
CA MET A 171 9.57 0.05 13.21
C MET A 171 8.83 1.03 12.30
N ASN A 172 9.56 1.73 11.45
CA ASN A 172 8.99 2.63 10.44
C ASN A 172 7.91 1.97 9.58
N VAL A 173 8.15 0.70 9.23
CA VAL A 173 7.31 -0.04 8.30
C VAL A 173 6.33 -1.01 8.98
N GLY A 174 6.48 -1.19 10.28
CA GLY A 174 5.57 -2.02 11.08
C GLY A 174 5.71 -3.52 10.89
N ARG A 175 6.85 -3.95 10.37
CA ARG A 175 7.09 -5.35 10.06
C ARG A 175 8.56 -5.63 10.42
N THR A 176 8.89 -6.84 10.87
CA THR A 176 10.30 -7.12 11.09
C THR A 176 10.95 -7.66 9.82
N VAL A 177 11.97 -6.92 9.36
CA VAL A 177 12.52 -7.15 8.03
C VAL A 177 14.03 -7.20 8.12
N PRO A 178 14.57 -8.31 8.66
CA PRO A 178 16.01 -8.45 8.87
C PRO A 178 16.84 -8.22 7.61
N GLY A 179 16.27 -8.54 6.44
CA GLY A 179 17.03 -8.50 5.20
C GLY A 179 17.07 -7.17 4.47
N VAL A 180 16.69 -6.08 5.14
CA VAL A 180 16.83 -4.74 4.56
C VAL A 180 18.31 -4.28 4.60
N VAL A 181 19.11 -4.87 5.49
CA VAL A 181 20.57 -4.62 5.52
C VAL A 181 21.34 -5.91 5.82
N THR A 182 22.64 -5.91 5.52
CA THR A 182 23.52 -7.01 5.91
C THR A 182 24.68 -6.54 6.81
N GLY A 183 25.46 -7.49 7.34
CA GLY A 183 26.45 -7.15 8.37
C GLY A 183 25.84 -6.95 9.75
N LYS A 184 24.67 -7.54 9.97
CA LYS A 184 23.97 -7.40 11.22
C LYS A 184 24.63 -8.34 12.20
N PRO A 185 24.33 -8.18 13.50
CA PRO A 185 24.76 -9.23 14.41
C PRO A 185 23.87 -10.46 14.24
N ILE A 186 24.41 -11.61 14.65
CA ILE A 186 23.71 -12.90 14.59
C ILE A 186 22.35 -12.85 15.30
N ALA A 187 22.31 -12.21 16.46
CA ALA A 187 21.10 -12.06 17.27
C ALA A 187 19.91 -11.47 16.52
N LEU A 188 20.20 -10.65 15.51
CA LEU A 188 19.21 -9.91 14.73
C LEU A 188 19.11 -10.44 13.30
N GLY A 189 19.72 -11.60 13.06
CA GLY A 189 19.61 -12.25 11.76
C GLY A 189 20.80 -12.10 10.85
N GLY A 190 22.00 -12.00 11.43
CA GLY A 190 23.23 -12.03 10.66
C GLY A 190 23.62 -13.44 10.29
N SER A 191 24.72 -13.56 9.55
CA SER A 191 25.19 -14.83 9.11
C SER A 191 26.40 -15.22 9.90
N LEU A 192 26.52 -16.52 10.16
CA LEU A 192 27.78 -17.15 10.54
C LEU A 192 28.80 -17.00 9.38
N GLY A 193 30.09 -17.10 9.71
CA GLY A 193 31.14 -17.20 8.70
C GLY A 193 31.67 -15.90 8.12
N ARG A 194 31.37 -14.78 8.77
CA ARG A 194 31.70 -13.46 8.24
C ARG A 194 33.14 -13.03 8.53
N ARG A 195 33.64 -13.37 9.72
CA ARG A 195 34.97 -12.89 10.09
C ARG A 195 36.07 -13.39 9.13
N ASP A 196 35.93 -14.58 8.59
CA ASP A 196 37.02 -15.13 7.80
C ASP A 196 36.74 -15.19 6.30
N ALA A 197 35.54 -14.75 5.89
CA ALA A 197 35.07 -14.97 4.52
C ALA A 197 36.06 -14.46 3.48
N THR A 198 36.49 -13.22 3.65
CA THR A 198 37.42 -12.62 2.70
C THR A 198 38.78 -13.32 2.59
N GLY A 199 39.37 -13.67 3.73
CA GLY A 199 40.67 -14.37 3.74
C GLY A 199 40.53 -15.74 3.10
N ARG A 200 39.61 -16.52 3.65
CA ARG A 200 39.19 -17.79 3.09
C ARG A 200 39.03 -17.75 1.57
N GLY A 201 38.40 -16.68 1.06
CA GLY A 201 38.10 -16.51 -0.37
C GLY A 201 39.35 -16.23 -1.18
N VAL A 202 40.27 -15.49 -0.60
CA VAL A 202 41.57 -15.31 -1.24
C VAL A 202 42.18 -16.70 -1.49
N PHE A 203 42.14 -17.55 -0.46
CA PHE A 203 42.66 -18.89 -0.63
C PHE A 203 41.90 -19.63 -1.71
N ILE A 204 40.56 -19.59 -1.62
CA ILE A 204 39.73 -20.34 -2.56
C ILE A 204 40.08 -19.91 -3.98
N THR A 205 40.22 -18.61 -4.21
CA THR A 205 40.57 -18.13 -5.54
C THR A 205 42.02 -18.46 -5.97
N ALA A 206 42.97 -18.36 -5.05
CA ALA A 206 44.36 -18.71 -5.37
C ALA A 206 44.48 -20.18 -5.70
N ALA A 207 43.73 -21.02 -4.97
CA ALA A 207 43.78 -22.47 -5.14
C ALA A 207 43.18 -22.86 -6.50
N ALA A 208 42.12 -22.16 -6.90
CA ALA A 208 41.52 -22.40 -8.21
C ALA A 208 42.50 -21.99 -9.28
N ALA A 209 43.19 -20.88 -9.08
CA ALA A 209 44.21 -20.45 -10.03
C ALA A 209 45.33 -21.48 -10.11
N ALA A 210 45.76 -21.95 -8.93
CA ALA A 210 46.83 -22.94 -8.82
C ALA A 210 46.62 -24.19 -9.70
N GLU A 211 45.37 -24.65 -9.76
CA GLU A 211 45.03 -25.85 -10.50
C GLU A 211 45.18 -25.68 -11.98
N LYS A 212 44.79 -24.51 -12.48
CA LYS A 212 44.91 -24.17 -13.90
C LYS A 212 46.35 -24.25 -14.39
N ILE A 213 47.31 -24.20 -13.46
CA ILE A 213 48.73 -24.19 -13.85
C ILE A 213 49.59 -25.36 -13.30
N GLY A 214 48.93 -26.32 -12.64
CA GLY A 214 49.58 -27.54 -12.15
C GLY A 214 50.39 -27.34 -10.88
N LEU A 215 50.06 -26.29 -10.14
CA LEU A 215 50.78 -25.92 -8.92
C LEU A 215 50.18 -26.67 -7.74
N GLN A 216 51.01 -27.44 -7.05
CA GLN A 216 50.62 -28.07 -5.81
C GLN A 216 50.51 -27.02 -4.70
N VAL A 217 49.40 -27.05 -4.00
CA VAL A 217 49.26 -26.22 -2.81
C VAL A 217 50.10 -26.80 -1.66
N GLU A 218 49.90 -28.08 -1.33
CA GLU A 218 50.70 -28.76 -0.31
C GLU A 218 52.20 -28.52 -0.54
N GLY A 219 52.87 -27.99 0.49
CA GLY A 219 54.29 -27.72 0.43
C GLY A 219 54.65 -26.45 -0.30
N ALA A 220 53.64 -25.69 -0.71
CA ALA A 220 53.90 -24.42 -1.36
C ALA A 220 54.22 -23.32 -0.35
N ARG A 221 55.11 -22.42 -0.76
CA ARG A 221 55.58 -21.34 0.08
C ARG A 221 54.75 -20.11 -0.20
N VAL A 222 54.34 -19.43 0.87
CA VAL A 222 53.43 -18.29 0.78
C VAL A 222 53.99 -17.04 1.43
N ALA A 223 53.92 -15.92 0.71
CA ALA A 223 54.21 -14.61 1.30
C ALA A 223 52.95 -13.74 1.40
N ILE A 224 52.72 -13.16 2.57
CA ILE A 224 51.54 -12.36 2.87
C ILE A 224 51.91 -10.99 3.42
N GLN A 225 51.36 -9.95 2.82
CA GLN A 225 51.48 -8.60 3.33
C GLN A 225 50.19 -8.18 4.03
N GLY A 226 50.29 -7.75 5.28
CA GLY A 226 49.12 -7.43 6.09
C GLY A 226 48.78 -8.64 6.93
N PHE A 227 48.55 -8.43 8.22
CA PHE A 227 48.12 -9.54 9.06
C PHE A 227 46.87 -9.17 9.88
N GLY A 228 45.97 -8.42 9.25
CA GLY A 228 44.65 -8.13 9.81
C GLY A 228 43.68 -9.29 9.55
N ASN A 229 42.39 -8.98 9.60
CA ASN A 229 41.37 -9.97 9.30
C ASN A 229 41.57 -10.77 8.00
N VAL A 230 41.87 -10.10 6.90
CA VAL A 230 42.07 -10.80 5.63
C VAL A 230 43.37 -11.63 5.65
N GLY A 231 44.49 -10.93 5.83
CA GLY A 231 45.81 -11.55 5.91
C GLY A 231 45.90 -12.80 6.76
N ASN A 232 45.38 -12.74 7.97
CA ASN A 232 45.57 -13.89 8.83
C ASN A 232 44.55 -14.98 8.54
N ALA A 233 43.38 -14.59 8.05
CA ALA A 233 42.46 -15.57 7.53
C ALA A 233 43.03 -16.27 6.30
N ALA A 234 43.71 -15.55 5.41
CA ALA A 234 44.32 -16.19 4.26
C ALA A 234 45.41 -17.16 4.73
N ALA A 235 46.32 -16.64 5.56
CA ALA A 235 47.33 -17.46 6.24
C ALA A 235 46.83 -18.82 6.76
N ARG A 236 45.83 -18.82 7.65
CA ARG A 236 45.29 -20.06 8.22
C ARG A 236 44.70 -20.99 7.17
N ALA A 237 43.97 -20.40 6.22
CA ALA A 237 43.42 -21.15 5.11
C ALA A 237 44.54 -21.76 4.29
N PHE A 238 45.63 -21.03 4.05
CA PHE A 238 46.75 -21.65 3.35
C PHE A 238 47.40 -22.78 4.18
N HIS A 239 47.54 -22.52 5.48
CA HIS A 239 48.24 -23.45 6.35
C HIS A 239 47.52 -24.77 6.48
N ASP A 240 46.20 -24.68 6.63
CA ASP A 240 45.35 -25.84 6.83
C ASP A 240 45.09 -26.64 5.54
N HIS A 241 45.78 -26.26 4.47
CA HIS A 241 45.76 -27.01 3.22
C HIS A 241 47.18 -27.43 2.86
N GLY A 242 48.11 -27.26 3.79
CA GLY A 242 49.46 -27.80 3.65
C GLY A 242 50.53 -26.91 3.07
N ALA A 243 50.16 -25.68 2.71
CA ALA A 243 51.13 -24.68 2.28
C ALA A 243 51.86 -24.05 3.48
N ARG A 244 53.06 -23.54 3.22
CA ARG A 244 53.87 -22.94 4.28
C ARG A 244 53.84 -21.45 4.15
N VAL A 245 53.56 -20.75 5.25
CA VAL A 245 53.78 -19.32 5.28
C VAL A 245 55.23 -19.04 5.68
N VAL A 246 55.98 -18.36 4.81
CA VAL A 246 57.40 -18.12 5.08
C VAL A 246 57.70 -16.67 5.42
N ALA A 247 56.82 -15.76 5.01
CA ALA A 247 57.00 -14.34 5.23
C ALA A 247 55.69 -13.59 5.38
N VAL A 248 55.62 -12.80 6.44
CA VAL A 248 54.58 -11.81 6.60
C VAL A 248 55.21 -10.40 6.68
N GLN A 249 54.62 -9.44 5.98
CA GLN A 249 55.03 -8.05 6.13
C GLN A 249 53.91 -7.20 6.71
N ASP A 250 54.30 -6.35 7.65
CA ASP A 250 53.43 -5.41 8.37
C ASP A 250 53.91 -4.02 8.14
N HIS A 251 53.11 -3.07 8.62
CA HIS A 251 53.54 -1.70 8.79
C HIS A 251 54.56 -1.60 9.92
N THR A 252 54.75 -2.69 10.69
CA THR A 252 55.77 -2.73 11.76
C THR A 252 57.09 -3.39 11.36
N GLY A 253 57.08 -4.15 10.28
CA GLY A 253 58.28 -4.86 9.79
C GLY A 253 57.98 -6.12 9.01
N THR A 254 59.02 -6.89 8.72
CA THR A 254 58.89 -8.12 7.97
C THR A 254 59.63 -9.23 8.71
N VAL A 255 58.91 -10.32 8.94
CA VAL A 255 59.49 -11.56 9.47
C VAL A 255 59.60 -12.63 8.37
N TYR A 256 60.63 -13.47 8.47
CA TYR A 256 60.90 -14.51 7.47
C TYR A 256 61.44 -15.80 8.10
N ASN A 257 60.86 -16.92 7.71
CA ASN A 257 61.31 -18.24 8.17
C ASN A 257 61.01 -19.36 7.17
N GLU A 258 62.02 -19.77 6.44
CA GLU A 258 61.88 -20.78 5.37
C GLU A 258 61.25 -22.11 5.84
N ALA A 259 61.43 -22.45 7.12
CA ALA A 259 60.84 -23.66 7.66
C ALA A 259 59.33 -23.53 7.92
N GLY A 260 58.79 -22.33 7.73
CA GLY A 260 57.36 -22.07 7.97
C GLY A 260 57.12 -21.27 9.24
N ILE A 261 56.08 -20.43 9.21
CA ILE A 261 55.61 -19.70 10.38
C ILE A 261 54.18 -20.17 10.60
N ASP A 262 53.87 -20.55 11.85
CA ASP A 262 52.54 -21.02 12.20
C ASP A 262 51.68 -19.79 12.45
N PRO A 263 50.63 -19.62 11.62
CA PRO A 263 49.78 -18.44 11.60
C PRO A 263 49.09 -18.22 12.92
N TYR A 264 48.72 -19.30 13.60
CA TYR A 264 48.00 -19.16 14.86
C TYR A 264 48.94 -18.64 15.94
N ASP A 265 50.22 -18.93 15.79
CA ASP A 265 51.22 -18.48 16.72
C ASP A 265 51.65 -17.05 16.41
N LEU A 266 51.84 -16.74 15.13
CA LEU A 266 52.07 -15.37 14.71
C LEU A 266 50.93 -14.48 15.23
N LEU A 267 49.68 -14.93 15.05
CA LEU A 267 48.51 -14.19 15.52
C LEU A 267 48.55 -13.82 17.00
N ARG A 268 48.95 -14.74 17.89
CA ARG A 268 49.07 -14.40 19.31
C ARG A 268 50.07 -13.26 19.53
N HIS A 269 51.16 -13.31 18.77
CA HIS A 269 52.17 -12.27 18.83
C HIS A 269 51.63 -10.92 18.30
N VAL A 270 50.97 -10.95 17.15
CA VAL A 270 50.36 -9.74 16.60
C VAL A 270 49.26 -9.18 17.52
N GLN A 271 48.47 -10.03 18.17
CA GLN A 271 47.44 -9.54 19.09
C GLN A 271 48.11 -8.88 20.31
N GLU A 272 49.15 -9.53 20.81
CA GLU A 272 49.88 -9.05 21.97
C GLU A 272 50.60 -7.72 21.68
N PHE A 273 51.40 -7.68 20.60
CA PHE A 273 52.36 -6.60 20.37
C PHE A 273 51.96 -5.60 19.26
N GLY A 274 50.78 -5.79 18.68
CA GLY A 274 50.30 -4.87 17.63
C GLY A 274 50.81 -5.11 16.21
N GLY A 275 51.76 -6.02 16.07
CA GLY A 275 52.40 -6.29 14.80
C GLY A 275 53.36 -7.46 14.82
N VAL A 276 54.09 -7.59 13.73
CA VAL A 276 54.88 -8.75 13.43
C VAL A 276 56.34 -8.62 13.94
N ARG A 277 56.79 -7.35 14.06
CA ARG A 277 58.13 -7.02 14.53
C ARG A 277 58.46 -7.78 15.80
N GLY A 278 59.64 -8.38 15.83
CA GLY A 278 60.12 -9.11 16.97
C GLY A 278 59.44 -10.44 17.19
N TYR A 279 58.74 -10.95 16.20
CA TYR A 279 58.19 -12.28 16.36
C TYR A 279 59.38 -13.23 16.59
N PRO A 280 59.38 -13.96 17.72
CA PRO A 280 60.50 -14.78 18.20
C PRO A 280 60.92 -15.96 17.33
N LYS A 281 59.99 -16.47 16.52
CA LYS A 281 60.20 -17.70 15.74
C LYS A 281 60.40 -17.44 14.25
N ALA A 282 61.05 -16.31 13.95
CA ALA A 282 61.39 -15.93 12.58
C ALA A 282 62.54 -14.94 12.65
N GLU A 283 63.17 -14.66 11.52
CA GLU A 283 64.20 -13.63 11.48
C GLU A 283 63.65 -12.36 10.84
N PRO A 284 64.06 -11.19 11.36
CA PRO A 284 63.75 -9.91 10.75
C PRO A 284 64.19 -9.90 9.28
N LEU A 285 63.45 -9.24 8.41
CA LEU A 285 63.80 -9.15 6.99
C LEU A 285 63.64 -7.70 6.50
N PRO A 286 64.63 -7.19 5.73
CA PRO A 286 64.49 -5.83 5.17
C PRO A 286 63.21 -5.73 4.32
N ALA A 287 62.48 -4.63 4.49
CA ALA A 287 61.22 -4.39 3.80
C ALA A 287 61.22 -4.61 2.26
N ALA A 288 62.32 -4.30 1.60
CA ALA A 288 62.37 -4.42 0.14
C ALA A 288 62.51 -5.88 -0.29
N ASP A 289 63.24 -6.66 0.49
CA ASP A 289 63.50 -8.06 0.12
C ASP A 289 62.25 -8.96 0.19
N PHE A 290 61.21 -8.49 0.88
CA PHE A 290 59.94 -9.20 0.96
C PHE A 290 59.42 -9.56 -0.45
N TRP A 291 59.42 -8.57 -1.33
CA TRP A 291 58.87 -8.71 -2.68
C TRP A 291 59.58 -9.75 -3.53
N GLY A 292 60.90 -9.85 -3.36
CA GLY A 292 61.72 -10.74 -4.15
C GLY A 292 61.89 -12.14 -3.63
N LEU A 293 61.18 -12.48 -2.55
CA LEU A 293 61.26 -13.82 -1.96
C LEU A 293 60.86 -14.93 -2.95
N PRO A 294 61.54 -16.08 -2.85
CA PRO A 294 61.14 -17.19 -3.70
C PRO A 294 59.99 -17.91 -3.03
N VAL A 295 58.79 -17.73 -3.58
CA VAL A 295 57.58 -18.31 -3.02
C VAL A 295 56.70 -18.72 -4.20
N GLU A 296 55.68 -19.52 -3.93
CA GLU A 296 54.72 -19.85 -4.97
C GLU A 296 53.56 -18.82 -4.98
N PHE A 297 53.09 -18.46 -3.78
CA PHE A 297 51.92 -17.56 -3.59
C PHE A 297 52.30 -16.24 -2.88
N LEU A 298 51.86 -15.13 -3.43
CA LEU A 298 51.99 -13.81 -2.79
C LEU A 298 50.63 -13.17 -2.56
N VAL A 299 50.33 -12.83 -1.30
CA VAL A 299 49.06 -12.24 -0.95
C VAL A 299 49.25 -10.84 -0.37
N PRO A 300 49.14 -9.83 -1.24
CA PRO A 300 49.10 -8.44 -0.77
C PRO A 300 47.75 -8.20 -0.12
N ALA A 301 47.72 -8.00 1.19
CA ALA A 301 46.46 -7.84 1.93
C ALA A 301 46.48 -6.63 2.88
N ALA A 302 46.99 -5.50 2.39
CA ALA A 302 47.13 -4.34 3.25
C ALA A 302 46.66 -3.05 2.55
N LEU A 303 47.58 -2.11 2.41
CA LEU A 303 47.35 -0.86 1.72
C LEU A 303 47.24 -1.11 0.21
N GLU A 304 46.83 -0.09 -0.53
CA GLU A 304 46.87 -0.11 -2.00
C GLU A 304 48.25 0.28 -2.55
N LYS A 305 48.48 -0.03 -3.81
CA LYS A 305 49.75 0.30 -4.48
C LYS A 305 50.99 -0.11 -3.67
N GLN A 306 51.12 -1.41 -3.42
CA GLN A 306 52.26 -1.94 -2.70
C GLN A 306 53.14 -2.62 -3.69
N ILE A 307 52.52 -3.04 -4.79
CA ILE A 307 53.24 -3.58 -5.91
C ILE A 307 53.26 -2.51 -7.01
N THR A 308 54.47 -2.04 -7.33
CA THR A 308 54.69 -0.85 -8.19
C THR A 308 55.79 -1.11 -9.22
N GLU A 309 55.97 -0.16 -10.16
CA GLU A 309 57.14 -0.13 -11.05
C GLU A 309 58.40 -0.49 -10.29
N GLN A 310 58.58 0.21 -9.17
CA GLN A 310 59.77 0.15 -8.34
C GLN A 310 60.08 -1.19 -7.67
N ASN A 311 59.08 -2.07 -7.56
CA ASN A 311 59.31 -3.42 -6.98
C ASN A 311 58.91 -4.64 -7.82
N ALA A 312 58.00 -4.45 -8.78
CA ALA A 312 57.43 -5.56 -9.59
C ALA A 312 58.44 -6.56 -10.15
N TRP A 313 59.52 -6.05 -10.76
CA TRP A 313 60.55 -6.86 -11.43
C TRP A 313 61.20 -7.96 -10.57
N ARG A 314 61.13 -7.83 -9.26
CA ARG A 314 61.79 -8.79 -8.35
C ARG A 314 60.90 -9.96 -7.90
N ILE A 315 59.60 -9.88 -8.19
CA ILE A 315 58.63 -10.85 -7.70
C ILE A 315 58.83 -12.24 -8.35
N ARG A 316 59.12 -13.25 -7.53
CA ARG A 316 59.36 -14.63 -8.02
C ARG A 316 58.12 -15.53 -7.93
N ALA A 317 57.06 -15.03 -7.27
CA ALA A 317 55.84 -15.83 -7.06
C ALA A 317 55.18 -16.23 -8.38
N ARG A 318 54.54 -17.40 -8.38
CA ARG A 318 53.84 -17.90 -9.56
C ARG A 318 52.44 -17.27 -9.65
N ILE A 319 51.92 -16.83 -8.50
CA ILE A 319 50.54 -16.42 -8.35
C ILE A 319 50.47 -15.32 -7.30
N VAL A 320 49.80 -14.23 -7.65
CA VAL A 320 49.51 -13.18 -6.74
C VAL A 320 47.98 -13.15 -6.58
N ALA A 321 47.50 -13.27 -5.34
CA ALA A 321 46.08 -13.21 -5.05
C ALA A 321 45.80 -11.98 -4.20
N GLU A 322 45.12 -11.01 -4.78
CA GLU A 322 44.86 -9.75 -4.12
C GLU A 322 43.84 -9.80 -2.99
N GLY A 323 44.33 -9.60 -1.78
CA GLY A 323 43.45 -9.54 -0.63
C GLY A 323 42.89 -8.15 -0.40
N ALA A 324 43.68 -7.13 -0.70
CA ALA A 324 43.29 -5.74 -0.48
C ALA A 324 42.74 -5.17 -1.77
N ASN A 325 42.05 -4.03 -1.68
CA ASN A 325 41.62 -3.35 -2.88
C ASN A 325 42.77 -2.58 -3.53
N GLY A 326 42.93 -2.78 -4.84
CA GLY A 326 43.99 -2.11 -5.59
C GLY A 326 45.40 -2.12 -5.01
N PRO A 327 45.92 -3.29 -4.60
CA PRO A 327 47.30 -3.35 -4.12
C PRO A 327 48.36 -3.21 -5.22
N THR A 328 47.97 -3.41 -6.48
CA THR A 328 48.94 -3.34 -7.58
C THR A 328 48.59 -2.35 -8.69
N THR A 329 49.59 -1.59 -9.12
CA THR A 329 49.45 -0.57 -10.18
C THR A 329 49.40 -1.16 -11.61
N PRO A 330 48.78 -0.44 -12.56
CA PRO A 330 48.76 -0.82 -13.99
C PRO A 330 50.13 -1.12 -14.63
N ALA A 331 51.16 -0.39 -14.21
CA ALA A 331 52.52 -0.59 -14.67
C ALA A 331 53.06 -1.94 -14.16
N ALA A 332 52.82 -2.21 -12.88
CA ALA A 332 53.11 -3.52 -12.28
C ALA A 332 52.28 -4.64 -12.93
N ASP A 333 51.03 -4.34 -13.28
CA ASP A 333 50.21 -5.30 -14.02
C ASP A 333 50.98 -5.75 -15.27
N ASP A 334 51.48 -4.76 -16.01
CA ASP A 334 52.12 -4.98 -17.29
C ASP A 334 53.41 -5.71 -17.12
N ILE A 335 54.14 -5.36 -16.06
CA ILE A 335 55.37 -6.06 -15.72
C ILE A 335 55.11 -7.52 -15.31
N LEU A 336 54.16 -7.75 -14.43
CA LEU A 336 53.89 -9.12 -13.96
C LEU A 336 53.33 -10.01 -15.08
N LEU A 337 52.55 -9.39 -15.96
CA LEU A 337 52.11 -10.01 -17.20
C LEU A 337 53.30 -10.51 -18.04
N GLU A 338 54.38 -9.72 -18.10
CA GLU A 338 55.53 -10.15 -18.88
C GLU A 338 56.35 -11.26 -18.21
N LYS A 339 56.38 -11.28 -16.88
CA LYS A 339 57.11 -12.33 -16.16
C LYS A 339 56.33 -13.64 -16.08
N GLY A 340 55.11 -13.63 -16.62
CA GLY A 340 54.22 -14.79 -16.55
C GLY A 340 53.59 -15.11 -15.19
N VAL A 341 53.56 -14.15 -14.27
CA VAL A 341 52.89 -14.44 -13.00
C VAL A 341 51.38 -14.14 -13.07
N LEU A 342 50.56 -15.11 -12.66
CA LEU A 342 49.10 -14.91 -12.55
C LEU A 342 48.76 -13.96 -11.39
N VAL A 343 48.06 -12.87 -11.71
CA VAL A 343 47.45 -12.04 -10.70
C VAL A 343 45.95 -12.31 -10.60
N VAL A 344 45.52 -12.89 -9.47
CA VAL A 344 44.10 -13.00 -9.18
C VAL A 344 43.65 -11.62 -8.71
N PRO A 345 42.72 -10.99 -9.44
CA PRO A 345 42.36 -9.62 -9.13
C PRO A 345 41.43 -9.56 -7.96
N ASP A 346 41.51 -8.45 -7.23
CA ASP A 346 40.75 -8.19 -6.03
C ASP A 346 39.25 -8.36 -6.18
N VAL A 347 38.73 -8.03 -7.36
CA VAL A 347 37.27 -8.01 -7.57
C VAL A 347 36.68 -9.39 -7.29
N ILE A 348 37.36 -10.43 -7.73
CA ILE A 348 36.89 -11.74 -7.35
C ILE A 348 37.66 -12.28 -6.15
N ALA A 349 38.95 -11.96 -6.05
CA ALA A 349 39.82 -12.59 -5.05
C ALA A 349 39.44 -12.27 -3.62
N ASN A 350 38.96 -11.05 -3.38
CA ASN A 350 38.51 -10.70 -2.05
C ASN A 350 36.98 -10.60 -1.83
N ALA A 351 36.22 -11.12 -2.79
CA ALA A 351 34.78 -11.08 -2.78
C ALA A 351 34.06 -11.99 -1.75
N GLY A 352 34.81 -12.64 -0.87
CA GLY A 352 34.24 -13.50 0.15
C GLY A 352 33.33 -12.73 1.07
N GLY A 353 33.76 -11.55 1.50
CA GLY A 353 32.93 -10.71 2.38
C GLY A 353 31.54 -10.56 1.82
N VAL A 354 31.47 -10.08 0.58
CA VAL A 354 30.21 -9.71 -0.04
C VAL A 354 29.36 -10.93 -0.43
N THR A 355 30.01 -12.10 -0.51
CA THR A 355 29.38 -13.38 -0.82
C THR A 355 28.63 -13.82 0.41
N VAL A 356 29.24 -13.59 1.57
CA VAL A 356 28.59 -13.95 2.83
C VAL A 356 27.43 -13.01 3.14
N SER A 357 27.59 -11.72 2.81
CA SER A 357 26.48 -10.74 2.93
C SER A 357 25.24 -11.20 2.17
N TYR A 358 25.47 -11.69 0.95
CA TYR A 358 24.46 -12.24 0.11
C TYR A 358 23.87 -13.48 0.78
N PHE A 359 24.70 -14.35 1.33
CA PHE A 359 24.15 -15.50 2.05
C PHE A 359 23.24 -15.03 3.21
N GLU A 360 23.70 -14.04 3.96
CA GLU A 360 22.91 -13.45 5.06
C GLU A 360 21.52 -13.04 4.54
N TRP A 361 21.52 -12.38 3.39
CA TRP A 361 20.28 -11.89 2.81
C TRP A 361 19.34 -13.03 2.38
N VAL A 362 19.89 -14.04 1.72
CA VAL A 362 19.14 -15.26 1.39
C VAL A 362 18.51 -15.89 2.65
N GLN A 363 19.30 -16.07 3.70
CA GLN A 363 18.79 -16.66 4.95
C GLN A 363 17.71 -15.77 5.61
N ASP A 364 17.84 -14.46 5.46
CA ASP A 364 16.88 -13.52 6.06
C ASP A 364 15.48 -13.61 5.46
N PHE A 365 15.36 -14.09 4.22
CA PHE A 365 14.04 -14.16 3.60
CA PHE A 365 14.04 -14.19 3.59
C PHE A 365 13.09 -14.98 4.48
N ASN A 366 13.58 -16.06 5.07
CA ASN A 366 12.74 -16.86 5.92
C ASN A 366 13.35 -17.14 7.28
N SER A 367 14.34 -16.32 7.63
CA SER A 367 15.03 -16.43 8.90
C SER A 367 15.31 -17.89 9.18
N TYR A 368 15.92 -18.55 8.19
CA TYR A 368 16.41 -19.92 8.34
C TYR A 368 17.93 -19.94 8.16
N PHE A 369 18.65 -20.29 9.21
CA PHE A 369 20.10 -20.04 9.19
C PHE A 369 21.01 -21.23 8.97
N TRP A 370 22.03 -21.01 8.13
CA TRP A 370 22.93 -22.08 7.72
C TRP A 370 23.99 -22.28 8.76
N THR A 371 24.42 -23.53 8.92
CA THR A 371 25.61 -23.82 9.71
C THR A 371 26.82 -23.25 8.99
N GLU A 372 27.89 -23.04 9.75
CA GLU A 372 29.17 -22.54 9.25
C GLU A 372 29.76 -23.39 8.11
N GLU A 373 29.60 -24.71 8.17
CA GLU A 373 30.15 -25.57 7.13
C GLU A 373 29.39 -25.44 5.81
N GLU A 374 28.10 -25.18 5.91
CA GLU A 374 27.26 -24.91 4.75
C GLU A 374 27.66 -23.59 4.09
N ILE A 375 27.87 -22.57 4.93
CA ILE A 375 28.38 -21.27 4.52
C ILE A 375 29.67 -21.41 3.72
N ASN A 376 30.67 -22.06 4.30
CA ASN A 376 31.95 -22.22 3.61
C ASN A 376 31.85 -23.04 2.32
N ALA A 377 31.00 -24.07 2.33
CA ALA A 377 30.74 -24.92 1.16
C ALA A 377 30.16 -24.10 0.01
N ARG A 378 29.15 -23.29 0.31
CA ARG A 378 28.55 -22.45 -0.70
C ARG A 378 29.46 -21.29 -1.06
N LEU A 379 30.25 -20.82 -0.10
CA LEU A 379 31.25 -19.81 -0.38
C LEU A 379 32.16 -20.30 -1.49
N GLU A 380 32.71 -21.50 -1.32
CA GLU A 380 33.58 -22.12 -2.30
C GLU A 380 32.94 -22.19 -3.68
N ARG A 381 31.67 -22.59 -3.71
CA ARG A 381 30.93 -22.79 -4.94
C ARG A 381 30.90 -21.47 -5.73
N VAL A 382 30.61 -20.38 -5.01
CA VAL A 382 30.47 -19.11 -5.67
C VAL A 382 31.78 -18.59 -6.23
N LEU A 383 32.85 -18.68 -5.43
CA LEU A 383 34.12 -18.16 -5.85
C LEU A 383 34.80 -19.06 -6.88
N ARG A 384 34.58 -20.37 -6.82
CA ARG A 384 35.16 -21.23 -7.84
C ARG A 384 34.48 -20.97 -9.18
N ASN A 385 33.15 -20.83 -9.15
CA ASN A 385 32.38 -20.52 -10.37
C ASN A 385 32.76 -19.17 -10.94
N ALA A 386 32.95 -18.17 -10.08
CA ALA A 386 33.36 -16.84 -10.52
C ALA A 386 34.74 -16.86 -11.15
N PHE A 387 35.68 -17.58 -10.53
CA PHE A 387 37.01 -17.71 -11.09
C PHE A 387 36.99 -18.44 -12.43
N GLU A 388 36.22 -19.53 -12.51
CA GLU A 388 36.15 -20.33 -13.73
C GLU A 388 35.67 -19.49 -14.93
N ALA A 389 34.70 -18.62 -14.68
CA ALA A 389 34.14 -17.73 -15.70
C ALA A 389 35.09 -16.58 -16.05
N VAL A 390 35.82 -16.08 -15.07
CA VAL A 390 36.88 -15.12 -15.37
C VAL A 390 38.03 -15.77 -16.16
N TRP A 391 38.40 -16.98 -15.79
CA TRP A 391 39.45 -17.71 -16.49
C TRP A 391 39.04 -17.97 -17.94
N GLN A 392 37.80 -18.45 -18.13
CA GLN A 392 37.22 -18.71 -19.45
C GLN A 392 37.30 -17.52 -20.41
N VAL A 393 36.96 -16.33 -19.93
CA VAL A 393 36.98 -15.14 -20.79
C VAL A 393 38.40 -14.59 -21.05
N ALA A 394 39.32 -14.84 -20.11
CA ALA A 394 40.71 -14.43 -20.28
C ALA A 394 41.37 -15.21 -21.43
N GLN A 395 41.02 -16.50 -21.53
CA GLN A 395 41.54 -17.39 -22.57
C GLN A 395 40.89 -17.05 -23.90
N GLU A 396 39.56 -16.96 -23.90
CA GLU A 396 38.85 -16.63 -25.14
C GLU A 396 39.37 -15.33 -25.76
N LYS A 397 39.57 -14.31 -24.94
CA LYS A 397 39.90 -12.96 -25.42
C LYS A 397 41.40 -12.63 -25.35
N LYS A 398 42.19 -13.61 -24.92
CA LYS A 398 43.64 -13.44 -24.75
C LYS A 398 43.95 -12.19 -23.92
N ILE A 399 43.39 -12.12 -22.71
CA ILE A 399 43.58 -10.93 -21.84
C ILE A 399 43.87 -11.36 -20.41
N PRO A 400 44.49 -10.48 -19.61
CA PRO A 400 44.78 -10.84 -18.20
C PRO A 400 43.51 -10.95 -17.34
N LEU A 401 43.56 -11.82 -16.34
CA LEU A 401 42.50 -12.00 -15.33
C LEU A 401 41.80 -10.73 -14.81
N ARG A 402 42.56 -9.69 -14.52
CA ARG A 402 41.97 -8.43 -14.06
C ARG A 402 40.99 -7.87 -15.13
N THR A 403 41.42 -7.83 -16.38
CA THR A 403 40.60 -7.32 -17.44
C THR A 403 39.40 -8.24 -17.69
N ALA A 404 39.66 -9.55 -17.70
CA ALA A 404 38.61 -10.55 -17.84
C ALA A 404 37.47 -10.38 -16.78
N ALA A 405 37.85 -10.03 -15.54
CA ALA A 405 36.89 -9.88 -14.47
C ALA A 405 35.89 -8.73 -14.72
N TYR A 406 36.42 -7.60 -15.17
CA TYR A 406 35.57 -6.45 -15.54
C TYR A 406 34.68 -6.73 -16.77
N VAL A 407 35.25 -7.44 -17.74
CA VAL A 407 34.51 -7.90 -18.91
C VAL A 407 33.32 -8.75 -18.49
N VAL A 408 33.57 -9.77 -17.66
CA VAL A 408 32.49 -10.62 -17.19
C VAL A 408 31.41 -9.76 -16.55
N ALA A 409 31.81 -9.01 -15.52
CA ALA A 409 30.93 -8.06 -14.84
C ALA A 409 30.12 -7.17 -15.79
N ALA A 410 30.79 -6.36 -16.61
CA ALA A 410 30.07 -5.48 -17.54
C ALA A 410 29.15 -6.24 -18.52
N THR A 411 29.60 -7.40 -19.01
CA THR A 411 28.81 -8.24 -19.89
C THR A 411 27.56 -8.69 -19.17
N ARG A 412 27.70 -9.30 -18.00
CA ARG A 412 26.52 -9.72 -17.24
C ARG A 412 25.53 -8.59 -16.97
N VAL A 413 26.03 -7.38 -16.71
CA VAL A 413 25.13 -6.25 -16.45
C VAL A 413 24.37 -5.86 -17.70
N LEU A 414 25.11 -5.75 -18.81
CA LEU A 414 24.58 -5.27 -20.08
C LEU A 414 23.64 -6.28 -20.73
N GLU A 415 23.93 -7.57 -20.58
CA GLU A 415 23.06 -8.64 -21.04
C GLU A 415 21.69 -8.54 -20.37
N ALA A 416 21.69 -8.30 -19.07
CA ALA A 416 20.48 -8.11 -18.29
C ALA A 416 19.72 -6.85 -18.71
N ARG A 417 20.44 -5.76 -18.93
CA ARG A 417 19.80 -4.57 -19.48
C ARG A 417 19.21 -4.86 -20.90
N ALA A 418 19.92 -5.62 -21.72
CA ALA A 418 19.48 -5.83 -23.11
C ALA A 418 18.20 -6.71 -23.20
N LEU A 419 18.18 -7.75 -22.36
CA LEU A 419 17.01 -8.62 -22.20
C LEU A 419 15.81 -7.89 -21.63
N ARG A 420 16.02 -7.11 -20.57
CA ARG A 420 14.89 -6.36 -20.02
C ARG A 420 14.40 -5.25 -20.91
N GLY A 421 15.31 -4.59 -21.64
CA GLY A 421 14.91 -3.57 -22.59
C GLY A 421 14.74 -2.25 -21.88
N LEU A 422 14.44 -1.19 -22.64
CA LEU A 422 14.32 0.18 -22.12
C LEU A 422 12.86 0.51 -21.83
N TYR A 423 12.52 0.61 -20.55
CA TYR A 423 11.14 0.91 -20.15
C TYR A 423 11.16 1.40 -18.71
N PRO A 424 10.41 2.48 -18.42
CA PRO A 424 9.48 3.19 -19.32
C PRO A 424 10.20 4.06 -20.33
N MET B 1 27.58 23.21 17.61
CA MET B 1 28.31 22.63 16.45
C MET B 1 27.95 23.33 15.15
N LYS B 2 28.96 23.53 14.29
CA LYS B 2 28.81 24.23 13.01
C LYS B 2 28.23 23.30 11.97
N SER B 3 27.30 23.81 11.17
CA SER B 3 26.86 23.12 9.97
C SER B 3 27.51 23.73 8.74
N GLU B 4 28.47 22.97 8.18
CA GLU B 4 29.27 23.38 7.04
C GLU B 4 28.37 23.57 5.81
N PRO B 5 28.63 24.63 5.01
CA PRO B 5 27.95 24.74 3.71
C PRO B 5 28.06 23.47 2.86
N LEU B 6 27.07 23.27 2.01
CA LEU B 6 26.92 22.08 1.20
C LEU B 6 28.15 21.73 0.36
N SER B 7 28.67 20.53 0.53
CA SER B 7 29.91 20.14 -0.10
C SER B 7 29.74 19.92 -1.60
N TYR B 8 28.54 19.58 -2.02
CA TYR B 8 28.33 19.08 -3.37
C TYR B 8 28.16 20.14 -4.43
N LEU B 9 28.24 21.41 -4.07
CA LEU B 9 28.14 22.46 -5.07
C LEU B 9 29.48 22.99 -5.65
N GLY B 10 30.58 22.81 -4.90
CA GLY B 10 31.89 23.45 -5.21
C GLY B 10 32.04 24.78 -4.46
N LYS B 11 33.28 25.23 -4.19
CA LYS B 11 33.48 26.47 -3.40
C LYS B 11 33.11 27.73 -4.19
N ASP B 12 31.89 27.72 -4.70
CA ASP B 12 31.29 28.77 -5.46
C ASP B 12 29.79 28.48 -5.38
N GLY B 13 28.95 29.47 -5.10
CA GLY B 13 29.20 30.88 -5.45
C GLY B 13 28.36 31.00 -6.73
N GLY B 14 27.05 30.94 -6.54
CA GLY B 14 26.09 31.01 -7.64
C GLY B 14 24.70 31.17 -7.07
N PRO B 15 23.70 30.60 -7.74
CA PRO B 15 22.29 30.84 -7.38
C PRO B 15 21.88 30.35 -5.99
N TRP B 16 22.54 29.31 -5.49
CA TRP B 16 22.26 28.82 -4.16
C TRP B 16 22.77 29.79 -3.09
N GLU B 17 23.91 30.43 -3.35
CA GLU B 17 24.49 31.38 -2.43
C GLU B 17 23.62 32.62 -2.31
N ILE B 18 23.08 33.09 -3.43
CA ILE B 18 22.13 34.22 -3.45
C ILE B 18 20.88 33.92 -2.65
N PHE B 19 20.43 32.67 -2.68
CA PHE B 19 19.29 32.31 -1.87
C PHE B 19 19.63 32.28 -0.38
N THR B 20 20.76 31.67 -0.01
CA THR B 20 21.08 31.59 1.42
C THR B 20 21.37 32.95 2.01
N GLU B 21 21.97 33.84 1.22
CA GLU B 21 22.19 35.20 1.64
C GLU B 21 20.86 35.87 2.00
N GLN B 22 19.82 35.60 1.20
CA GLN B 22 18.50 36.13 1.47
C GLN B 22 17.98 35.59 2.80
N VAL B 23 18.28 34.33 3.09
CA VAL B 23 17.92 33.77 4.37
C VAL B 23 18.64 34.55 5.48
N ASP B 24 19.94 34.80 5.27
CA ASP B 24 20.74 35.55 6.25
C ASP B 24 20.23 36.95 6.58
N ARG B 25 19.74 37.68 5.57
CA ARG B 25 19.31 39.07 5.74
C ARG B 25 18.03 39.16 6.53
N VAL B 26 17.46 38.01 6.86
CA VAL B 26 16.10 37.95 7.37
C VAL B 26 16.15 37.53 8.84
N VAL B 27 17.26 36.88 9.19
CA VAL B 27 17.52 36.35 10.53
C VAL B 27 17.49 37.39 11.70
N PRO B 28 17.99 38.63 11.47
CA PRO B 28 17.81 39.62 12.54
C PRO B 28 16.35 39.83 12.97
N TYR B 29 15.40 39.54 12.09
CA TYR B 29 13.98 39.86 12.37
C TYR B 29 13.14 38.69 12.86
N LEU B 30 13.79 37.62 13.24
CA LEU B 30 13.11 36.35 13.46
C LEU B 30 12.76 36.02 14.89
N GLY B 31 13.37 36.74 15.85
CA GLY B 31 13.10 36.56 17.27
C GLY B 31 13.50 35.18 17.77
N ARG B 32 12.59 34.54 18.52
CA ARG B 32 12.81 33.21 19.11
C ARG B 32 13.03 32.14 18.03
N LEU B 33 12.59 32.45 16.82
CA LEU B 33 12.68 31.54 15.67
C LEU B 33 14.06 31.47 15.03
N ALA B 34 14.92 32.44 15.36
CA ALA B 34 16.27 32.57 14.75
C ALA B 34 17.10 31.28 14.69
N PRO B 35 17.27 30.56 15.82
CA PRO B 35 18.13 29.37 15.79
C PRO B 35 17.72 28.33 14.72
N LEU B 36 16.44 28.32 14.37
CA LEU B 36 15.92 27.45 13.34
C LEU B 36 16.31 27.84 11.91
N ALA B 37 16.56 29.12 11.66
CA ALA B 37 17.01 29.61 10.33
C ALA B 37 17.93 28.65 9.54
N GLU B 38 18.89 28.02 10.21
CA GLU B 38 19.79 27.08 9.55
C GLU B 38 19.08 26.08 8.64
N SER B 39 17.94 25.57 9.10
CA SER B 39 17.20 24.59 8.34
C SER B 39 16.79 25.10 6.96
N LEU B 40 16.54 26.41 6.85
CA LEU B 40 16.20 27.01 5.56
C LEU B 40 17.36 26.97 4.58
N LYS B 41 18.56 26.72 5.10
CA LYS B 41 19.75 26.68 4.28
C LYS B 41 20.13 25.24 3.93
N ARG B 42 19.14 24.37 3.94
CA ARG B 42 19.28 22.91 3.82
C ARG B 42 18.09 22.39 3.04
N PRO B 43 18.34 21.88 1.83
CA PRO B 43 17.18 21.22 1.21
C PRO B 43 16.91 19.91 1.93
N LYS B 44 15.63 19.56 2.11
CA LYS B 44 15.24 18.27 2.66
C LYS B 44 15.80 17.11 1.83
N ARG B 45 15.75 17.26 0.52
CA ARG B 45 15.90 16.13 -0.36
C ARG B 45 16.31 16.64 -1.72
N VAL B 46 17.29 15.98 -2.32
CA VAL B 46 17.71 16.25 -3.66
C VAL B 46 17.77 14.91 -4.38
N LEU B 47 16.98 14.77 -5.43
CA LEU B 47 17.02 13.55 -6.22
C LEU B 47 17.53 13.89 -7.58
N ILE B 48 18.69 13.32 -7.91
CA ILE B 48 19.25 13.41 -9.25
C ILE B 48 18.97 12.07 -9.94
N VAL B 49 18.31 12.14 -11.08
CA VAL B 49 17.91 10.94 -11.82
C VAL B 49 18.43 10.95 -13.25
N ASP B 50 18.68 9.76 -13.78
CA ASP B 50 19.04 9.64 -15.16
C ASP B 50 17.80 9.43 -15.98
N VAL B 51 17.60 10.28 -16.98
CA VAL B 51 16.48 10.03 -17.89
C VAL B 51 16.88 9.61 -19.33
N PRO B 52 17.01 8.28 -19.52
CA PRO B 52 17.24 7.67 -20.82
C PRO B 52 16.00 7.77 -21.73
N VAL B 53 16.23 7.95 -23.03
CA VAL B 53 15.16 8.08 -24.02
C VAL B 53 15.59 7.44 -25.35
N ARG B 54 14.76 6.55 -25.90
CA ARG B 54 14.96 6.10 -27.26
C ARG B 54 14.62 7.24 -28.20
N LEU B 55 15.63 7.72 -28.90
CA LEU B 55 15.43 8.77 -29.91
C LEU B 55 14.69 8.24 -31.13
N ASP B 56 14.27 9.14 -32.01
CA ASP B 56 13.61 8.73 -33.25
C ASP B 56 14.50 7.84 -34.06
N ASP B 57 15.80 8.11 -34.05
CA ASP B 57 16.70 7.26 -34.83
C ASP B 57 16.98 5.92 -34.14
N GLY B 58 16.28 5.64 -33.05
CA GLY B 58 16.35 4.34 -32.40
C GLY B 58 17.51 4.16 -31.42
N SER B 59 18.36 5.18 -31.31
CA SER B 59 19.46 5.15 -30.35
C SER B 59 18.98 5.70 -29.01
N VAL B 60 19.85 5.63 -27.99
CA VAL B 60 19.48 6.01 -26.65
C VAL B 60 20.30 7.19 -26.21
N ALA B 61 19.62 8.28 -25.84
CA ALA B 61 20.29 9.43 -25.26
C ALA B 61 20.01 9.47 -23.78
N TYR B 62 20.89 10.09 -23.02
CA TYR B 62 20.77 10.12 -21.59
C TYR B 62 20.75 11.55 -21.13
N PHE B 63 19.69 11.95 -20.44
CA PHE B 63 19.59 13.32 -19.92
C PHE B 63 19.61 13.37 -18.37
N GLU B 64 20.25 14.41 -17.86
CA GLU B 64 20.22 14.73 -16.44
C GLU B 64 18.91 15.36 -16.05
N GLY B 65 18.24 14.77 -15.05
CA GLY B 65 17.05 15.38 -14.43
C GLY B 65 17.19 15.59 -12.92
N TYR B 66 16.43 16.53 -12.39
CA TYR B 66 16.46 16.85 -10.96
C TYR B 66 15.10 17.07 -10.37
N ARG B 67 14.90 16.60 -9.16
CA ARG B 67 13.77 17.05 -8.37
C ARG B 67 14.26 17.31 -6.95
N VAL B 68 14.08 18.54 -6.50
CA VAL B 68 14.58 18.96 -5.22
C VAL B 68 13.39 19.33 -4.36
N HIS B 69 13.40 18.89 -3.11
CA HIS B 69 12.49 19.42 -2.10
C HIS B 69 13.28 20.27 -1.15
N HIS B 70 13.10 21.58 -1.24
CA HIS B 70 13.78 22.47 -0.33
C HIS B 70 13.32 22.34 1.10
N ASN B 71 12.01 22.44 1.31
CA ASN B 71 11.41 22.48 2.64
C ASN B 71 9.99 21.98 2.58
N THR B 72 9.52 21.38 3.66
CA THR B 72 8.33 20.56 3.60
C THR B 72 7.47 20.78 4.83
N ALA B 73 7.81 21.81 5.59
CA ALA B 73 7.21 22.08 6.88
C ALA B 73 5.76 22.55 6.80
N ARG B 74 5.47 23.44 5.85
CA ARG B 74 4.14 24.03 5.68
C ARG B 74 3.21 23.11 4.89
N GLY B 75 3.82 22.20 4.12
CA GLY B 75 3.05 21.26 3.32
C GLY B 75 3.90 20.52 2.30
N PRO B 76 3.24 19.87 1.33
CA PRO B 76 3.92 19.14 0.27
C PRO B 76 4.73 20.09 -0.61
N ALA B 77 5.68 19.57 -1.34
CA ALA B 77 6.56 20.37 -2.19
C ALA B 77 5.79 20.80 -3.45
N LYS B 78 5.94 22.05 -3.84
CA LYS B 78 5.24 22.59 -4.98
C LYS B 78 6.26 23.39 -5.73
N GLY B 79 6.36 23.14 -7.04
CA GLY B 79 7.23 23.89 -7.88
C GLY B 79 7.31 23.31 -9.28
N GLY B 80 7.59 24.19 -10.23
CA GLY B 80 7.59 23.81 -11.62
C GLY B 80 8.79 22.99 -12.04
N VAL B 81 8.77 22.60 -13.31
CA VAL B 81 9.84 21.86 -13.94
C VAL B 81 10.37 22.65 -15.16
N ARG B 82 11.67 22.88 -15.19
CA ARG B 82 12.35 23.59 -16.26
C ARG B 82 13.09 22.64 -17.22
N TYR B 83 12.98 22.88 -18.51
CA TYR B 83 13.67 22.10 -19.51
C TYR B 83 14.56 23.11 -20.19
N HIS B 84 15.86 23.06 -19.92
CA HIS B 84 16.79 24.05 -20.46
C HIS B 84 18.19 23.45 -20.49
N PRO B 85 18.95 23.65 -21.60
CA PRO B 85 20.28 23.02 -21.73
C PRO B 85 21.30 23.51 -20.71
N GLU B 86 21.07 24.69 -20.13
CA GLU B 86 21.98 25.30 -19.14
C GLU B 86 21.48 25.20 -17.70
N VAL B 87 20.55 24.30 -17.43
CA VAL B 87 20.08 24.07 -16.06
C VAL B 87 21.08 23.24 -15.23
N THR B 88 21.33 23.71 -14.01
CA THR B 88 22.24 23.05 -13.07
C THR B 88 21.54 22.70 -11.79
N LEU B 89 22.07 21.69 -11.11
CA LEU B 89 21.63 21.31 -9.79
C LEU B 89 21.43 22.52 -8.86
N SER B 90 22.43 23.37 -8.79
CA SER B 90 22.41 24.44 -7.81
C SER B 90 21.34 25.47 -8.18
N GLU B 91 21.11 25.66 -9.48
CA GLU B 91 20.02 26.51 -9.94
C GLU B 91 18.65 26.00 -9.44
N VAL B 92 18.45 24.69 -9.55
CA VAL B 92 17.20 24.07 -9.15
C VAL B 92 17.02 24.13 -7.63
N MET B 93 18.09 23.85 -6.88
CA MET B 93 18.07 24.08 -5.44
C MET B 93 17.61 25.49 -5.07
N ALA B 94 18.25 26.51 -5.69
CA ALA B 94 17.91 27.91 -5.45
C ALA B 94 16.42 28.14 -5.69
N LEU B 95 15.96 27.77 -6.88
CA LEU B 95 14.58 27.94 -7.27
C LEU B 95 13.66 27.22 -6.30
N ALA B 96 14.00 25.99 -5.93
CA ALA B 96 13.19 25.28 -4.92
C ALA B 96 13.14 26.09 -3.59
N GLY B 97 14.27 26.70 -3.21
CA GLY B 97 14.31 27.62 -2.08
C GLY B 97 13.34 28.78 -2.22
N TRP B 98 13.37 29.48 -3.35
CA TRP B 98 12.45 30.60 -3.62
C TRP B 98 10.98 30.23 -3.59
N MET B 99 10.65 29.01 -4.01
CA MET B 99 9.30 28.49 -3.93
C MET B 99 8.88 28.26 -2.49
N THR B 100 9.78 27.75 -1.65
CA THR B 100 9.44 27.69 -0.23
C THR B 100 9.05 29.10 0.24
N ILE B 101 9.86 30.09 -0.14
CA ILE B 101 9.59 31.45 0.25
C ILE B 101 8.28 31.93 -0.37
N LYS B 102 8.13 31.78 -1.67
CA LYS B 102 7.00 32.40 -2.32
C LYS B 102 5.71 31.80 -1.80
N ASN B 103 5.67 30.47 -1.61
CA ASN B 103 4.47 29.79 -1.12
C ASN B 103 4.07 30.26 0.26
N ALA B 104 5.05 30.42 1.14
CA ALA B 104 4.79 30.92 2.49
C ALA B 104 4.34 32.37 2.50
N ALA B 105 5.00 33.21 1.71
CA ALA B 105 4.61 34.63 1.64
C ALA B 105 3.11 34.84 1.37
N VAL B 106 2.47 33.99 0.55
CA VAL B 106 1.04 34.14 0.29
C VAL B 106 0.21 33.20 1.17
N GLY B 107 0.91 32.38 1.96
CA GLY B 107 0.26 31.50 2.91
C GLY B 107 -0.45 30.35 2.26
N LEU B 108 0.17 29.75 1.25
CA LEU B 108 -0.38 28.56 0.66
C LEU B 108 0.17 27.42 1.48
N PRO B 109 -0.59 26.33 1.58
CA PRO B 109 -0.15 25.26 2.48
C PRO B 109 0.83 24.29 1.78
N TYR B 110 1.95 24.84 1.33
CA TYR B 110 2.91 24.15 0.50
C TYR B 110 4.30 24.36 1.01
N GLY B 111 5.15 23.35 0.86
CA GLY B 111 6.59 23.52 1.02
C GLY B 111 7.12 24.13 -0.26
N GLY B 112 8.36 23.82 -0.62
CA GLY B 112 8.89 24.29 -1.90
C GLY B 112 9.74 23.24 -2.56
N GLY B 113 9.60 23.14 -3.89
CA GLY B 113 10.22 22.11 -4.73
C GLY B 113 10.40 22.67 -6.13
N LYS B 114 11.28 22.05 -6.94
CA LYS B 114 11.55 22.40 -8.34
C LYS B 114 12.22 21.21 -9.00
N GLY B 115 12.12 21.16 -10.31
CA GLY B 115 12.75 20.10 -11.07
C GLY B 115 13.27 20.72 -12.33
N GLY B 116 14.14 20.00 -13.02
CA GLY B 116 14.76 20.54 -14.21
C GLY B 116 15.28 19.35 -14.98
N ILE B 117 15.23 19.47 -16.30
CA ILE B 117 15.93 18.56 -17.18
C ILE B 117 16.86 19.37 -18.06
N ARG B 118 18.13 18.96 -18.06
CA ARG B 118 19.16 19.56 -18.87
C ARG B 118 19.04 19.07 -20.32
N VAL B 119 18.31 19.84 -21.12
CA VAL B 119 17.94 19.43 -22.47
C VAL B 119 17.53 20.67 -23.24
N ASP B 120 17.84 20.71 -24.53
CA ASP B 120 17.29 21.77 -25.38
C ASP B 120 16.07 21.20 -26.10
N PRO B 121 14.86 21.58 -25.65
CA PRO B 121 13.64 21.01 -26.21
C PRO B 121 13.46 21.35 -27.70
N ARG B 122 13.97 22.53 -28.11
CA ARG B 122 13.97 22.90 -29.53
C ARG B 122 14.54 21.75 -30.36
N LYS B 123 15.57 21.07 -29.84
CA LYS B 123 16.29 20.00 -30.54
C LYS B 123 15.63 18.63 -30.50
N LEU B 124 14.46 18.51 -29.87
CA LEU B 124 13.77 17.22 -29.80
C LEU B 124 12.48 17.22 -30.61
N SER B 125 12.15 16.07 -31.19
CA SER B 125 10.83 15.89 -31.80
C SER B 125 9.75 15.85 -30.71
N PRO B 126 8.50 16.26 -31.04
CA PRO B 126 7.40 16.14 -30.07
C PRO B 126 7.29 14.73 -29.47
N GLY B 127 7.54 13.71 -30.27
CA GLY B 127 7.50 12.32 -29.80
C GLY B 127 8.59 12.03 -28.79
N GLU B 128 9.77 12.59 -29.01
CA GLU B 128 10.90 12.39 -28.09
C GLU B 128 10.68 13.21 -26.85
N LEU B 129 10.09 14.39 -27.03
CA LEU B 129 9.80 15.29 -25.92
C LEU B 129 8.87 14.62 -24.92
N GLU B 130 7.99 13.76 -25.44
CA GLU B 130 6.97 13.08 -24.66
C GLU B 130 7.58 11.92 -23.87
N ARG B 131 8.45 11.17 -24.54
CA ARG B 131 9.10 10.05 -23.89
C ARG B 131 10.04 10.56 -22.80
N LEU B 132 10.58 11.75 -23.02
CA LEU B 132 11.38 12.44 -22.01
C LEU B 132 10.56 12.75 -20.74
N THR B 133 9.38 13.33 -20.93
CA THR B 133 8.53 13.73 -19.83
C THR B 133 8.02 12.50 -19.09
N ARG B 134 7.67 11.47 -19.85
CA ARG B 134 7.18 10.23 -19.23
C ARG B 134 8.25 9.54 -18.39
N ARG B 135 9.48 9.47 -18.89
CA ARG B 135 10.53 8.75 -18.18
C ARG B 135 10.94 9.52 -16.91
N TYR B 136 11.03 10.84 -17.05
CA TYR B 136 11.32 11.66 -15.92
C TYR B 136 10.24 11.44 -14.85
N THR B 137 8.97 11.45 -15.30
CA THR B 137 7.85 11.29 -14.40
C THR B 137 7.88 9.94 -13.69
N SER B 138 8.24 8.86 -14.38
CA SER B 138 8.47 7.60 -13.70
C SER B 138 9.60 7.69 -12.70
N GLU B 139 10.72 8.31 -13.06
CA GLU B 139 11.91 8.33 -12.20
C GLU B 139 11.73 9.09 -10.87
N ILE B 140 10.90 10.13 -10.89
CA ILE B 140 10.61 10.89 -9.67
C ILE B 140 9.31 10.42 -9.02
N GLY B 141 8.80 9.29 -9.50
CA GLY B 141 7.57 8.68 -8.99
C GLY B 141 7.56 8.51 -7.47
N ILE B 142 8.72 8.17 -6.91
CA ILE B 142 8.87 7.85 -5.49
C ILE B 142 8.72 9.10 -4.64
N LEU B 143 8.70 10.24 -5.29
CA LEU B 143 8.51 11.53 -4.64
C LEU B 143 7.08 12.07 -4.81
N LEU B 144 6.43 11.72 -5.92
CA LEU B 144 5.25 12.41 -6.39
C LEU B 144 4.00 12.07 -5.61
N GLY B 145 3.04 13.00 -5.67
CA GLY B 145 1.77 12.78 -5.05
C GLY B 145 1.12 14.08 -4.68
N PRO B 146 -0.21 14.16 -4.85
CA PRO B 146 -0.99 15.31 -4.44
C PRO B 146 -0.80 15.72 -2.97
N ASP B 147 -0.29 14.82 -2.11
CA ASP B 147 0.01 15.15 -0.68
C ASP B 147 1.51 15.05 -0.36
N ARG B 148 2.32 15.12 -1.43
CA ARG B 148 3.75 14.85 -1.35
C ARG B 148 4.61 15.82 -2.10
N ASP B 149 4.29 16.02 -3.38
CA ASP B 149 5.06 16.86 -4.29
C ASP B 149 4.18 17.05 -5.49
N ILE B 150 3.98 18.30 -5.88
CA ILE B 150 3.12 18.62 -7.00
C ILE B 150 3.88 19.52 -8.01
N PRO B 151 4.40 18.94 -9.13
CA PRO B 151 5.08 19.72 -10.16
C PRO B 151 4.14 20.64 -10.91
N ALA B 152 4.69 21.36 -11.88
CA ALA B 152 4.03 22.49 -12.55
C ALA B 152 4.89 22.90 -13.73
N PRO B 153 4.37 23.77 -14.63
CA PRO B 153 5.18 24.31 -15.72
C PRO B 153 6.28 25.24 -15.20
N ASP B 154 7.30 25.45 -16.02
CA ASP B 154 8.31 26.48 -15.80
C ASP B 154 8.92 26.82 -17.17
N VAL B 155 10.15 27.31 -17.21
CA VAL B 155 10.81 27.62 -18.47
C VAL B 155 10.77 26.43 -19.44
N ASN B 156 10.18 26.64 -20.60
CA ASN B 156 10.08 25.60 -21.68
C ASN B 156 9.12 24.42 -21.42
N THR B 157 8.29 24.54 -20.40
CA THR B 157 7.23 23.57 -20.17
C THR B 157 5.89 24.29 -20.00
N GLY B 158 4.81 23.58 -20.30
CA GLY B 158 3.44 24.09 -20.13
C GLY B 158 2.38 22.99 -20.08
N GLU B 159 1.19 23.31 -20.58
CA GLU B 159 0.05 22.39 -20.59
C GLU B 159 0.33 20.99 -21.13
N ARG B 160 1.02 20.93 -22.28
CA ARG B 160 1.33 19.69 -22.94
C ARG B 160 2.15 18.74 -22.01
N GLU B 161 3.21 19.28 -21.43
CA GLU B 161 4.09 18.53 -20.54
C GLU B 161 3.35 18.14 -19.24
N MET B 162 2.47 19.02 -18.79
CA MET B 162 1.73 18.73 -17.57
C MET B 162 0.70 17.63 -17.84
N ALA B 163 0.11 17.65 -19.03
CA ALA B 163 -0.79 16.58 -19.44
C ALA B 163 -0.08 15.23 -19.45
N TRP B 164 1.12 15.14 -20.00
CA TRP B 164 1.89 13.88 -19.98
C TRP B 164 2.30 13.38 -18.59
N MET B 165 2.63 14.32 -17.70
CA MET B 165 3.05 13.97 -16.34
C MET B 165 1.86 13.39 -15.61
N MET B 166 0.71 14.04 -15.75
CA MET B 166 -0.48 13.62 -15.04
C MET B 166 -0.84 12.21 -15.53
N ASP B 167 -0.86 12.02 -16.86
CA ASP B 167 -1.17 10.72 -17.45
C ASP B 167 -0.21 9.64 -17.01
N THR B 168 1.10 9.88 -17.23
CA THR B 168 2.12 8.94 -16.76
C THR B 168 1.89 8.52 -15.31
N TYR B 169 1.70 9.48 -14.42
CA TYR B 169 1.52 9.15 -13.00
C TYR B 169 0.25 8.30 -12.75
N SER B 170 -0.89 8.76 -13.28
CA SER B 170 -2.16 8.07 -13.11
C SER B 170 -2.16 6.61 -13.61
N MET B 171 -1.56 6.39 -14.76
CA MET B 171 -1.41 5.07 -15.31
C MET B 171 -0.48 4.24 -14.43
N ASN B 172 0.57 4.88 -13.92
CA ASN B 172 1.57 4.20 -13.11
C ASN B 172 1.01 3.76 -11.77
N VAL B 173 -0.11 4.35 -11.38
CA VAL B 173 -0.59 4.20 -10.01
C VAL B 173 -1.95 3.51 -10.00
N GLY B 174 -2.54 3.44 -11.19
CA GLY B 174 -3.76 2.72 -11.40
C GLY B 174 -4.98 3.50 -11.00
N ARG B 175 -4.82 4.80 -10.75
CA ARG B 175 -6.00 5.65 -10.62
C ARG B 175 -5.82 7.03 -11.24
N THR B 176 -6.91 7.75 -11.46
CA THR B 176 -6.89 9.09 -12.04
C THR B 176 -6.63 10.14 -10.95
N VAL B 177 -5.43 10.74 -10.98
CA VAL B 177 -5.02 11.73 -9.98
C VAL B 177 -4.74 13.09 -10.59
N PRO B 178 -5.80 13.87 -10.86
CA PRO B 178 -5.58 15.20 -11.47
C PRO B 178 -4.64 16.12 -10.68
N GLY B 179 -4.67 16.01 -9.36
CA GLY B 179 -3.99 16.94 -8.46
C GLY B 179 -2.51 16.66 -8.23
N VAL B 180 -1.97 15.64 -8.90
CA VAL B 180 -0.52 15.39 -8.88
C VAL B 180 0.31 16.49 -9.61
N VAL B 181 -0.32 17.27 -10.50
CA VAL B 181 0.34 18.47 -11.07
C VAL B 181 -0.61 19.61 -11.28
N THR B 182 -0.04 20.79 -11.44
CA THR B 182 -0.85 21.96 -11.76
C THR B 182 -0.44 22.58 -13.09
N GLY B 183 -1.23 23.54 -13.54
CA GLY B 183 -1.07 24.09 -14.86
C GLY B 183 -1.50 23.16 -15.97
N LYS B 184 -2.43 22.24 -15.67
CA LYS B 184 -2.98 21.31 -16.67
C LYS B 184 -3.99 21.98 -17.61
N PRO B 185 -4.25 21.36 -18.75
CA PRO B 185 -5.37 21.81 -19.58
C PRO B 185 -6.69 21.65 -18.81
N ILE B 186 -7.65 22.57 -19.04
CA ILE B 186 -8.96 22.46 -18.39
C ILE B 186 -9.57 21.08 -18.57
N ALA B 187 -9.36 20.47 -19.75
CA ALA B 187 -9.90 19.13 -20.04
C ALA B 187 -9.41 18.08 -19.05
N LEU B 188 -8.28 18.34 -18.40
CA LEU B 188 -7.70 17.34 -17.49
C LEU B 188 -7.80 17.71 -16.01
N GLY B 189 -8.57 18.73 -15.69
CA GLY B 189 -8.64 19.18 -14.31
C GLY B 189 -7.87 20.45 -14.19
N GLY B 190 -7.77 21.19 -15.28
CA GLY B 190 -7.20 22.51 -15.20
C GLY B 190 -8.16 23.45 -14.50
N SER B 191 -7.67 24.63 -14.15
CA SER B 191 -8.52 25.61 -13.54
C SER B 191 -8.80 26.72 -14.53
N LEU B 192 -9.97 27.32 -14.40
CA LEU B 192 -10.28 28.56 -15.10
C LEU B 192 -9.48 29.65 -14.38
N GLY B 193 -9.08 30.70 -15.11
CA GLY B 193 -8.53 31.91 -14.51
C GLY B 193 -7.02 31.98 -14.45
N ARG B 194 -6.37 31.06 -15.14
CA ARG B 194 -4.92 30.92 -15.12
C ARG B 194 -4.23 32.01 -15.95
N ARG B 195 -4.82 32.41 -17.06
CA ARG B 195 -4.19 33.37 -17.94
C ARG B 195 -4.06 34.79 -17.33
N ASP B 196 -5.09 35.26 -16.65
CA ASP B 196 -5.08 36.61 -16.08
C ASP B 196 -4.64 36.73 -14.60
N ALA B 197 -4.44 35.59 -13.93
CA ALA B 197 -4.21 35.59 -12.48
C ALA B 197 -3.15 36.57 -11.96
N THR B 198 -2.00 36.60 -12.61
CA THR B 198 -0.82 37.33 -12.16
C THR B 198 -0.97 38.81 -12.42
N GLY B 199 -1.50 39.16 -13.59
CA GLY B 199 -1.81 40.54 -13.93
C GLY B 199 -2.85 41.11 -13.00
N ARG B 200 -3.99 40.41 -12.85
CA ARG B 200 -5.03 40.76 -11.89
C ARG B 200 -4.44 40.90 -10.49
N GLY B 201 -3.56 39.97 -10.13
CA GLY B 201 -2.89 39.97 -8.83
C GLY B 201 -2.08 41.23 -8.60
N VAL B 202 -1.30 41.59 -9.61
CA VAL B 202 -0.60 42.88 -9.59
C VAL B 202 -1.59 44.00 -9.22
N PHE B 203 -2.74 44.04 -9.88
CA PHE B 203 -3.74 45.04 -9.53
C PHE B 203 -4.26 44.91 -8.09
N ILE B 204 -4.59 43.70 -7.67
CA ILE B 204 -5.23 43.50 -6.37
C ILE B 204 -4.32 44.04 -5.28
N THR B 205 -3.05 43.62 -5.30
CA THR B 205 -2.04 44.11 -4.36
C THR B 205 -1.72 45.63 -4.51
N ALA B 206 -1.71 46.14 -5.74
CA ALA B 206 -1.56 47.58 -5.89
C ALA B 206 -2.75 48.31 -5.22
N ALA B 207 -3.96 47.87 -5.51
CA ALA B 207 -5.15 48.48 -4.89
C ALA B 207 -5.13 48.38 -3.35
N ALA B 208 -4.78 47.19 -2.84
CA ALA B 208 -4.60 47.01 -1.39
C ALA B 208 -3.64 48.04 -0.83
N ALA B 209 -2.59 48.39 -1.56
CA ALA B 209 -1.66 49.42 -1.11
C ALA B 209 -2.29 50.82 -1.17
N ALA B 210 -2.96 51.11 -2.28
CA ALA B 210 -3.66 52.37 -2.46
C ALA B 210 -4.57 52.57 -1.26
N GLU B 211 -5.34 51.55 -0.94
CA GLU B 211 -6.17 51.52 0.26
C GLU B 211 -5.44 52.03 1.49
N LYS B 212 -4.19 51.61 1.67
CA LYS B 212 -3.49 51.91 2.92
C LYS B 212 -3.11 53.37 3.05
N ILE B 213 -2.81 54.02 1.93
CA ILE B 213 -2.35 55.42 1.95
C ILE B 213 -3.41 56.44 1.46
N GLY B 214 -4.66 55.98 1.41
CA GLY B 214 -5.79 56.77 0.94
C GLY B 214 -5.64 57.29 -0.47
N LEU B 215 -5.31 56.39 -1.40
CA LEU B 215 -5.07 56.77 -2.79
C LEU B 215 -6.20 56.23 -3.65
N GLN B 216 -6.91 57.13 -4.32
CA GLN B 216 -8.10 56.77 -5.06
C GLN B 216 -7.66 56.07 -6.35
N VAL B 217 -8.18 54.87 -6.55
CA VAL B 217 -7.91 54.11 -7.76
C VAL B 217 -8.66 54.77 -8.92
N GLU B 218 -9.92 55.10 -8.66
CA GLU B 218 -10.79 55.81 -9.59
C GLU B 218 -10.13 57.08 -10.13
N GLY B 219 -9.86 57.10 -11.44
CA GLY B 219 -9.21 58.24 -12.08
C GLY B 219 -7.72 58.41 -11.81
N ALA B 220 -7.10 57.43 -11.16
CA ALA B 220 -5.65 57.37 -10.99
C ALA B 220 -4.99 57.04 -12.33
N ARG B 221 -3.74 57.46 -12.46
CA ARG B 221 -2.98 57.23 -13.68
C ARG B 221 -1.97 56.13 -13.45
N VAL B 222 -1.84 55.28 -14.47
CA VAL B 222 -1.00 54.10 -14.45
C VAL B 222 -0.08 54.08 -15.67
N ALA B 223 1.20 53.83 -15.40
CA ALA B 223 2.19 53.53 -16.42
C ALA B 223 2.67 52.09 -16.22
N ILE B 224 2.77 51.34 -17.31
CA ILE B 224 3.04 49.92 -17.28
C ILE B 224 4.12 49.59 -18.29
N GLN B 225 5.18 48.90 -17.81
CA GLN B 225 6.21 48.34 -18.68
C GLN B 225 5.94 46.85 -18.91
N GLY B 226 5.79 46.45 -20.17
CA GLY B 226 5.52 45.06 -20.51
C GLY B 226 4.07 44.91 -20.90
N PHE B 227 3.81 44.26 -22.02
CA PHE B 227 2.45 44.03 -22.44
C PHE B 227 2.21 42.56 -22.81
N GLY B 228 3.04 41.67 -22.26
CA GLY B 228 2.75 40.25 -22.29
C GLY B 228 1.56 39.88 -21.42
N ASN B 229 1.45 38.60 -21.09
CA ASN B 229 0.35 38.13 -20.29
C ASN B 229 0.15 38.99 -19.02
N VAL B 230 1.22 39.20 -18.26
CA VAL B 230 1.16 39.92 -16.99
C VAL B 230 0.71 41.38 -17.16
N GLY B 231 1.43 42.11 -18.01
CA GLY B 231 1.20 43.56 -18.14
C GLY B 231 -0.15 43.95 -18.66
N ASN B 232 -0.67 43.15 -19.61
CA ASN B 232 -1.95 43.43 -20.25
C ASN B 232 -3.14 42.96 -19.41
N ALA B 233 -2.94 41.90 -18.62
CA ALA B 233 -3.97 41.56 -17.62
C ALA B 233 -4.03 42.64 -16.52
N ALA B 234 -2.86 43.18 -16.16
CA ALA B 234 -2.74 44.25 -15.18
C ALA B 234 -3.38 45.54 -15.71
N ALA B 235 -3.14 45.85 -16.98
CA ALA B 235 -3.77 46.99 -17.64
C ALA B 235 -5.29 46.90 -17.62
N ARG B 236 -5.83 45.76 -18.03
CA ARG B 236 -7.28 45.59 -18.08
C ARG B 236 -7.92 45.76 -16.72
N ALA B 237 -7.23 45.30 -15.68
CA ALA B 237 -7.78 45.30 -14.33
C ALA B 237 -7.82 46.71 -13.75
N PHE B 238 -6.77 47.48 -14.02
CA PHE B 238 -6.77 48.89 -13.66
C PHE B 238 -7.95 49.62 -14.33
N HIS B 239 -8.01 49.56 -15.67
CA HIS B 239 -9.08 50.24 -16.43
C HIS B 239 -10.49 49.86 -15.96
N ASP B 240 -10.70 48.57 -15.68
CA ASP B 240 -12.00 48.08 -15.24
C ASP B 240 -12.41 48.54 -13.85
N HIS B 241 -11.44 48.95 -13.03
CA HIS B 241 -11.76 49.51 -11.70
C HIS B 241 -11.70 51.05 -11.73
N GLY B 242 -11.69 51.60 -12.96
CA GLY B 242 -11.87 53.03 -13.19
C GLY B 242 -10.64 53.91 -13.33
N ALA B 243 -9.46 53.31 -13.48
CA ALA B 243 -8.22 54.05 -13.60
C ALA B 243 -7.95 54.29 -15.07
N ARG B 244 -6.89 55.06 -15.33
CA ARG B 244 -6.47 55.41 -16.68
C ARG B 244 -5.08 54.88 -16.93
N VAL B 245 -4.94 54.03 -17.96
CA VAL B 245 -3.63 53.61 -18.42
C VAL B 245 -3.14 54.70 -19.38
N VAL B 246 -2.13 55.46 -18.93
CA VAL B 246 -1.61 56.59 -19.70
C VAL B 246 -0.42 56.20 -20.54
N ALA B 247 0.34 55.21 -20.11
CA ALA B 247 1.53 54.80 -20.85
C ALA B 247 1.85 53.31 -20.76
N VAL B 248 2.40 52.77 -21.85
CA VAL B 248 2.87 51.40 -21.93
C VAL B 248 4.20 51.34 -22.68
N GLN B 249 5.25 50.83 -22.03
CA GLN B 249 6.55 50.60 -22.67
C GLN B 249 6.75 49.12 -23.00
N ASP B 250 7.36 48.88 -24.15
CA ASP B 250 7.46 47.56 -24.79
C ASP B 250 8.86 47.38 -25.34
N HIS B 251 9.12 46.24 -26.00
CA HIS B 251 10.36 46.11 -26.78
C HIS B 251 10.34 47.01 -28.03
N THR B 252 9.14 47.26 -28.55
CA THR B 252 8.94 48.14 -29.71
C THR B 252 8.69 49.60 -29.29
N GLY B 253 9.21 50.00 -28.13
CA GLY B 253 9.09 51.38 -27.68
C GLY B 253 7.87 51.75 -26.85
N THR B 254 7.64 53.05 -26.68
CA THR B 254 6.67 53.57 -25.73
C THR B 254 5.59 54.47 -26.34
N VAL B 255 4.37 54.34 -25.82
CA VAL B 255 3.23 55.17 -26.22
C VAL B 255 2.61 55.92 -25.01
N TYR B 256 2.10 57.13 -25.28
CA TYR B 256 1.58 57.98 -24.20
C TYR B 256 0.38 58.84 -24.64
N ASN B 257 -0.75 58.64 -23.96
CA ASN B 257 -1.90 59.52 -24.08
C ASN B 257 -2.50 59.79 -22.71
N GLU B 258 -2.28 61.01 -22.21
CA GLU B 258 -2.73 61.46 -20.88
C GLU B 258 -4.23 61.26 -20.61
N ALA B 259 -5.08 61.43 -21.63
CA ALA B 259 -6.52 61.21 -21.52
C ALA B 259 -6.87 59.75 -21.24
N GLY B 260 -5.94 58.85 -21.53
CA GLY B 260 -6.11 57.42 -21.26
C GLY B 260 -5.98 56.56 -22.52
N ILE B 261 -5.56 55.32 -22.32
CA ILE B 261 -5.55 54.31 -23.38
C ILE B 261 -6.49 53.19 -22.97
N ASP B 262 -7.30 52.75 -23.92
CA ASP B 262 -8.13 51.58 -23.79
C ASP B 262 -7.23 50.37 -24.03
N PRO B 263 -7.03 49.53 -22.99
CA PRO B 263 -6.13 48.38 -23.10
C PRO B 263 -6.63 47.27 -24.01
N TYR B 264 -7.95 47.17 -24.20
CA TYR B 264 -8.51 46.17 -25.11
C TYR B 264 -8.15 46.46 -26.58
N ASP B 265 -8.30 47.72 -27.00
CA ASP B 265 -7.90 48.17 -28.34
C ASP B 265 -6.39 48.10 -28.55
N LEU B 266 -5.65 48.35 -27.47
CA LEU B 266 -4.21 48.28 -27.51
C LEU B 266 -3.76 46.84 -27.71
N LEU B 267 -4.53 45.92 -27.12
CA LEU B 267 -4.27 44.49 -27.25
C LEU B 267 -4.56 44.01 -28.69
N ARG B 268 -5.63 44.54 -29.29
CA ARG B 268 -5.94 44.29 -30.71
C ARG B 268 -4.73 44.60 -31.56
N HIS B 269 -4.18 45.81 -31.37
CA HIS B 269 -2.99 46.27 -32.06
C HIS B 269 -1.79 45.37 -31.82
N VAL B 270 -1.50 45.05 -30.55
CA VAL B 270 -0.33 44.23 -30.18
C VAL B 270 -0.32 42.84 -30.85
N GLN B 271 -1.50 42.38 -31.27
CA GLN B 271 -1.63 41.08 -31.90
C GLN B 271 -1.87 41.23 -33.42
N GLU B 272 -1.58 42.42 -33.92
CA GLU B 272 -1.45 42.66 -35.36
C GLU B 272 0.03 42.88 -35.68
N PHE B 273 0.73 43.62 -34.82
CA PHE B 273 2.10 44.09 -35.09
C PHE B 273 3.23 43.49 -34.23
N GLY B 274 2.91 42.52 -33.37
CA GLY B 274 3.91 41.85 -32.53
C GLY B 274 4.56 42.72 -31.44
N GLY B 275 4.12 43.98 -31.38
CA GLY B 275 4.61 44.98 -30.41
C GLY B 275 3.66 46.15 -30.31
N VAL B 276 4.05 47.19 -29.59
CA VAL B 276 3.17 48.34 -29.31
C VAL B 276 3.43 49.60 -30.19
N ARG B 277 4.59 49.62 -30.86
CA ARG B 277 5.05 50.75 -31.69
C ARG B 277 3.93 51.30 -32.59
N GLY B 278 3.83 52.64 -32.61
CA GLY B 278 2.86 53.35 -33.43
C GLY B 278 1.43 52.88 -33.25
N TYR B 279 0.89 53.09 -32.06
CA TYR B 279 -0.51 52.80 -31.78
C TYR B 279 -1.29 54.05 -32.19
N PRO B 280 -2.18 53.92 -33.19
CA PRO B 280 -2.96 55.03 -33.76
C PRO B 280 -3.51 56.02 -32.72
N LYS B 281 -4.12 55.51 -31.65
CA LYS B 281 -4.85 56.36 -30.70
C LYS B 281 -3.95 56.93 -29.57
N ALA B 282 -2.63 56.94 -29.78
CA ALA B 282 -1.70 57.56 -28.83
C ALA B 282 -0.34 57.88 -29.45
N GLU B 283 0.25 58.99 -29.03
CA GLU B 283 1.55 59.47 -29.55
C GLU B 283 2.76 58.70 -28.99
N PRO B 284 3.87 58.62 -29.76
CA PRO B 284 5.08 57.95 -29.24
C PRO B 284 5.85 58.79 -28.20
N LEU B 285 6.70 58.12 -27.44
CA LEU B 285 7.50 58.78 -26.40
C LEU B 285 8.84 58.06 -26.24
N PRO B 286 9.94 58.84 -26.11
CA PRO B 286 11.28 58.28 -25.93
C PRO B 286 11.35 57.37 -24.72
N ALA B 287 11.94 56.19 -24.91
CA ALA B 287 12.05 55.16 -23.88
C ALA B 287 12.38 55.70 -22.48
N ALA B 288 13.30 56.68 -22.42
CA ALA B 288 13.76 57.20 -21.14
C ALA B 288 12.70 58.01 -20.36
N ASP B 289 11.87 58.79 -21.05
CA ASP B 289 10.88 59.68 -20.41
C ASP B 289 9.74 58.93 -19.71
N PHE B 290 9.58 57.66 -20.06
CA PHE B 290 8.58 56.78 -19.47
C PHE B 290 8.66 56.82 -17.94
N TRP B 291 9.88 56.77 -17.40
CA TRP B 291 10.11 56.61 -15.97
C TRP B 291 9.71 57.78 -15.09
N GLY B 292 9.86 59.00 -15.62
CA GLY B 292 9.56 60.23 -14.89
C GLY B 292 8.21 60.82 -15.23
N LEU B 293 7.33 60.00 -15.80
CA LEU B 293 5.97 60.40 -16.11
C LEU B 293 5.12 60.58 -14.83
N PRO B 294 4.31 61.66 -14.77
CA PRO B 294 3.46 61.84 -13.58
C PRO B 294 2.31 60.81 -13.51
N VAL B 295 2.43 59.85 -12.59
CA VAL B 295 1.50 58.70 -12.50
C VAL B 295 1.30 58.36 -11.03
N GLU B 296 0.22 57.68 -10.71
CA GLU B 296 0.02 57.20 -9.34
C GLU B 296 0.57 55.78 -9.16
N PHE B 297 0.54 55.01 -10.25
CA PHE B 297 0.95 53.61 -10.29
C PHE B 297 1.97 53.32 -11.39
N LEU B 298 3.04 52.63 -11.01
CA LEU B 298 3.98 52.14 -12.00
C LEU B 298 4.11 50.65 -11.84
N VAL B 299 3.91 49.94 -12.94
CA VAL B 299 3.88 48.49 -12.96
C VAL B 299 4.94 47.98 -13.93
N PRO B 300 6.16 47.67 -13.45
CA PRO B 300 7.14 47.00 -14.30
C PRO B 300 6.78 45.53 -14.41
N ALA B 301 6.50 45.10 -15.63
CA ALA B 301 6.00 43.75 -15.87
C ALA B 301 6.74 43.15 -17.08
N ALA B 302 8.00 43.51 -17.21
CA ALA B 302 8.81 43.09 -18.36
C ALA B 302 10.11 42.45 -17.87
N LEU B 303 11.24 43.08 -18.16
CA LEU B 303 12.54 42.51 -17.85
C LEU B 303 13.01 42.83 -16.41
N GLU B 304 14.13 42.20 -16.03
CA GLU B 304 14.83 42.46 -14.78
C GLU B 304 15.48 43.83 -14.83
N LYS B 305 15.76 44.40 -13.66
CA LYS B 305 16.68 45.53 -13.52
C LYS B 305 16.31 46.71 -14.43
N GLN B 306 15.06 47.14 -14.33
CA GLN B 306 14.52 48.22 -15.14
C GLN B 306 14.44 49.54 -14.35
N ILE B 307 14.34 49.41 -13.03
CA ILE B 307 14.43 50.55 -12.12
C ILE B 307 15.77 50.48 -11.37
N THR B 308 16.58 51.53 -11.55
CA THR B 308 17.98 51.57 -11.10
C THR B 308 18.39 52.94 -10.55
N GLU B 309 19.59 53.00 -9.96
CA GLU B 309 20.28 54.26 -9.70
C GLU B 309 20.09 55.31 -10.80
N GLN B 310 20.07 54.84 -12.05
CA GLN B 310 20.03 55.73 -13.22
C GLN B 310 18.67 56.40 -13.50
N ASN B 311 17.57 55.77 -13.08
CA ASN B 311 16.22 56.34 -13.31
C ASN B 311 15.32 56.55 -12.08
N ALA B 312 15.75 56.05 -10.93
CA ALA B 312 14.91 56.00 -9.72
C ALA B 312 14.58 57.36 -9.10
N TRP B 313 15.42 58.35 -9.37
CA TRP B 313 15.14 59.71 -8.91
C TRP B 313 14.04 60.36 -9.72
N ARG B 314 13.90 60.01 -10.99
CA ARG B 314 12.84 60.57 -11.84
C ARG B 314 11.42 60.09 -11.50
N ILE B 315 11.31 58.92 -10.87
CA ILE B 315 10.01 58.27 -10.69
C ILE B 315 9.04 59.08 -9.80
N ARG B 316 7.95 59.54 -10.41
CA ARG B 316 6.94 60.34 -9.75
C ARG B 316 5.79 59.47 -9.20
N ALA B 317 5.94 58.14 -9.30
CA ALA B 317 4.87 57.23 -8.89
C ALA B 317 4.75 57.15 -7.37
N ARG B 318 3.53 56.96 -6.88
CA ARG B 318 3.30 56.73 -5.45
C ARG B 318 3.44 55.26 -5.09
N ILE B 319 2.96 54.39 -5.98
CA ILE B 319 3.06 52.93 -5.78
C ILE B 319 3.71 52.30 -6.99
N VAL B 320 4.73 51.48 -6.73
CA VAL B 320 5.30 50.58 -7.73
C VAL B 320 4.87 49.17 -7.37
N ALA B 321 4.14 48.51 -8.28
CA ALA B 321 3.73 47.12 -8.07
C ALA B 321 4.38 46.22 -9.11
N GLU B 322 5.20 45.28 -8.63
CA GLU B 322 6.07 44.53 -9.51
C GLU B 322 5.40 43.32 -10.13
N GLY B 323 5.08 43.43 -11.42
CA GLY B 323 4.64 42.30 -12.24
C GLY B 323 5.75 41.31 -12.53
N ALA B 324 6.93 41.80 -12.90
CA ALA B 324 8.11 40.96 -13.14
C ALA B 324 8.81 40.57 -11.84
N ASN B 325 9.63 39.53 -11.89
CA ASN B 325 10.58 39.28 -10.81
C ASN B 325 11.78 40.21 -10.94
N GLY B 326 12.20 40.81 -9.81
CA GLY B 326 13.42 41.62 -9.72
C GLY B 326 13.52 42.78 -10.70
N PRO B 327 12.44 43.57 -10.90
CA PRO B 327 12.56 44.66 -11.87
C PRO B 327 13.29 45.89 -11.33
N THR B 328 13.59 45.89 -10.02
CA THR B 328 14.23 47.05 -9.43
C THR B 328 15.44 46.66 -8.56
N THR B 329 16.54 47.38 -8.70
CA THR B 329 17.77 46.99 -8.02
C THR B 329 17.72 47.42 -6.55
N PRO B 330 18.55 46.79 -5.71
CA PRO B 330 18.68 47.27 -4.33
C PRO B 330 18.99 48.78 -4.24
N ALA B 331 19.76 49.30 -5.19
CA ALA B 331 20.13 50.72 -5.19
C ALA B 331 18.89 51.61 -5.35
N ALA B 332 17.94 51.15 -6.17
CA ALA B 332 16.70 51.86 -6.44
C ALA B 332 15.66 51.65 -5.33
N ASP B 333 15.79 50.54 -4.60
CA ASP B 333 14.92 50.30 -3.44
C ASP B 333 15.13 51.41 -2.43
N ASP B 334 16.39 51.69 -2.13
CA ASP B 334 16.78 52.69 -1.15
C ASP B 334 16.37 54.09 -1.58
N ILE B 335 16.52 54.40 -2.87
CA ILE B 335 16.11 55.68 -3.40
C ILE B 335 14.58 55.83 -3.30
N LEU B 336 13.84 54.88 -3.86
CA LEU B 336 12.36 54.91 -3.79
C LEU B 336 11.81 54.90 -2.36
N LEU B 337 12.40 54.12 -1.47
CA LEU B 337 12.05 54.19 -0.07
C LEU B 337 12.24 55.60 0.48
N GLU B 338 13.35 56.22 0.09
CA GLU B 338 13.70 57.55 0.55
C GLU B 338 12.77 58.61 -0.02
N LYS B 339 12.33 58.39 -1.25
CA LYS B 339 11.38 59.30 -1.89
C LYS B 339 9.95 59.17 -1.36
N GLY B 340 9.70 58.18 -0.49
CA GLY B 340 8.34 57.89 -0.05
C GLY B 340 7.50 57.16 -1.09
N VAL B 341 8.12 56.54 -2.09
CA VAL B 341 7.35 55.66 -2.96
C VAL B 341 7.11 54.26 -2.35
N LEU B 342 5.88 53.79 -2.46
CA LEU B 342 5.51 52.49 -1.92
C LEU B 342 5.82 51.39 -2.97
N VAL B 343 6.67 50.43 -2.62
CA VAL B 343 7.04 49.38 -3.55
C VAL B 343 6.50 48.04 -3.12
N VAL B 344 5.59 47.49 -3.94
CA VAL B 344 4.95 46.25 -3.62
C VAL B 344 5.81 45.17 -4.25
N PRO B 345 6.45 44.36 -3.40
CA PRO B 345 7.45 43.41 -3.87
C PRO B 345 6.86 42.32 -4.78
N ASP B 346 7.68 41.85 -5.71
CA ASP B 346 7.32 40.83 -6.66
C ASP B 346 6.78 39.55 -6.00
N VAL B 347 7.45 39.14 -4.93
CA VAL B 347 7.16 37.89 -4.26
C VAL B 347 5.71 37.84 -3.80
N ILE B 348 5.09 38.98 -3.52
CA ILE B 348 3.63 38.95 -3.34
C ILE B 348 2.87 39.58 -4.50
N ALA B 349 3.36 40.67 -5.08
CA ALA B 349 2.62 41.32 -6.17
C ALA B 349 2.34 40.43 -7.40
N ASN B 350 3.26 39.53 -7.76
CA ASN B 350 3.03 38.61 -8.89
C ASN B 350 2.65 37.17 -8.50
N ALA B 351 2.07 37.00 -7.32
CA ALA B 351 1.78 35.66 -6.82
C ALA B 351 0.39 35.14 -7.19
N GLY B 352 -0.26 35.78 -8.17
CA GLY B 352 -1.57 35.35 -8.62
C GLY B 352 -1.50 34.03 -9.35
N GLY B 353 -0.51 33.93 -10.24
CA GLY B 353 -0.23 32.67 -10.93
C GLY B 353 -0.10 31.53 -9.94
N VAL B 354 0.70 31.73 -8.90
CA VAL B 354 0.98 30.65 -7.96
C VAL B 354 -0.26 30.35 -7.08
N THR B 355 -1.06 31.39 -6.84
CA THR B 355 -2.33 31.25 -6.13
C THR B 355 -3.37 30.41 -6.92
N VAL B 356 -3.48 30.63 -8.22
CA VAL B 356 -4.51 29.92 -8.97
C VAL B 356 -4.11 28.48 -9.24
N SER B 357 -2.81 28.21 -9.26
CA SER B 357 -2.40 26.83 -9.37
C SER B 357 -2.66 26.08 -8.05
N TYR B 358 -2.62 26.80 -6.94
CA TYR B 358 -3.11 26.27 -5.68
C TYR B 358 -4.60 25.98 -5.82
N PHE B 359 -5.35 26.91 -6.41
CA PHE B 359 -6.79 26.68 -6.64
C PHE B 359 -7.08 25.41 -7.49
N GLU B 360 -6.28 25.20 -8.53
CA GLU B 360 -6.40 24.01 -9.36
C GLU B 360 -6.21 22.74 -8.50
N TRP B 361 -5.29 22.81 -7.54
CA TRP B 361 -4.99 21.69 -6.69
C TRP B 361 -6.20 21.41 -5.78
N VAL B 362 -6.78 22.46 -5.21
CA VAL B 362 -7.98 22.30 -4.36
C VAL B 362 -9.16 21.68 -5.13
N GLN B 363 -9.44 22.21 -6.31
CA GLN B 363 -10.56 21.76 -7.12
C GLN B 363 -10.41 20.31 -7.51
N ASP B 364 -9.17 19.94 -7.83
CA ASP B 364 -8.81 18.60 -8.23
C ASP B 364 -8.99 17.56 -7.13
N PHE B 365 -9.06 18.00 -5.87
CA PHE B 365 -9.27 17.04 -4.79
CA PHE B 365 -9.28 17.04 -4.79
C PHE B 365 -10.53 16.22 -5.05
N ASN B 366 -11.59 16.89 -5.48
CA ASN B 366 -12.84 16.21 -5.68
C ASN B 366 -13.42 16.53 -7.05
N SER B 367 -12.57 17.05 -7.92
CA SER B 367 -12.99 17.43 -9.27
C SER B 367 -14.24 18.27 -9.26
N TYR B 368 -14.18 19.39 -8.53
CA TYR B 368 -15.29 20.33 -8.45
C TYR B 368 -14.76 21.73 -8.80
N PHE B 369 -15.17 22.22 -9.95
CA PHE B 369 -14.51 23.35 -10.57
C PHE B 369 -15.27 24.65 -10.42
N TRP B 370 -14.53 25.67 -10.01
CA TRP B 370 -15.10 26.98 -9.83
C TRP B 370 -15.28 27.78 -11.11
N THR B 371 -16.13 28.78 -11.01
CA THR B 371 -16.37 29.73 -12.07
C THR B 371 -15.30 30.81 -12.04
N GLU B 372 -15.12 31.42 -13.20
CA GLU B 372 -14.28 32.60 -13.34
C GLU B 372 -14.47 33.53 -12.16
N GLU B 373 -15.73 33.86 -11.86
CA GLU B 373 -16.03 34.80 -10.76
C GLU B 373 -15.58 34.32 -9.39
N GLU B 374 -15.83 33.05 -9.07
CA GLU B 374 -15.34 32.46 -7.81
C GLU B 374 -13.81 32.44 -7.77
N ILE B 375 -13.18 32.16 -8.91
CA ILE B 375 -11.73 32.22 -8.97
C ILE B 375 -11.24 33.61 -8.55
N ASN B 376 -11.76 34.66 -9.18
CA ASN B 376 -11.30 36.01 -8.90
C ASN B 376 -11.61 36.46 -7.47
N ALA B 377 -12.78 36.12 -6.95
CA ALA B 377 -13.09 36.45 -5.57
C ALA B 377 -12.17 35.78 -4.55
N ARG B 378 -11.74 34.56 -4.83
CA ARG B 378 -10.91 33.84 -3.86
C ARG B 378 -9.47 34.33 -3.97
N LEU B 379 -9.10 34.76 -5.19
CA LEU B 379 -7.81 35.36 -5.45
C LEU B 379 -7.65 36.65 -4.68
N GLU B 380 -8.70 37.47 -4.70
CA GLU B 380 -8.72 38.72 -3.99
C GLU B 380 -8.49 38.52 -2.50
N ARG B 381 -9.24 37.60 -1.91
CA ARG B 381 -9.09 37.28 -0.51
C ARG B 381 -7.65 36.82 -0.20
N VAL B 382 -7.11 35.91 -0.99
CA VAL B 382 -5.80 35.39 -0.70
C VAL B 382 -4.72 36.45 -0.84
N LEU B 383 -4.83 37.32 -1.86
CA LEU B 383 -3.82 38.38 -2.04
C LEU B 383 -3.93 39.58 -1.08
N ARG B 384 -5.15 39.97 -0.72
CA ARG B 384 -5.34 41.01 0.28
C ARG B 384 -4.79 40.55 1.63
N ASN B 385 -5.10 39.31 2.02
CA ASN B 385 -4.61 38.78 3.29
C ASN B 385 -3.11 38.78 3.31
N ALA B 386 -2.50 38.39 2.19
CA ALA B 386 -1.05 38.33 2.09
C ALA B 386 -0.47 39.73 2.29
N PHE B 387 -0.93 40.69 1.48
CA PHE B 387 -0.47 42.08 1.60
C PHE B 387 -0.60 42.64 3.02
N GLU B 388 -1.77 42.42 3.62
CA GLU B 388 -2.08 42.90 4.96
C GLU B 388 -1.10 42.33 5.98
N ALA B 389 -0.83 41.04 5.90
CA ALA B 389 0.13 40.40 6.79
C ALA B 389 1.52 41.03 6.65
N VAL B 390 1.92 41.36 5.40
CA VAL B 390 3.25 41.95 5.12
C VAL B 390 3.30 43.40 5.63
N TRP B 391 2.22 44.13 5.37
CA TRP B 391 2.06 45.52 5.79
C TRP B 391 2.22 45.60 7.31
N GLN B 392 1.47 44.77 8.02
CA GLN B 392 1.55 44.67 9.47
C GLN B 392 3.00 44.49 9.93
N VAL B 393 3.71 43.55 9.32
CA VAL B 393 5.10 43.27 9.70
C VAL B 393 6.08 44.42 9.40
N ALA B 394 5.84 45.15 8.30
CA ALA B 394 6.62 46.36 7.95
C ALA B 394 6.49 47.46 8.99
N GLN B 395 5.27 47.67 9.47
CA GLN B 395 5.00 48.62 10.56
C GLN B 395 5.61 48.18 11.88
N GLU B 396 5.48 46.90 12.24
CA GLU B 396 5.93 46.41 13.53
C GLU B 396 7.45 46.45 13.60
N LYS B 397 8.10 45.93 12.56
CA LYS B 397 9.56 45.84 12.55
C LYS B 397 10.26 47.03 11.85
N LYS B 398 9.46 47.99 11.36
CA LYS B 398 10.00 49.25 10.76
C LYS B 398 10.91 48.96 9.57
N ILE B 399 10.40 48.15 8.65
CA ILE B 399 11.19 47.71 7.50
C ILE B 399 10.41 47.92 6.22
N PRO B 400 11.08 47.86 5.06
CA PRO B 400 10.35 48.06 3.80
C PRO B 400 9.55 46.81 3.46
N LEU B 401 8.42 47.00 2.78
CA LEU B 401 7.61 45.88 2.31
C LEU B 401 8.37 44.68 1.75
N ARG B 402 9.38 44.91 0.90
CA ARG B 402 10.23 43.85 0.34
C ARG B 402 10.82 42.94 1.44
N THR B 403 11.53 43.54 2.39
CA THR B 403 12.07 42.81 3.53
C THR B 403 10.92 42.18 4.32
N ALA B 404 9.82 42.89 4.48
CA ALA B 404 8.67 42.37 5.24
C ALA B 404 8.09 41.08 4.65
N ALA B 405 8.12 40.95 3.32
CA ALA B 405 7.59 39.75 2.67
C ALA B 405 8.45 38.53 2.99
N TYR B 406 9.76 38.73 3.03
CA TYR B 406 10.68 37.65 3.23
C TYR B 406 10.65 37.21 4.68
N VAL B 407 10.37 38.16 5.57
CA VAL B 407 10.30 37.89 7.00
C VAL B 407 9.02 37.13 7.30
N VAL B 408 7.94 37.48 6.63
CA VAL B 408 6.70 36.75 6.83
C VAL B 408 6.84 35.31 6.34
N ALA B 409 7.36 35.15 5.13
CA ALA B 409 7.71 33.82 4.60
C ALA B 409 8.52 32.96 5.60
N ALA B 410 9.70 33.45 6.00
CA ALA B 410 10.58 32.70 6.89
C ALA B 410 9.96 32.45 8.25
N THR B 411 9.24 33.44 8.75
CA THR B 411 8.56 33.27 10.03
C THR B 411 7.57 32.13 9.93
N ARG B 412 6.76 32.12 8.87
CA ARG B 412 5.72 31.11 8.76
C ARG B 412 6.26 29.70 8.71
N VAL B 413 7.27 29.49 7.87
CA VAL B 413 7.93 28.22 7.67
C VAL B 413 8.57 27.75 8.96
N LEU B 414 9.43 28.57 9.54
CA LEU B 414 10.05 28.23 10.81
C LEU B 414 9.06 27.96 11.95
N GLU B 415 7.98 28.74 11.99
CA GLU B 415 6.91 28.49 12.97
C GLU B 415 6.35 27.07 12.78
N ALA B 416 6.05 26.70 11.54
CA ALA B 416 5.56 25.32 11.30
C ALA B 416 6.57 24.26 11.76
N ARG B 417 7.84 24.48 11.48
CA ARG B 417 8.93 23.64 11.94
C ARG B 417 9.03 23.55 13.49
N ALA B 418 8.91 24.68 14.17
CA ALA B 418 8.99 24.72 15.64
C ALA B 418 7.86 23.92 16.29
N LEU B 419 6.64 24.08 15.78
CA LEU B 419 5.48 23.39 16.28
C LEU B 419 5.57 21.91 16.03
N ARG B 420 5.95 21.51 14.82
CA ARG B 420 5.98 20.10 14.50
C ARG B 420 7.10 19.33 15.17
N GLY B 421 8.24 20.01 15.34
CA GLY B 421 9.37 19.49 16.09
C GLY B 421 10.31 18.74 15.15
N LEU B 422 11.44 18.29 15.71
CA LEU B 422 12.40 17.47 15.02
C LEU B 422 12.06 15.98 15.25
N TYR B 423 11.70 15.28 14.17
CA TYR B 423 11.35 13.87 14.24
C TYR B 423 11.38 13.28 12.85
N PRO B 424 11.99 12.09 12.69
CA PRO B 424 12.79 11.31 13.67
C PRO B 424 14.17 11.93 14.00
N LYS C 4 8.49 -2.62 35.61
CA LYS C 4 7.96 -3.17 36.89
C LYS C 4 6.65 -2.49 37.29
N ALA C 5 5.50 -3.05 36.93
CA ALA C 5 5.31 -4.05 35.87
C ALA C 5 3.88 -3.87 35.39
N TYR C 6 3.61 -4.19 34.13
CA TYR C 6 2.22 -4.18 33.65
C TYR C 6 1.36 -4.95 34.63
N ARG C 7 0.19 -4.39 34.94
CA ARG C 7 -0.77 -5.05 35.81
C ARG C 7 -1.99 -5.44 34.98
N PRO C 8 -2.29 -6.74 34.85
CA PRO C 8 -3.53 -7.12 34.17
C PRO C 8 -4.71 -6.80 35.05
N PRO C 9 -5.74 -6.17 34.47
CA PRO C 9 -6.92 -5.68 35.18
C PRO C 9 -7.71 -6.80 35.87
N GLU C 10 -7.72 -8.00 35.28
CA GLU C 10 -8.29 -9.19 35.91
C GLU C 10 -7.50 -10.43 35.53
N ASP C 11 -7.74 -11.53 36.24
CA ASP C 11 -7.09 -12.84 35.95
C ASP C 11 -5.52 -12.73 35.84
N PRO C 12 -4.85 -12.12 36.86
CA PRO C 12 -3.38 -11.87 36.84
C PRO C 12 -2.51 -13.13 36.94
N GLY C 13 -3.12 -14.24 37.32
CA GLY C 13 -2.42 -15.49 37.59
C GLY C 13 -1.21 -15.84 36.75
N LEU C 14 -1.43 -16.10 35.47
CA LEU C 14 -0.35 -16.54 34.59
C LEU C 14 0.71 -15.46 34.38
N TRP C 15 0.30 -14.20 34.36
CA TRP C 15 1.23 -13.08 34.23
C TRP C 15 2.08 -12.97 35.51
N ASP C 16 1.46 -13.06 36.68
CA ASP C 16 2.18 -13.09 37.95
C ASP C 16 3.24 -14.20 38.05
N THR C 17 2.88 -15.43 37.65
CA THR C 17 3.82 -16.54 37.56
C THR C 17 5.03 -16.22 36.66
N TYR C 18 4.74 -15.78 35.42
CA TYR C 18 5.76 -15.26 34.53
C TYR C 18 6.60 -14.22 35.26
N LEU C 19 5.97 -13.16 35.76
CA LEU C 19 6.68 -12.18 36.56
C LEU C 19 7.59 -12.80 37.60
N GLU C 20 7.06 -13.73 38.40
CA GLU C 20 7.79 -14.36 39.50
C GLU C 20 9.05 -15.10 39.04
N TRP C 21 8.97 -15.78 37.90
CA TRP C 21 10.11 -16.50 37.33
C TRP C 21 11.17 -15.52 36.83
N LEU C 22 10.69 -14.42 36.25
CA LEU C 22 11.54 -13.36 35.75
C LEU C 22 12.36 -12.75 36.90
N GLU C 23 11.69 -12.46 38.01
CA GLU C 23 12.33 -11.94 39.23
C GLU C 23 13.44 -12.87 39.75
N ARG C 24 13.19 -14.18 39.74
CA ARG C 24 14.17 -15.18 40.15
C ARG C 24 15.34 -15.25 39.19
N ALA C 25 15.06 -15.12 37.89
CA ALA C 25 16.11 -15.26 36.89
C ALA C 25 17.05 -14.04 36.76
N LEU C 26 16.54 -12.84 37.05
CA LEU C 26 17.34 -11.59 37.13
C LEU C 26 18.54 -11.66 38.06
N LYS C 27 18.39 -12.41 39.14
CA LYS C 27 19.47 -12.58 40.10
C LYS C 27 20.57 -13.48 39.51
N VAL C 28 20.26 -14.24 38.46
CA VAL C 28 21.28 -15.17 37.92
C VAL C 28 21.70 -14.89 36.48
N ALA C 29 21.23 -13.78 35.93
CA ALA C 29 21.44 -13.53 34.51
C ALA C 29 21.78 -12.08 34.24
N GLY C 30 22.70 -11.87 33.31
CA GLY C 30 23.04 -10.53 32.86
C GLY C 30 21.90 -9.97 32.03
N VAL C 31 21.08 -9.11 32.66
CA VAL C 31 19.99 -8.40 31.97
C VAL C 31 20.00 -6.93 32.30
N HIS C 32 20.00 -6.08 31.28
CA HIS C 32 20.04 -4.65 31.49
C HIS C 32 18.62 -4.09 31.79
N PRO C 33 18.52 -3.04 32.62
CA PRO C 33 17.23 -2.45 32.99
C PRO C 33 16.22 -2.27 31.84
N THR C 34 16.71 -1.81 30.69
CA THR C 34 15.83 -1.53 29.57
C THR C 34 15.09 -2.80 29.09
N THR C 35 15.86 -3.86 28.85
CA THR C 35 15.32 -5.18 28.54
C THR C 35 14.24 -5.58 29.53
N LEU C 36 14.53 -5.35 30.81
CA LEU C 36 13.64 -5.70 31.90
C LEU C 36 12.30 -5.00 31.76
N GLU C 37 12.40 -3.71 31.51
CA GLU C 37 11.26 -2.87 31.34
C GLU C 37 10.40 -3.41 30.20
N TYR C 38 11.04 -3.78 29.10
CA TYR C 38 10.30 -4.26 27.94
C TYR C 38 9.64 -5.58 28.28
N LEU C 39 10.37 -6.45 28.97
CA LEU C 39 9.84 -7.79 29.23
C LEU C 39 8.68 -7.73 30.24
N ALA C 40 8.68 -6.70 31.07
CA ALA C 40 7.64 -6.56 32.07
C ALA C 40 6.42 -5.79 31.60
N HIS C 41 6.38 -5.38 30.33
CA HIS C 41 5.21 -4.69 29.79
C HIS C 41 4.91 -5.17 28.35
N PRO C 42 3.78 -5.87 28.15
CA PRO C 42 3.42 -6.36 26.80
C PRO C 42 3.26 -5.19 25.83
N LYS C 43 3.84 -5.32 24.63
CA LYS C 43 3.80 -4.24 23.65
C LYS C 43 2.37 -3.74 23.43
N ARG C 44 1.44 -4.64 23.07
CA ARG C 44 0.00 -4.27 23.05
C ARG C 44 -1.04 -5.38 23.29
N LEU C 45 -2.19 -4.92 23.75
CA LEU C 45 -3.24 -5.77 24.19
C LEU C 45 -4.48 -5.30 23.48
N VAL C 46 -5.03 -6.18 22.63
CA VAL C 46 -6.20 -5.87 21.85
C VAL C 46 -7.40 -6.69 22.35
N THR C 47 -8.47 -5.99 22.73
CA THR C 47 -9.74 -6.62 23.03
C THR C 47 -10.63 -6.32 21.85
N LEU C 48 -11.19 -7.37 21.23
CA LEU C 48 -12.08 -7.24 20.08
C LEU C 48 -13.48 -7.66 20.43
N SER C 49 -14.45 -6.94 19.88
CA SER C 49 -15.82 -7.40 19.87
C SER C 49 -16.06 -8.07 18.54
N LEU C 50 -16.67 -9.25 18.58
CA LEU C 50 -16.85 -10.09 17.43
C LEU C 50 -18.33 -10.37 17.15
N PRO C 51 -18.98 -9.51 16.33
CA PRO C 51 -20.37 -9.71 15.94
C PRO C 51 -20.46 -10.98 15.12
N VAL C 52 -21.44 -11.83 15.40
CA VAL C 52 -21.69 -13.04 14.61
C VAL C 52 -23.19 -13.27 14.44
N VAL C 53 -23.65 -13.30 13.20
CA VAL C 53 -25.05 -13.62 12.90
C VAL C 53 -25.22 -15.13 13.13
N MET C 54 -25.94 -15.46 14.20
CA MET C 54 -26.16 -16.84 14.61
C MET C 54 -27.11 -17.60 13.69
N ASP C 55 -27.19 -18.92 13.84
CA ASP C 55 -28.10 -19.70 13.00
C ASP C 55 -29.55 -19.21 13.01
N ASP C 56 -30.03 -18.76 14.16
CA ASP C 56 -31.42 -18.29 14.27
C ASP C 56 -31.59 -16.88 13.72
N GLY C 57 -30.52 -16.33 13.15
CA GLY C 57 -30.60 -15.02 12.54
C GLY C 57 -30.40 -13.83 13.46
N LYS C 58 -30.27 -14.09 14.76
CA LYS C 58 -30.01 -12.99 15.72
C LYS C 58 -28.49 -12.80 15.93
N VAL C 59 -28.09 -11.57 16.20
CA VAL C 59 -26.68 -11.24 16.33
C VAL C 59 -26.18 -11.53 17.74
N ARG C 60 -25.05 -12.20 17.84
CA ARG C 60 -24.40 -12.35 19.12
C ARG C 60 -22.96 -11.84 19.02
N ILE C 61 -22.55 -11.06 20.01
CA ILE C 61 -21.18 -10.57 20.09
C ILE C 61 -20.34 -11.39 21.06
N PHE C 62 -19.16 -11.81 20.58
CA PHE C 62 -18.20 -12.50 21.41
C PHE C 62 -17.04 -11.55 21.66
N GLN C 63 -16.22 -11.88 22.65
CA GLN C 63 -15.06 -11.09 22.96
C GLN C 63 -13.80 -11.85 22.68
N GLY C 64 -12.86 -11.21 22.00
CA GLY C 64 -11.59 -11.85 21.69
C GLY C 64 -10.41 -10.99 22.10
N TYR C 65 -9.22 -11.59 22.04
CA TYR C 65 -8.00 -10.96 22.45
C TYR C 65 -6.85 -11.27 21.50
N ARG C 66 -5.93 -10.31 21.34
CA ARG C 66 -4.63 -10.58 20.77
C ARG C 66 -3.61 -9.75 21.53
N VAL C 67 -2.66 -10.44 22.15
CA VAL C 67 -1.61 -9.78 22.88
C VAL C 67 -0.29 -10.06 22.21
N VAL C 68 0.44 -8.99 21.91
CA VAL C 68 1.82 -9.06 21.46
C VAL C 68 2.75 -8.60 22.58
N HIS C 69 3.55 -9.53 23.09
CA HIS C 69 4.37 -9.25 24.27
C HIS C 69 5.61 -8.44 23.95
N ASP C 70 6.59 -9.11 23.36
CA ASP C 70 7.90 -8.56 23.10
C ASP C 70 8.35 -9.10 21.75
N ILE C 71 9.04 -8.27 20.98
CA ILE C 71 9.22 -8.53 19.57
C ILE C 71 10.72 -8.35 19.18
N ALA C 72 11.55 -8.36 20.21
CA ALA C 72 12.98 -8.06 20.12
C ALA C 72 13.75 -9.02 19.25
N ARG C 73 13.29 -10.26 19.17
CA ARG C 73 14.02 -11.30 18.45
C ARG C 73 13.46 -11.54 17.03
N GLY C 74 12.21 -11.15 16.83
CA GLY C 74 11.57 -11.27 15.54
C GLY C 74 10.08 -11.00 15.61
N PRO C 75 9.36 -11.37 14.55
CA PRO C 75 7.94 -11.11 14.55
C PRO C 75 7.24 -11.92 15.64
N ALA C 76 6.09 -11.44 16.08
CA ALA C 76 5.36 -12.13 17.12
C ALA C 76 4.86 -13.49 16.63
N LYS C 77 5.00 -14.50 17.48
CA LYS C 77 4.42 -15.80 17.16
C LYS C 77 3.56 -16.18 18.33
N GLY C 78 2.38 -16.73 18.05
CA GLY C 78 1.53 -17.18 19.14
C GLY C 78 0.18 -17.72 18.82
N GLY C 79 -0.30 -18.55 19.75
CA GLY C 79 -1.53 -19.32 19.61
C GLY C 79 -2.82 -18.57 19.75
N VAL C 80 -3.90 -19.30 19.46
CA VAL C 80 -5.29 -18.83 19.51
C VAL C 80 -6.10 -19.87 20.33
N ARG C 81 -6.59 -19.47 21.51
CA ARG C 81 -7.48 -20.35 22.29
C ARG C 81 -8.94 -20.06 22.03
N LEU C 82 -9.76 -21.11 21.90
CA LEU C 82 -11.20 -20.98 21.88
C LEU C 82 -11.73 -21.69 23.09
N ASP C 83 -12.02 -20.96 24.15
CA ASP C 83 -12.24 -21.57 25.44
C ASP C 83 -12.99 -20.58 26.32
N PRO C 84 -13.98 -21.06 27.09
CA PRO C 84 -14.76 -20.11 27.91
C PRO C 84 -13.93 -19.48 29.03
N GLY C 85 -12.72 -20.02 29.25
CA GLY C 85 -11.84 -19.51 30.29
C GLY C 85 -10.89 -18.42 29.85
N VAL C 86 -10.94 -18.08 28.55
CA VAL C 86 -9.99 -17.15 27.95
C VAL C 86 -10.19 -15.74 28.48
N THR C 87 -9.12 -15.13 29.00
CA THR C 87 -9.19 -13.75 29.43
C THR C 87 -7.95 -13.02 28.96
N LEU C 88 -8.00 -11.71 29.12
CA LEU C 88 -6.88 -10.85 28.82
C LEU C 88 -5.67 -11.21 29.68
N GLY C 89 -5.89 -11.44 30.98
CA GLY C 89 -4.78 -11.76 31.88
C GLY C 89 -4.11 -13.06 31.45
N GLN C 90 -4.93 -14.07 31.16
CA GLN C 90 -4.42 -15.36 30.72
C GLN C 90 -3.60 -15.20 29.44
N THR C 91 -4.15 -14.44 28.50
CA THR C 91 -3.52 -14.22 27.20
C THR C 91 -2.14 -13.54 27.33
N ALA C 92 -2.05 -12.50 28.17
CA ALA C 92 -0.79 -11.82 28.43
C ALA C 92 0.28 -12.80 28.93
N GLY C 93 -0.14 -13.65 29.88
CA GLY C 93 0.78 -14.55 30.56
C GLY C 93 1.37 -15.47 29.54
N LEU C 94 0.48 -16.00 28.71
CA LEU C 94 0.87 -16.93 27.66
C LEU C 94 1.71 -16.23 26.59
N ALA C 95 1.38 -14.97 26.30
CA ALA C 95 2.16 -14.24 25.29
C ALA C 95 3.56 -14.06 25.79
N ALA C 96 3.70 -13.81 27.08
CA ALA C 96 5.00 -13.61 27.69
C ALA C 96 5.73 -14.94 27.76
N TRP C 97 4.98 -16.03 27.95
CA TRP C 97 5.59 -17.35 28.05
C TRP C 97 6.17 -17.76 26.72
N MET C 98 5.47 -17.43 25.64
CA MET C 98 5.95 -17.69 24.30
C MET C 98 7.28 -17.01 24.03
N THR C 99 7.39 -15.76 24.48
CA THR C 99 8.57 -14.99 24.29
C THR C 99 9.77 -15.74 24.86
N LEU C 100 9.57 -16.33 26.02
CA LEU C 100 10.64 -17.05 26.69
C LEU C 100 10.94 -18.36 25.99
N LYS C 101 9.88 -19.11 25.70
CA LYS C 101 9.98 -20.44 25.10
C LYS C 101 10.66 -20.36 23.73
N ALA C 102 10.31 -19.35 22.94
CA ALA C 102 10.98 -19.08 21.67
C ALA C 102 12.43 -18.73 21.86
N ALA C 103 12.75 -17.94 22.88
CA ALA C 103 14.15 -17.59 23.13
C ALA C 103 14.94 -18.82 23.56
N VAL C 104 14.34 -19.69 24.38
CA VAL C 104 14.98 -20.96 24.73
C VAL C 104 15.29 -21.81 23.49
N TYR C 105 14.35 -21.88 22.56
CA TYR C 105 14.57 -22.66 21.35
C TYR C 105 15.42 -21.95 20.32
N ASP C 106 15.91 -20.77 20.70
CA ASP C 106 16.70 -19.90 19.82
C ASP C 106 15.97 -19.64 18.50
N LEU C 107 14.70 -19.27 18.59
CA LEU C 107 13.88 -19.07 17.40
C LEU C 107 13.74 -17.60 17.06
N PRO C 108 13.66 -17.25 15.77
CA PRO C 108 13.53 -15.82 15.49
C PRO C 108 12.08 -15.31 15.66
N PHE C 109 11.49 -15.59 16.82
CA PHE C 109 10.15 -15.09 17.12
C PHE C 109 10.12 -14.25 18.39
N GLY C 110 9.19 -13.29 18.44
CA GLY C 110 8.77 -12.67 19.70
C GLY C 110 7.55 -13.46 20.13
N GLY C 111 7.00 -13.17 21.30
CA GLY C 111 5.86 -13.95 21.80
C GLY C 111 4.55 -13.21 21.67
N ALA C 112 3.48 -13.96 21.37
CA ALA C 112 2.15 -13.41 21.22
C ALA C 112 1.12 -14.44 21.70
N ALA C 113 -0.10 -14.00 21.98
CA ALA C 113 -1.16 -14.95 22.25
C ALA C 113 -2.49 -14.31 21.93
N GLY C 114 -3.49 -15.15 21.75
CA GLY C 114 -4.83 -14.67 21.49
C GLY C 114 -5.86 -15.70 21.88
N GLY C 115 -7.06 -15.22 22.14
CA GLY C 115 -8.18 -16.11 22.41
C GLY C 115 -9.52 -15.47 22.13
N ILE C 116 -10.53 -16.33 22.15
CA ILE C 116 -11.92 -15.96 22.13
C ILE C 116 -12.56 -16.65 23.31
N ALA C 117 -13.45 -15.93 24.01
CA ALA C 117 -14.16 -16.49 25.18
C ALA C 117 -15.46 -17.07 24.67
N VAL C 118 -15.44 -18.37 24.41
CA VAL C 118 -16.57 -19.08 23.83
C VAL C 118 -16.39 -20.56 24.18
N ASP C 119 -17.48 -21.27 24.37
CA ASP C 119 -17.38 -22.72 24.34
C ASP C 119 -17.58 -23.19 22.89
N PRO C 120 -16.49 -23.64 22.25
CA PRO C 120 -16.63 -24.03 20.84
C PRO C 120 -17.60 -25.18 20.63
N LYS C 121 -17.78 -26.05 21.62
CA LYS C 121 -18.69 -27.19 21.45
C LYS C 121 -20.17 -26.79 21.46
N GLY C 122 -20.49 -25.66 22.06
CA GLY C 122 -21.87 -25.12 22.05
C GLY C 122 -22.30 -24.31 20.83
N LEU C 123 -21.46 -24.24 19.78
CA LEU C 123 -21.85 -23.56 18.53
C LEU C 123 -21.98 -24.53 17.36
N SER C 124 -22.86 -24.23 16.42
CA SER C 124 -22.82 -24.96 15.15
C SER C 124 -21.47 -24.76 14.45
N PRO C 125 -20.99 -25.77 13.70
CA PRO C 125 -19.76 -25.48 12.94
C PRO C 125 -19.89 -24.21 12.09
N GLN C 126 -21.06 -23.93 11.53
CA GLN C 126 -21.31 -22.66 10.80
C GLN C 126 -21.01 -21.42 11.65
N GLU C 127 -21.60 -21.37 12.84
CA GLU C 127 -21.36 -20.28 13.78
C GLU C 127 -19.90 -20.13 14.13
N LEU C 128 -19.23 -21.24 14.44
CA LEU C 128 -17.82 -21.20 14.74
C LEU C 128 -16.96 -20.65 13.55
N GLU C 129 -17.27 -21.09 12.33
CA GLU C 129 -16.61 -20.55 11.15
C GLU C 129 -16.73 -19.00 11.14
N ARG C 130 -17.95 -18.49 11.30
CA ARG C 130 -18.16 -17.04 11.32
C ARG C 130 -17.36 -16.34 12.42
N LEU C 131 -17.38 -16.91 13.63
CA LEU C 131 -16.62 -16.38 14.73
C LEU C 131 -15.12 -16.31 14.41
N VAL C 132 -14.57 -17.43 13.96
CA VAL C 132 -13.17 -17.48 13.56
C VAL C 132 -12.89 -16.47 12.42
N ARG C 133 -13.76 -16.40 11.42
CA ARG C 133 -13.51 -15.49 10.29
C ARG C 133 -13.54 -14.02 10.69
N ARG C 134 -14.46 -13.66 11.60
CA ARG C 134 -14.57 -12.29 12.09
C ARG C 134 -13.32 -11.93 12.91
N TYR C 135 -12.87 -12.85 13.76
CA TYR C 135 -11.64 -12.69 14.52
C TYR C 135 -10.49 -12.30 13.58
N THR C 136 -10.24 -13.12 12.55
CA THR C 136 -9.09 -12.84 11.73
C THR C 136 -9.26 -11.54 10.88
N ALA C 137 -10.47 -11.27 10.41
CA ALA C 137 -10.76 -10.04 9.65
C ALA C 137 -10.48 -8.76 10.48
N GLU C 138 -11.01 -8.72 11.68
CA GLU C 138 -10.70 -7.63 12.63
C GLU C 138 -9.20 -7.45 12.88
N LEU C 139 -8.44 -8.52 12.73
CA LEU C 139 -7.00 -8.52 12.99
C LEU C 139 -6.07 -8.24 11.79
N VAL C 140 -6.58 -8.19 10.54
CA VAL C 140 -5.65 -8.22 9.38
C VAL C 140 -4.55 -7.13 9.32
N GLY C 141 -4.86 -5.93 9.85
CA GLY C 141 -3.88 -4.81 9.87
C GLY C 141 -2.83 -4.89 10.97
N LEU C 142 -2.91 -5.93 11.80
CA LEU C 142 -2.05 -6.12 12.97
C LEU C 142 -1.32 -7.45 12.89
N ILE C 143 -1.60 -8.24 11.86
CA ILE C 143 -0.96 -9.54 11.70
C ILE C 143 -0.42 -9.69 10.28
N GLY C 144 0.27 -10.80 10.02
CA GLY C 144 0.85 -11.07 8.71
C GLY C 144 2.11 -11.90 8.90
N PRO C 145 2.72 -12.36 7.80
CA PRO C 145 3.82 -13.33 7.90
C PRO C 145 5.09 -12.81 8.56
N ASP C 146 5.33 -11.50 8.53
CA ASP C 146 6.53 -10.90 9.16
C ASP C 146 6.12 -9.95 10.27
N SER C 147 4.98 -10.24 10.90
CA SER C 147 4.35 -9.30 11.84
C SER C 147 3.88 -9.99 13.13
N ASP C 148 2.82 -10.78 13.03
CA ASP C 148 2.33 -11.57 14.14
C ASP C 148 1.74 -12.79 13.47
N ILE C 149 2.41 -13.93 13.66
CA ILE C 149 2.01 -15.23 13.09
C ILE C 149 1.20 -16.03 14.13
N LEU C 150 -0.03 -16.36 13.77
CA LEU C 150 -0.92 -17.08 14.65
C LEU C 150 -0.67 -18.57 14.52
N GLY C 151 -1.33 -19.35 15.39
CA GLY C 151 -1.07 -20.78 15.52
C GLY C 151 -2.09 -21.50 16.40
N PRO C 152 -2.03 -22.85 16.42
CA PRO C 152 -3.01 -23.62 17.18
C PRO C 152 -2.82 -23.59 18.71
N ASP C 153 -3.92 -23.74 19.44
CA ASP C 153 -3.89 -23.78 20.89
C ASP C 153 -5.24 -24.35 21.26
N LEU C 154 -5.58 -24.28 22.54
CA LEU C 154 -6.83 -24.86 23.09
C LEU C 154 -8.14 -24.61 22.34
N GLY C 155 -8.73 -25.70 21.84
CA GLY C 155 -10.01 -25.65 21.13
C GLY C 155 -9.88 -25.13 19.72
N ALA C 156 -8.64 -24.87 19.28
CA ALA C 156 -8.35 -24.38 17.94
C ALA C 156 -7.41 -25.29 17.19
N ASP C 157 -7.96 -26.11 16.30
CA ASP C 157 -7.22 -27.14 15.55
C ASP C 157 -6.87 -26.78 14.09
N GLN C 158 -6.59 -27.79 13.26
CA GLN C 158 -6.15 -27.55 11.90
C GLN C 158 -7.23 -26.89 11.05
N GLN C 159 -8.50 -27.20 11.32
CA GLN C 159 -9.61 -26.63 10.56
C GLN C 159 -9.81 -25.15 10.90
N VAL C 160 -9.54 -24.77 12.14
CA VAL C 160 -9.62 -23.38 12.57
C VAL C 160 -8.54 -22.55 11.88
N MET C 161 -7.32 -23.08 11.88
CA MET C 161 -6.16 -22.48 11.23
C MET C 161 -6.40 -22.31 9.71
N ALA C 162 -7.10 -23.25 9.09
CA ALA C 162 -7.44 -23.13 7.68
C ALA C 162 -8.31 -21.89 7.41
N TRP C 163 -9.27 -21.66 8.30
CA TRP C 163 -10.24 -20.58 8.14
C TRP C 163 -9.57 -19.24 8.40
N ILE C 164 -8.66 -19.20 9.37
CA ILE C 164 -7.81 -18.04 9.56
C ILE C 164 -7.12 -17.70 8.24
N MET C 165 -6.37 -18.67 7.75
CA MET C 165 -5.61 -18.57 6.51
C MET C 165 -6.49 -18.11 5.33
N ASP C 166 -7.63 -18.75 5.14
CA ASP C 166 -8.47 -18.45 4.01
C ASP C 166 -9.00 -17.04 4.11
N THR C 167 -9.39 -16.67 5.34
CA THR C 167 -9.94 -15.38 5.66
C THR C 167 -8.94 -14.27 5.43
N TYR C 168 -7.72 -14.41 5.98
CA TYR C 168 -6.61 -13.48 5.70
C TYR C 168 -6.31 -13.31 4.19
N SER C 169 -6.13 -14.42 3.50
CA SER C 169 -5.77 -14.38 2.08
C SER C 169 -6.84 -13.76 1.19
N MET C 170 -8.11 -14.00 1.49
CA MET C 170 -9.21 -13.48 0.68
C MET C 170 -9.34 -11.97 0.82
N THR C 171 -8.98 -11.47 2.00
CA THR C 171 -9.13 -10.07 2.35
C THR C 171 -7.97 -9.28 1.76
N VAL C 172 -6.78 -9.68 2.16
CA VAL C 172 -5.54 -9.14 1.68
C VAL C 172 -5.42 -9.27 0.16
N GLY C 173 -6.06 -10.30 -0.42
CA GLY C 173 -6.20 -10.44 -1.88
C GLY C 173 -5.06 -11.18 -2.56
N SER C 174 -4.29 -11.93 -1.80
CA SER C 174 -3.29 -12.79 -2.36
C SER C 174 -3.13 -13.92 -1.38
N THR C 175 -2.49 -15.01 -1.80
CA THR C 175 -2.46 -16.22 -0.98
C THR C 175 -1.22 -16.25 -0.09
N VAL C 176 -1.44 -16.35 1.22
CA VAL C 176 -0.42 -16.00 2.20
C VAL C 176 -0.36 -17.06 3.27
N PRO C 177 0.26 -18.20 2.98
CA PRO C 177 0.22 -19.29 3.94
C PRO C 177 0.91 -18.98 5.26
N GLY C 178 1.80 -17.99 5.27
CA GLY C 178 2.67 -17.71 6.41
C GLY C 178 2.08 -16.96 7.60
N VAL C 179 0.84 -16.49 7.45
CA VAL C 179 0.16 -15.77 8.53
C VAL C 179 -0.23 -16.67 9.72
N VAL C 180 -0.32 -17.99 9.49
CA VAL C 180 -0.71 -18.94 10.53
C VAL C 180 -0.07 -20.29 10.36
N THR C 181 0.29 -20.90 11.49
CA THR C 181 0.85 -22.26 11.49
C THR C 181 -0.13 -23.29 12.10
N GLY C 182 0.23 -24.57 12.00
CA GLY C 182 -0.65 -25.66 12.40
C GLY C 182 -1.76 -25.85 11.39
N LYS C 183 -1.45 -25.56 10.13
CA LYS C 183 -2.38 -25.72 9.02
C LYS C 183 -2.46 -27.19 8.59
N PRO C 184 -3.55 -27.59 7.90
CA PRO C 184 -3.53 -28.88 7.21
C PRO C 184 -2.46 -28.94 6.13
N HIS C 185 -1.94 -30.15 5.90
CA HIS C 185 -1.01 -30.42 4.81
C HIS C 185 -1.46 -29.78 3.48
N ALA C 186 -2.70 -30.02 3.06
CA ALA C 186 -3.29 -29.42 1.83
C ALA C 186 -3.05 -27.93 1.59
N LEU C 187 -2.97 -27.15 2.68
CA LEU C 187 -2.90 -25.69 2.63
C LEU C 187 -1.52 -25.13 3.02
N GLY C 188 -0.52 -26.01 3.03
CA GLY C 188 0.83 -25.60 3.41
C GLY C 188 1.21 -25.86 4.86
N GLY C 189 0.57 -26.85 5.50
CA GLY C 189 0.97 -27.29 6.82
C GLY C 189 2.00 -28.41 6.79
N SER C 190 1.93 -29.30 7.78
CA SER C 190 2.76 -30.51 7.86
C SER C 190 4.27 -30.20 7.98
N GLU C 191 5.13 -31.21 8.07
CA GLU C 191 4.76 -32.64 8.07
C GLU C 191 5.20 -33.38 9.34
N GLY C 192 4.26 -34.06 9.99
CA GLY C 192 2.84 -33.84 9.76
C GLY C 192 2.53 -32.83 10.85
N ARG C 193 1.79 -33.33 11.85
CA ARG C 193 1.92 -32.89 13.26
C ARG C 193 2.03 -31.40 13.66
N ASP C 194 1.36 -30.96 14.73
CA ASP C 194 0.24 -31.64 15.43
C ASP C 194 0.54 -32.75 16.46
N ASP C 195 1.64 -33.44 16.23
CA ASP C 195 2.03 -34.65 16.90
C ASP C 195 3.44 -34.38 17.41
N ALA C 196 3.90 -33.16 17.12
CA ALA C 196 5.25 -32.69 17.42
C ALA C 196 5.45 -32.29 18.87
N ALA C 197 4.41 -31.77 19.50
CA ALA C 197 4.54 -31.36 20.88
C ALA C 197 4.88 -32.56 21.79
N GLY C 198 4.17 -33.68 21.59
CA GLY C 198 4.48 -34.94 22.26
C GLY C 198 5.80 -35.59 21.89
N LEU C 199 6.01 -35.79 20.59
CA LEU C 199 7.30 -36.17 20.05
C LEU C 199 8.42 -35.36 20.69
N GLY C 200 8.29 -34.04 20.63
CA GLY C 200 9.33 -33.17 21.15
C GLY C 200 9.58 -33.39 22.62
N ALA C 201 8.50 -33.56 23.37
CA ALA C 201 8.56 -33.80 24.81
C ALA C 201 9.39 -35.02 25.14
N LEU C 202 9.16 -36.11 24.41
CA LEU C 202 9.90 -37.35 24.58
C LEU C 202 11.35 -37.24 24.14
N LEU C 203 11.60 -36.50 23.06
CA LEU C 203 12.96 -36.28 22.63
C LEU C 203 13.76 -35.62 23.72
N VAL C 204 13.16 -34.67 24.41
CA VAL C 204 13.83 -33.90 25.45
C VAL C 204 14.09 -34.77 26.66
N LEU C 205 13.05 -35.48 27.11
CA LEU C 205 13.18 -36.46 28.19
C LEU C 205 14.25 -37.51 27.90
N GLU C 206 14.32 -37.94 26.64
CA GLU C 206 15.31 -38.90 26.16
C GLU C 206 16.71 -38.43 26.47
N ALA C 207 17.08 -37.28 25.87
CA ALA C 207 18.41 -36.70 26.01
C ALA C 207 18.76 -36.35 27.47
N LEU C 208 17.73 -36.13 28.29
CA LEU C 208 17.99 -35.78 29.68
C LEU C 208 18.18 -37.01 30.53
N ALA C 209 17.36 -38.04 30.31
CA ALA C 209 17.58 -39.36 30.90
C ALA C 209 18.96 -39.93 30.53
N LYS C 210 19.33 -39.85 29.26
CA LYS C 210 20.62 -40.34 28.81
C LYS C 210 21.77 -39.63 29.55
N ARG C 211 21.47 -38.46 30.09
CA ARG C 211 22.48 -37.63 30.70
C ARG C 211 22.57 -37.76 32.21
N ARG C 212 21.51 -38.25 32.85
CA ARG C 212 21.55 -38.43 34.29
C ARG C 212 21.69 -39.91 34.71
N GLY C 213 21.77 -40.79 33.72
CA GLY C 213 21.80 -42.23 33.95
C GLY C 213 20.46 -42.68 34.50
N LEU C 214 19.53 -42.98 33.60
CA LEU C 214 18.18 -43.36 33.99
C LEU C 214 17.50 -44.30 32.97
N ASP C 215 17.03 -45.44 33.48
CA ASP C 215 16.31 -46.46 32.72
C ASP C 215 15.08 -45.87 32.01
N LEU C 216 15.15 -45.74 30.69
CA LEU C 216 13.94 -45.51 29.90
C LEU C 216 13.52 -46.82 29.25
N ARG C 217 14.42 -47.79 29.36
CA ARG C 217 14.24 -49.14 28.86
C ARG C 217 13.14 -49.79 29.68
N GLY C 218 11.98 -49.94 29.04
CA GLY C 218 10.81 -50.53 29.66
C GLY C 218 10.31 -49.89 30.94
N ALA C 219 10.63 -48.62 31.16
CA ALA C 219 10.16 -47.90 32.34
C ALA C 219 8.69 -47.51 32.20
N ARG C 220 8.03 -47.26 33.32
CA ARG C 220 6.59 -46.99 33.31
C ARG C 220 6.26 -45.50 33.23
N VAL C 221 5.29 -45.17 32.38
CA VAL C 221 4.90 -43.77 32.16
C VAL C 221 3.44 -43.54 32.52
N VAL C 222 3.17 -42.37 33.10
CA VAL C 222 1.80 -41.92 33.28
C VAL C 222 1.65 -40.61 32.57
N VAL C 223 0.59 -40.50 31.77
CA VAL C 223 0.30 -39.32 30.99
C VAL C 223 -1.00 -38.68 31.47
N GLN C 224 -0.89 -37.47 32.00
CA GLN C 224 -2.06 -36.71 32.40
C GLN C 224 -2.50 -35.80 31.25
N GLY C 225 -3.66 -36.12 30.68
CA GLY C 225 -4.22 -35.38 29.57
C GLY C 225 -4.16 -36.18 28.29
N LEU C 226 -5.26 -36.20 27.57
CA LEU C 226 -5.31 -36.96 26.33
C LEU C 226 -5.77 -36.16 25.08
N GLY C 227 -5.51 -34.85 25.08
CA GLY C 227 -5.72 -34.07 23.87
C GLY C 227 -4.63 -34.41 22.87
N GLN C 228 -4.50 -33.61 21.81
CA GLN C 228 -3.43 -33.77 20.84
C GLN C 228 -2.04 -34.03 21.44
N VAL C 229 -1.66 -33.30 22.47
CA VAL C 229 -0.34 -33.45 23.08
C VAL C 229 -0.18 -34.79 23.82
N GLY C 230 -1.06 -35.06 24.78
CA GLY C 230 -1.00 -36.31 25.56
C GLY C 230 -1.14 -37.58 24.72
N ALA C 231 -2.16 -37.61 23.85
CA ALA C 231 -2.33 -38.72 22.91
C ALA C 231 -1.02 -39.01 22.19
N ALA C 232 -0.29 -37.97 21.83
CA ALA C 232 0.95 -38.10 21.09
C ALA C 232 2.04 -38.63 21.98
N VAL C 233 2.13 -38.07 23.19
CA VAL C 233 3.12 -38.55 24.17
C VAL C 233 2.93 -40.05 24.41
N ALA C 234 1.73 -40.42 24.86
CA ALA C 234 1.40 -41.81 25.08
C ALA C 234 1.74 -42.69 23.88
N LEU C 235 1.22 -42.34 22.71
CA LEU C 235 1.50 -43.06 21.48
C LEU C 235 3.00 -43.34 21.28
N HIS C 236 3.82 -42.28 21.30
CA HIS C 236 5.27 -42.41 21.04
C HIS C 236 6.03 -43.03 22.19
N ALA C 237 5.51 -42.85 23.39
CA ALA C 237 6.12 -43.44 24.57
C ALA C 237 6.08 -44.96 24.45
N GLU C 238 4.96 -45.50 23.95
CA GLU C 238 4.83 -46.96 23.80
C GLU C 238 5.78 -47.50 22.73
N ARG C 239 5.80 -46.85 21.59
CA ARG C 239 6.61 -47.26 20.46
C ARG C 239 8.10 -47.10 20.77
N LEU C 240 8.44 -46.14 21.63
CA LEU C 240 9.83 -45.99 22.05
C LEU C 240 10.21 -47.03 23.10
N GLY C 241 9.28 -47.94 23.38
CA GLY C 241 9.53 -49.03 24.32
C GLY C 241 9.33 -48.75 25.79
N MET C 242 8.71 -47.62 26.11
CA MET C 242 8.22 -47.38 27.46
C MET C 242 6.93 -48.13 27.69
N ARG C 243 6.64 -48.41 28.95
CA ARG C 243 5.39 -49.05 29.34
C ARG C 243 4.42 -48.00 29.88
N VAL C 244 3.35 -47.76 29.13
CA VAL C 244 2.40 -46.71 29.49
C VAL C 244 1.37 -47.30 30.44
N VAL C 245 1.55 -47.08 31.73
CA VAL C 245 0.63 -47.67 32.71
C VAL C 245 -0.69 -46.91 32.88
N ALA C 246 -0.70 -45.60 32.60
CA ALA C 246 -1.90 -44.80 32.81
C ALA C 246 -2.10 -43.65 31.81
N VAL C 247 -3.36 -43.38 31.48
CA VAL C 247 -3.74 -42.13 30.82
C VAL C 247 -4.86 -41.55 31.64
N ALA C 248 -5.14 -40.26 31.45
CA ALA C 248 -6.10 -39.55 32.29
C ALA C 248 -6.69 -38.37 31.54
N THR C 249 -7.91 -37.99 31.90
CA THR C 249 -8.54 -36.75 31.42
C THR C 249 -9.14 -36.00 32.60
N SER C 250 -9.95 -34.98 32.29
CA SER C 250 -10.70 -34.23 33.30
C SER C 250 -11.83 -35.07 33.92
N MET C 251 -11.88 -36.36 33.59
CA MET C 251 -12.88 -37.28 34.14
C MET C 251 -12.29 -38.33 35.11
N GLY C 252 -10.99 -38.60 35.01
CA GLY C 252 -10.34 -39.68 35.78
C GLY C 252 -9.30 -40.46 34.97
N GLY C 253 -8.82 -41.58 35.48
CA GLY C 253 -7.74 -42.29 34.81
C GLY C 253 -7.92 -43.78 34.59
N MET C 254 -7.50 -44.24 33.40
CA MET C 254 -7.48 -45.67 33.06
C MET C 254 -6.09 -46.27 33.34
N TYR C 255 -6.06 -47.35 34.10
CA TYR C 255 -4.81 -47.90 34.62
C TYR C 255 -4.63 -49.38 34.32
N ALA C 256 -3.42 -49.76 33.92
CA ALA C 256 -3.02 -51.15 33.73
C ALA C 256 -1.53 -51.28 34.05
N PRO C 257 -1.18 -52.05 35.10
CA PRO C 257 0.19 -52.06 35.66
C PRO C 257 1.29 -52.66 34.77
N GLU C 258 0.91 -53.33 33.69
CA GLU C 258 1.86 -54.00 32.79
C GLU C 258 1.96 -53.26 31.44
N GLY C 259 1.18 -52.20 31.30
CA GLY C 259 1.15 -51.37 30.09
C GLY C 259 -0.26 -51.26 29.55
N LEU C 260 -0.49 -50.29 28.68
CA LEU C 260 -1.77 -50.16 28.00
C LEU C 260 -1.61 -50.34 26.48
N ASP C 261 -2.67 -50.79 25.82
CA ASP C 261 -2.75 -50.75 24.37
C ASP C 261 -3.22 -49.35 24.00
N VAL C 262 -2.26 -48.49 23.69
CA VAL C 262 -2.52 -47.04 23.55
C VAL C 262 -3.34 -46.67 22.31
N ALA C 263 -2.99 -47.23 21.16
CA ALA C 263 -3.71 -46.99 19.92
C ALA C 263 -5.19 -47.33 20.07
N GLU C 264 -5.46 -48.44 20.77
CA GLU C 264 -6.82 -48.94 21.04
C GLU C 264 -7.59 -48.04 22.00
N VAL C 265 -6.87 -47.41 22.93
CA VAL C 265 -7.48 -46.45 23.85
C VAL C 265 -7.85 -45.13 23.16
N LEU C 266 -6.95 -44.59 22.34
CA LEU C 266 -7.23 -43.33 21.65
C LEU C 266 -8.34 -43.50 20.62
N SER C 267 -8.56 -44.76 20.24
CA SER C 267 -9.60 -45.13 19.30
C SER C 267 -10.97 -45.04 19.97
N ALA C 268 -11.06 -45.61 21.17
CA ALA C 268 -12.29 -45.59 21.97
C ALA C 268 -12.59 -44.18 22.48
N TYR C 269 -11.53 -43.46 22.84
CA TYR C 269 -11.62 -42.08 23.28
C TYR C 269 -12.09 -41.18 22.14
N GLU C 270 -11.48 -41.33 20.96
CA GLU C 270 -11.88 -40.52 19.80
C GLU C 270 -13.29 -40.90 19.32
N ALA C 271 -13.69 -42.14 19.55
CA ALA C 271 -15.05 -42.58 19.21
C ALA C 271 -16.09 -41.99 20.15
N THR C 272 -15.87 -42.14 21.45
CA THR C 272 -16.95 -41.86 22.41
C THR C 272 -16.79 -40.55 23.21
N GLY C 273 -15.55 -40.05 23.31
CA GLY C 273 -15.26 -38.88 24.14
C GLY C 273 -15.04 -39.25 25.60
N SER C 274 -14.90 -40.56 25.85
CA SER C 274 -14.67 -41.09 27.19
C SER C 274 -13.75 -42.30 27.13
N LEU C 275 -13.04 -42.56 28.23
CA LEU C 275 -12.15 -43.70 28.35
C LEU C 275 -12.95 -44.98 28.57
N PRO C 276 -12.45 -46.12 28.03
CA PRO C 276 -12.99 -47.47 28.22
C PRO C 276 -13.36 -47.79 29.66
N ARG C 277 -12.38 -47.83 30.56
CA ARG C 277 -12.66 -48.01 31.99
C ARG C 277 -12.03 -46.90 32.84
N LEU C 278 -12.66 -46.63 33.98
CA LEU C 278 -12.19 -45.61 34.91
C LEU C 278 -11.73 -46.24 36.24
N ASP C 279 -10.46 -46.66 36.30
CA ASP C 279 -9.92 -47.27 37.51
C ASP C 279 -9.53 -46.25 38.59
N LEU C 280 -9.42 -44.99 38.21
CA LEU C 280 -8.81 -43.96 39.05
C LEU C 280 -9.55 -42.62 39.08
N ALA C 281 -9.47 -41.95 40.24
CA ALA C 281 -9.97 -40.59 40.43
C ALA C 281 -8.98 -39.57 39.82
N PRO C 282 -9.51 -38.45 39.27
CA PRO C 282 -8.68 -37.45 38.54
C PRO C 282 -7.42 -36.95 39.26
N GLU C 283 -7.29 -37.22 40.55
CA GLU C 283 -6.13 -36.78 41.32
C GLU C 283 -5.30 -37.94 41.89
N GLU C 284 -5.82 -39.15 41.75
CA GLU C 284 -5.08 -40.35 42.17
C GLU C 284 -3.97 -40.68 41.16
N VAL C 285 -4.09 -40.14 39.95
CA VAL C 285 -3.15 -40.43 38.85
C VAL C 285 -1.68 -40.06 39.18
N PHE C 286 -1.50 -38.91 39.83
CA PHE C 286 -0.20 -38.40 40.19
C PHE C 286 0.62 -39.34 41.08
N GLY C 287 -0.07 -40.02 42.00
CA GLY C 287 0.62 -40.84 42.99
C GLY C 287 0.82 -42.28 42.59
N LEU C 288 0.85 -42.56 41.29
CA LEU C 288 0.96 -43.94 40.81
C LEU C 288 2.41 -44.42 40.77
N GLU C 289 2.61 -45.73 40.91
CA GLU C 289 3.95 -46.29 40.79
C GLU C 289 4.41 -46.38 39.33
N ALA C 290 5.20 -45.37 38.93
CA ALA C 290 5.83 -45.27 37.61
C ALA C 290 7.11 -44.44 37.73
N GLU C 291 8.01 -44.63 36.79
CA GLU C 291 9.23 -43.84 36.71
C GLU C 291 8.98 -42.44 36.14
N VAL C 292 7.92 -42.29 35.35
CA VAL C 292 7.72 -41.04 34.61
C VAL C 292 6.30 -40.47 34.70
N LEU C 293 6.20 -39.22 35.15
CA LEU C 293 4.96 -38.49 35.15
C LEU C 293 5.03 -37.37 34.13
N VAL C 294 4.08 -37.37 33.20
CA VAL C 294 4.02 -36.39 32.14
C VAL C 294 2.74 -35.57 32.26
N LEU C 295 2.90 -34.24 32.32
CA LEU C 295 1.80 -33.30 32.44
C LEU C 295 1.44 -32.68 31.11
N ALA C 296 0.33 -33.15 30.52
CA ALA C 296 -0.03 -32.82 29.14
C ALA C 296 -1.47 -32.33 28.96
N ALA C 297 -2.08 -31.84 30.04
CA ALA C 297 -3.42 -31.33 29.95
C ALA C 297 -3.44 -29.78 29.97
N ARG C 298 -3.55 -29.21 31.16
CA ARG C 298 -3.70 -27.76 31.34
C ARG C 298 -2.85 -27.22 32.49
N GLU C 299 -2.67 -25.89 32.49
CA GLU C 299 -2.00 -25.13 33.56
C GLU C 299 -2.60 -25.45 34.92
N GLY C 300 -1.75 -25.40 35.95
CA GLY C 300 -2.17 -25.69 37.33
C GLY C 300 -2.61 -27.11 37.59
N ALA C 301 -2.10 -28.06 36.83
CA ALA C 301 -2.49 -29.46 36.99
C ALA C 301 -1.92 -30.10 38.26
N LEU C 302 -0.73 -29.67 38.68
CA LEU C 302 -0.09 -30.27 39.86
C LEU C 302 0.33 -29.23 40.90
N ASP C 303 -0.33 -29.27 42.06
CA ASP C 303 -0.08 -28.31 43.14
C ASP C 303 0.94 -28.82 44.17
N GLY C 304 1.29 -27.96 45.13
CA GLY C 304 2.31 -28.28 46.13
C GLY C 304 1.95 -29.53 46.90
N ASP C 305 0.68 -29.64 47.26
CA ASP C 305 0.16 -30.71 48.09
C ASP C 305 0.22 -32.07 47.39
N ARG C 306 -0.32 -32.12 46.17
CA ARG C 306 -0.33 -33.34 45.37
C ARG C 306 1.05 -33.90 44.99
N ALA C 307 2.05 -33.02 44.94
CA ALA C 307 3.43 -33.43 44.63
C ALA C 307 4.03 -34.34 45.70
N ARG C 308 3.55 -34.23 46.93
CA ARG C 308 4.02 -35.10 48.01
C ARG C 308 3.76 -36.58 47.69
N GLN C 309 2.65 -36.85 47.00
CA GLN C 309 2.23 -38.22 46.68
C GLN C 309 2.96 -38.83 45.48
N VAL C 310 3.69 -38.00 44.74
CA VAL C 310 4.35 -38.43 43.52
C VAL C 310 5.56 -39.30 43.82
N GLN C 311 5.64 -40.43 43.14
CA GLN C 311 6.79 -41.32 43.24
C GLN C 311 7.45 -41.57 41.88
N ALA C 312 7.18 -40.71 40.92
CA ALA C 312 7.93 -40.66 39.70
C ALA C 312 9.33 -40.10 40.03
N GLN C 313 10.34 -40.55 39.30
CA GLN C 313 11.69 -39.98 39.46
C GLN C 313 11.92 -38.90 38.40
N ALA C 314 11.01 -38.87 37.43
CA ALA C 314 11.03 -37.89 36.36
C ALA C 314 9.65 -37.26 36.21
N VAL C 315 9.59 -35.93 36.26
CA VAL C 315 8.34 -35.22 35.99
C VAL C 315 8.57 -34.27 34.81
N VAL C 316 7.83 -34.54 33.74
CA VAL C 316 7.96 -33.81 32.49
C VAL C 316 6.77 -32.92 32.32
N GLU C 317 7.00 -31.61 32.38
CA GLU C 317 5.95 -30.62 32.20
C GLU C 317 5.84 -30.21 30.74
N VAL C 318 4.75 -30.61 30.10
CA VAL C 318 4.52 -30.30 28.70
C VAL C 318 3.53 -29.16 28.51
N ALA C 319 2.37 -29.25 29.16
CA ALA C 319 1.40 -28.15 29.17
C ALA C 319 2.00 -26.96 29.92
N ASN C 320 1.86 -25.77 29.33
CA ASN C 320 2.37 -24.55 29.94
C ASN C 320 1.79 -24.35 31.32
N PHE C 321 2.68 -24.21 32.30
CA PHE C 321 2.32 -23.94 33.68
C PHE C 321 1.59 -25.12 34.27
N GLY C 322 1.79 -26.31 33.68
CA GLY C 322 1.21 -27.55 34.23
C GLY C 322 1.63 -27.87 35.66
N LEU C 323 2.76 -27.33 36.07
CA LEU C 323 3.41 -27.70 37.31
C LEU C 323 3.61 -26.42 38.11
N ASN C 324 3.04 -26.38 39.31
CA ASN C 324 3.09 -25.19 40.15
C ASN C 324 4.50 -24.93 40.64
N PRO C 325 4.82 -23.64 40.82
CA PRO C 325 6.12 -23.26 41.34
C PRO C 325 6.51 -24.11 42.53
N GLU C 326 5.52 -24.35 43.39
CA GLU C 326 5.71 -24.99 44.69
C GLU C 326 5.87 -26.51 44.61
N ALA C 327 5.21 -27.12 43.62
CA ALA C 327 5.39 -28.54 43.39
C ALA C 327 6.78 -28.81 42.81
N GLU C 328 7.27 -27.90 41.99
CA GLU C 328 8.59 -28.03 41.38
C GLU C 328 9.70 -28.00 42.43
N ALA C 329 9.60 -27.05 43.36
CA ALA C 329 10.59 -26.90 44.42
C ALA C 329 10.72 -28.17 45.24
N TYR C 330 9.59 -28.73 45.66
CA TYR C 330 9.58 -29.96 46.45
C TYR C 330 10.16 -31.15 45.70
N LEU C 331 9.72 -31.37 44.46
CA LEU C 331 10.26 -32.50 43.67
C LEU C 331 11.77 -32.36 43.40
N LEU C 332 12.25 -31.13 43.22
CA LEU C 332 13.69 -30.94 43.04
C LEU C 332 14.45 -31.25 44.34
N GLY C 333 13.80 -30.95 45.47
CA GLY C 333 14.35 -31.23 46.80
C GLY C 333 14.40 -32.72 47.08
N LYS C 334 13.40 -33.45 46.60
CA LYS C 334 13.39 -34.90 46.73
C LYS C 334 14.40 -35.55 45.79
N GLY C 335 14.79 -34.86 44.73
CA GLY C 335 15.85 -35.35 43.84
C GLY C 335 15.37 -35.76 42.47
N ALA C 336 14.07 -35.66 42.24
CA ALA C 336 13.49 -35.88 40.91
C ALA C 336 14.15 -35.02 39.82
N LEU C 337 14.13 -35.58 38.60
CA LEU C 337 14.37 -34.81 37.38
C LEU C 337 13.08 -34.10 37.00
N VAL C 338 13.12 -32.78 37.02
CA VAL C 338 11.94 -31.99 36.69
C VAL C 338 12.22 -31.26 35.40
N VAL C 339 11.54 -31.66 34.33
CA VAL C 339 11.78 -31.09 33.00
C VAL C 339 10.73 -30.03 32.75
N PRO C 340 11.14 -28.76 32.59
CA PRO C 340 10.15 -27.68 32.45
C PRO C 340 9.48 -27.53 31.09
N ASP C 341 8.27 -26.96 31.11
CA ASP C 341 7.51 -26.61 29.91
C ASP C 341 8.35 -25.86 28.87
N LEU C 342 9.15 -24.90 29.33
CA LEU C 342 9.93 -24.08 28.43
C LEU C 342 10.84 -24.90 27.54
N LEU C 343 11.23 -26.07 28.06
CA LEU C 343 12.08 -27.02 27.34
C LEU C 343 11.26 -28.14 26.72
N SER C 344 10.56 -28.91 27.53
CA SER C 344 9.78 -30.02 27.01
C SER C 344 8.46 -29.62 26.34
N GLY C 345 8.08 -28.34 26.39
CA GLY C 345 6.85 -27.89 25.72
C GLY C 345 7.04 -27.10 24.42
N GLY C 346 8.23 -27.18 23.81
CA GLY C 346 8.53 -26.43 22.60
C GLY C 346 8.39 -27.18 21.28
N GLY C 347 8.01 -28.45 21.35
CA GLY C 347 7.77 -29.24 20.14
C GLY C 347 6.91 -28.57 19.09
N GLY C 348 5.70 -28.16 19.48
CA GLY C 348 4.74 -27.50 18.58
C GLY C 348 5.28 -26.15 18.09
N LEU C 349 5.91 -25.38 18.97
CA LEU C 349 6.56 -24.18 18.54
C LEU C 349 7.66 -24.44 17.50
N LEU C 350 8.44 -25.50 17.71
CA LEU C 350 9.51 -25.78 16.79
C LEU C 350 8.94 -26.18 15.43
N ALA C 351 7.90 -27.01 15.46
CA ALA C 351 7.29 -27.52 14.26
C ALA C 351 6.69 -26.37 13.44
N SER C 352 6.09 -25.41 14.15
CA SER C 352 5.53 -24.21 13.54
C SER C 352 6.58 -23.36 12.84
N TYR C 353 7.73 -23.21 13.49
CA TYR C 353 8.84 -22.48 12.95
C TYR C 353 9.23 -23.13 11.63
N LEU C 354 9.49 -24.44 11.69
CA LEU C 354 9.83 -25.22 10.54
C LEU C 354 8.77 -25.10 9.45
N GLU C 355 7.50 -25.13 9.85
CA GLU C 355 6.36 -25.01 8.94
C GLU C 355 6.40 -23.68 8.20
N TRP C 356 6.61 -22.60 8.94
CA TRP C 356 6.65 -21.23 8.42
C TRP C 356 7.80 -21.03 7.45
N VAL C 357 8.98 -21.55 7.79
CA VAL C 357 10.17 -21.47 6.94
C VAL C 357 9.85 -21.99 5.54
N GLN C 358 9.22 -23.16 5.49
CA GLN C 358 8.83 -23.82 4.26
C GLN C 358 7.75 -23.05 3.50
N ASP C 359 6.77 -22.51 4.23
CA ASP C 359 5.71 -21.70 3.64
C ASP C 359 6.27 -20.51 2.91
N LEU C 360 7.16 -19.79 3.57
CA LEU C 360 7.76 -18.60 2.99
C LEU C 360 8.51 -18.95 1.71
N ASN C 361 9.23 -20.06 1.77
CA ASN C 361 10.03 -20.59 0.69
C ASN C 361 9.13 -21.23 -0.37
N MET C 362 7.97 -21.69 0.10
CA MET C 362 6.95 -22.39 -0.69
C MET C 362 7.47 -23.67 -1.32
N PHE C 363 8.40 -24.27 -0.59
CA PHE C 363 9.01 -25.50 -0.96
C PHE C 363 8.99 -26.39 0.28
N PHE C 364 8.50 -27.61 0.16
CA PHE C 364 8.35 -28.46 1.32
C PHE C 364 9.27 -29.67 1.34
N TRP C 365 9.84 -29.90 2.52
CA TRP C 365 10.74 -31.01 2.71
C TRP C 365 9.96 -32.34 2.79
N SER C 366 10.66 -33.44 2.53
CA SER C 366 10.09 -34.79 2.73
C SER C 366 9.86 -35.01 4.23
N PRO C 367 8.91 -35.90 4.59
CA PRO C 367 8.76 -36.30 5.99
C PRO C 367 10.09 -36.55 6.74
N GLU C 368 11.08 -37.11 6.08
CA GLU C 368 12.34 -37.47 6.74
C GLU C 368 13.32 -36.32 6.86
N GLU C 369 13.09 -35.25 6.09
CA GLU C 369 13.93 -34.06 6.16
C GLU C 369 13.47 -33.17 7.31
N VAL C 370 12.17 -33.15 7.53
CA VAL C 370 11.59 -32.44 8.65
C VAL C 370 12.12 -33.07 9.95
N ARG C 371 11.92 -34.38 10.08
CA ARG C 371 12.32 -35.17 11.23
C ARG C 371 13.75 -34.84 11.66
N GLU C 372 14.69 -34.89 10.70
CA GLU C 372 16.11 -34.63 10.99
C GLU C 372 16.26 -33.27 11.64
N ARG C 373 15.74 -32.28 10.92
CA ARG C 373 15.92 -30.88 11.25
C ARG C 373 15.31 -30.57 12.58
N PHE C 374 14.13 -31.15 12.80
CA PHE C 374 13.47 -31.11 14.09
C PHE C 374 14.39 -31.71 15.14
N GLU C 375 14.83 -32.94 14.90
CA GLU C 375 15.54 -33.70 15.93
C GLU C 375 16.84 -33.05 16.34
N THR C 376 17.60 -32.58 15.35
CA THR C 376 18.88 -31.97 15.65
C THR C 376 18.69 -30.63 16.38
N ARG C 377 17.59 -29.95 16.12
CA ARG C 377 17.28 -28.72 16.84
C ARG C 377 16.89 -28.96 18.30
N VAL C 378 16.08 -29.98 18.57
CA VAL C 378 15.76 -30.32 19.96
C VAL C 378 17.05 -30.62 20.72
N ALA C 379 17.88 -31.47 20.14
CA ALA C 379 19.17 -31.80 20.73
C ALA C 379 20.04 -30.58 21.02
N ARG C 380 20.05 -29.63 20.09
CA ARG C 380 20.88 -28.43 20.24
C ARG C 380 20.44 -27.57 21.42
N VAL C 381 19.13 -27.41 21.59
CA VAL C 381 18.61 -26.60 22.68
C VAL C 381 18.67 -27.33 24.03
N VAL C 382 18.54 -28.65 24.05
CA VAL C 382 18.76 -29.38 25.29
C VAL C 382 20.20 -29.16 25.72
N ASP C 383 21.12 -29.28 24.78
CA ASP C 383 22.52 -29.01 25.05
C ASP C 383 22.78 -27.62 25.62
N ALA C 384 22.19 -26.60 25.01
CA ALA C 384 22.40 -25.24 25.44
C ALA C 384 21.81 -24.96 26.83
N VAL C 385 20.64 -25.50 27.13
CA VAL C 385 20.04 -25.30 28.46
C VAL C 385 20.92 -25.93 29.55
N CYS C 386 21.43 -27.12 29.28
CA CYS C 386 22.35 -27.78 30.21
C CYS C 386 23.67 -27.02 30.37
N ARG C 387 24.28 -26.58 29.27
CA ARG C 387 25.51 -25.79 29.35
C ARG C 387 25.29 -24.52 30.21
N ARG C 388 24.16 -23.85 30.01
CA ARG C 388 23.88 -22.66 30.80
C ARG C 388 23.53 -23.03 32.24
N ALA C 389 22.88 -24.19 32.43
CA ALA C 389 22.61 -24.73 33.77
C ALA C 389 23.91 -25.03 34.51
N GLU C 390 24.71 -25.93 33.95
CA GLU C 390 26.04 -26.28 34.49
C GLU C 390 26.84 -25.05 34.93
N ARG C 391 27.17 -24.16 34.00
CA ARG C 391 27.95 -22.95 34.31
C ARG C 391 27.41 -22.16 35.49
N GLY C 392 26.08 -22.14 35.64
CA GLY C 392 25.45 -21.36 36.70
C GLY C 392 25.22 -22.15 37.98
N GLY C 393 25.37 -23.47 37.91
CA GLY C 393 24.98 -24.38 39.01
C GLY C 393 23.47 -24.31 39.24
N LEU C 394 22.70 -24.60 38.20
CA LEU C 394 21.27 -24.33 38.21
C LEU C 394 20.44 -25.53 37.80
N ASP C 395 19.20 -25.58 38.27
CA ASP C 395 18.27 -26.55 37.71
C ASP C 395 17.89 -26.17 36.27
N LEU C 396 17.15 -27.05 35.61
CA LEU C 396 16.82 -26.89 34.21
C LEU C 396 16.02 -25.61 33.92
N ARG C 397 15.02 -25.31 34.75
CA ARG C 397 14.22 -24.12 34.52
C ARG C 397 15.09 -22.88 34.54
N MET C 398 15.87 -22.73 35.60
CA MET C 398 16.66 -21.52 35.77
C MET C 398 17.67 -21.38 34.65
N GLY C 399 18.20 -22.51 34.19
CA GLY C 399 19.17 -22.55 33.10
C GLY C 399 18.54 -22.01 31.85
N ALA C 400 17.41 -22.60 31.49
CA ALA C 400 16.60 -22.12 30.36
C ALA C 400 16.19 -20.66 30.48
N LEU C 401 15.74 -20.25 31.66
CA LEU C 401 15.36 -18.87 31.91
C LEU C 401 16.51 -17.88 31.70
N ALA C 402 17.73 -18.27 32.11
CA ALA C 402 18.88 -17.36 32.00
C ALA C 402 19.42 -17.35 30.59
N LEU C 403 19.33 -18.49 29.93
CA LEU C 403 19.71 -18.55 28.52
C LEU C 403 18.78 -17.67 27.70
N ALA C 404 17.48 -17.80 27.93
CA ALA C 404 16.44 -17.01 27.23
C ALA C 404 16.60 -15.53 27.49
N LEU C 405 16.83 -15.18 28.75
CA LEU C 405 17.04 -13.77 29.13
C LEU C 405 18.25 -13.16 28.48
N GLU C 406 19.37 -13.88 28.49
CA GLU C 406 20.58 -13.43 27.78
C GLU C 406 20.36 -13.18 26.27
N ARG C 407 19.57 -14.01 25.61
CA ARG C 407 19.33 -13.76 24.18
C ARG C 407 18.40 -12.56 24.00
N LEU C 408 17.40 -12.44 24.88
CA LEU C 408 16.46 -11.33 24.85
C LEU C 408 17.14 -9.98 25.14
N ASP C 409 18.11 -10.05 26.05
CA ASP C 409 18.94 -8.89 26.40
C ASP C 409 19.77 -8.45 25.21
N GLU C 410 20.38 -9.42 24.54
CA GLU C 410 21.20 -9.12 23.41
C GLU C 410 20.40 -8.48 22.27
N ALA C 411 19.21 -8.98 21.97
CA ALA C 411 18.45 -8.45 20.84
C ALA C 411 17.97 -7.06 21.17
N THR C 412 17.47 -6.90 22.39
CA THR C 412 16.93 -5.64 22.86
C THR C 412 17.99 -4.53 22.92
N ARG C 413 19.15 -4.78 23.51
CA ARG C 413 20.14 -3.71 23.60
C ARG C 413 20.73 -3.34 22.24
N LEU C 414 20.91 -4.33 21.36
CA LEU C 414 21.39 -4.06 19.98
C LEU C 414 20.40 -3.20 19.18
N ARG C 415 19.09 -3.51 19.28
CA ARG C 415 18.08 -2.73 18.54
C ARG C 415 17.82 -1.30 19.10
N GLY C 416 17.91 -1.16 20.42
CA GLY C 416 17.69 0.12 21.08
C GLY C 416 16.23 0.60 21.12
N VAL C 417 16.02 1.78 21.69
CA VAL C 417 14.66 2.28 21.85
C VAL C 417 14.31 3.20 20.71
N TYR C 418 13.33 2.80 19.92
CA TYR C 418 12.83 3.60 18.81
C TYR C 418 11.45 3.09 18.38
N PRO C 419 10.51 4.00 18.07
CA PRO C 419 10.61 5.47 18.14
C PRO C 419 10.80 6.01 19.56
N LEU D 3 -29.95 -8.50 25.60
CA LEU D 3 -29.53 -7.31 26.40
C LEU D 3 -28.01 -7.20 26.58
N LYS D 4 -27.33 -8.32 26.88
CA LYS D 4 -25.93 -8.39 27.41
C LYS D 4 -24.85 -7.42 26.84
N ALA D 5 -24.01 -6.87 27.73
CA ALA D 5 -23.08 -5.79 27.37
C ALA D 5 -21.63 -5.98 27.77
N TYR D 6 -20.75 -5.28 27.07
CA TYR D 6 -19.34 -5.24 27.40
C TYR D 6 -19.10 -4.97 28.86
N ARG D 7 -18.16 -5.72 29.41
CA ARG D 7 -17.74 -5.59 30.80
C ARG D 7 -16.31 -5.03 30.89
N PRO D 8 -16.19 -3.73 31.23
CA PRO D 8 -14.88 -3.17 31.56
C PRO D 8 -14.33 -3.86 32.82
N PRO D 9 -13.13 -4.43 32.71
CA PRO D 9 -12.56 -5.15 33.83
C PRO D 9 -12.07 -4.20 34.92
N GLU D 10 -11.97 -2.90 34.61
CA GLU D 10 -11.58 -1.84 35.56
C GLU D 10 -12.39 -0.56 35.36
N ASP D 11 -12.58 0.20 36.45
CA ASP D 11 -13.09 1.57 36.40
C ASP D 11 -14.33 1.66 35.49
N PRO D 12 -15.38 0.88 35.83
CA PRO D 12 -16.55 0.72 34.93
C PRO D 12 -17.48 1.94 34.88
N GLY D 13 -17.30 2.87 35.82
CA GLY D 13 -18.25 3.94 36.05
C GLY D 13 -18.83 4.68 34.87
N LEU D 14 -17.96 5.24 34.05
CA LEU D 14 -18.41 6.07 32.93
C LEU D 14 -19.20 5.26 31.88
N TRP D 15 -18.69 4.05 31.61
CA TRP D 15 -19.33 3.08 30.72
C TRP D 15 -20.71 2.68 31.22
N ASP D 16 -20.83 2.52 32.54
CA ASP D 16 -22.09 2.15 33.16
C ASP D 16 -23.12 3.26 33.02
N THR D 17 -22.67 4.50 33.16
CA THR D 17 -23.54 5.64 32.94
C THR D 17 -24.09 5.55 31.53
N TYR D 18 -23.20 5.35 30.57
CA TYR D 18 -23.61 5.24 29.20
C TYR D 18 -24.66 4.13 29.05
N LEU D 19 -24.39 2.95 29.62
CA LEU D 19 -25.36 1.85 29.61
C LEU D 19 -26.72 2.24 30.21
N GLU D 20 -26.70 2.87 31.40
CA GLU D 20 -27.91 3.37 32.08
C GLU D 20 -28.77 4.24 31.16
N TRP D 21 -28.13 5.14 30.41
CA TRP D 21 -28.83 6.03 29.49
C TRP D 21 -29.30 5.29 28.26
N LEU D 22 -28.43 4.41 27.76
CA LEU D 22 -28.76 3.52 26.66
C LEU D 22 -30.01 2.67 27.02
N GLU D 23 -30.13 2.30 28.29
CA GLU D 23 -31.34 1.63 28.76
C GLU D 23 -32.56 2.50 28.77
N ARG D 24 -32.44 3.73 29.27
CA ARG D 24 -33.59 4.62 29.35
C ARG D 24 -34.07 4.98 27.95
N ALA D 25 -33.14 5.30 27.06
CA ALA D 25 -33.43 5.72 25.69
C ALA D 25 -34.04 4.62 24.82
N LEU D 26 -33.78 3.37 25.19
CA LEU D 26 -34.33 2.18 24.50
C LEU D 26 -35.84 2.12 24.45
N LYS D 27 -36.46 2.36 25.60
CA LYS D 27 -37.92 2.28 25.74
C LYS D 27 -38.65 3.48 25.13
N VAL D 28 -37.91 4.27 24.36
CA VAL D 28 -38.40 5.55 23.89
C VAL D 28 -38.00 5.78 22.44
N ALA D 29 -37.14 4.92 21.92
CA ALA D 29 -36.68 5.02 20.54
C ALA D 29 -36.80 3.70 19.80
N GLY D 30 -37.20 3.79 18.52
CA GLY D 30 -37.33 2.63 17.63
C GLY D 30 -35.98 2.13 17.19
N VAL D 31 -35.55 0.99 17.75
CA VAL D 31 -34.16 0.48 17.64
C VAL D 31 -34.13 -1.04 17.44
N HIS D 32 -33.50 -1.51 16.37
CA HIS D 32 -33.35 -2.95 16.11
C HIS D 32 -32.37 -3.55 17.08
N PRO D 33 -32.57 -4.83 17.45
CA PRO D 33 -31.69 -5.51 18.41
C PRO D 33 -30.21 -5.53 18.01
N THR D 34 -29.92 -5.71 16.71
CA THR D 34 -28.53 -5.67 16.22
C THR D 34 -27.84 -4.33 16.53
N THR D 35 -28.57 -3.23 16.35
CA THR D 35 -28.02 -1.93 16.65
C THR D 35 -27.57 -1.79 18.11
N LEU D 36 -28.44 -2.16 19.05
CA LEU D 36 -28.05 -1.99 20.44
C LEU D 36 -27.01 -3.01 20.89
N GLU D 37 -26.89 -4.10 20.15
CA GLU D 37 -25.80 -5.02 20.38
C GLU D 37 -24.48 -4.34 20.06
N TYR D 38 -24.44 -3.61 18.94
CA TYR D 38 -23.25 -2.87 18.50
C TYR D 38 -22.96 -1.71 19.42
N LEU D 39 -23.96 -0.96 19.82
CA LEU D 39 -23.76 0.12 20.80
C LEU D 39 -23.25 -0.34 22.18
N ALA D 40 -23.36 -1.62 22.46
CA ALA D 40 -23.10 -2.13 23.80
C ALA D 40 -21.75 -2.85 23.92
N HIS D 41 -21.02 -2.87 22.82
CA HIS D 41 -19.73 -3.55 22.76
C HIS D 41 -18.75 -2.74 21.91
N PRO D 42 -17.73 -2.11 22.54
CA PRO D 42 -16.81 -1.34 21.67
C PRO D 42 -16.16 -2.25 20.66
N LYS D 43 -16.19 -1.82 19.39
CA LYS D 43 -15.49 -2.51 18.33
C LYS D 43 -14.10 -2.99 18.78
N ARG D 44 -13.26 -2.08 19.26
CA ARG D 44 -11.85 -2.42 19.53
C ARG D 44 -11.32 -1.64 20.73
N LEU D 45 -10.64 -2.33 21.65
CA LEU D 45 -10.02 -1.64 22.80
C LEU D 45 -8.55 -1.99 22.84
N VAL D 46 -7.71 -1.00 22.57
CA VAL D 46 -6.27 -1.22 22.56
C VAL D 46 -5.56 -0.59 23.77
N THR D 47 -4.77 -1.40 24.47
CA THR D 47 -3.87 -0.95 25.52
C THR D 47 -2.46 -0.97 24.94
N LEU D 48 -1.67 0.05 25.22
CA LEU D 48 -0.29 0.08 24.73
C LEU D 48 0.69 0.32 25.85
N SER D 49 1.87 -0.29 25.71
CA SER D 49 3.01 0.05 26.52
C SER D 49 3.90 0.99 25.74
N LEU D 50 4.22 2.12 26.35
CA LEU D 50 4.87 3.20 25.64
C LEU D 50 6.20 3.49 26.29
N PRO D 51 7.27 2.82 25.85
CA PRO D 51 8.58 3.08 26.42
C PRO D 51 9.10 4.45 26.02
N VAL D 52 9.72 5.13 26.96
CA VAL D 52 10.32 6.43 26.68
C VAL D 52 11.64 6.52 27.43
N VAL D 53 12.68 6.90 26.70
CA VAL D 53 13.97 7.26 27.28
C VAL D 53 13.79 8.62 27.95
N MET D 54 13.84 8.62 29.28
CA MET D 54 13.71 9.85 30.06
C MET D 54 14.98 10.65 29.93
N ASP D 55 14.96 11.91 30.38
CA ASP D 55 16.13 12.80 30.26
C ASP D 55 17.39 12.32 31.01
N ASP D 56 17.23 11.45 32.00
CA ASP D 56 18.41 10.90 32.68
C ASP D 56 19.08 9.75 31.92
N GLY D 57 18.45 9.30 30.83
CA GLY D 57 18.96 8.21 30.03
C GLY D 57 18.32 6.88 30.37
N LYS D 58 17.56 6.83 31.47
CA LYS D 58 16.79 5.62 31.82
C LYS D 58 15.44 5.51 31.11
N VAL D 59 15.02 4.28 30.83
CA VAL D 59 13.75 3.99 30.17
C VAL D 59 12.64 3.82 31.20
N ARG D 60 11.52 4.48 30.97
CA ARG D 60 10.30 4.30 31.72
C ARG D 60 9.17 4.00 30.74
N ILE D 61 8.39 2.96 31.04
CA ILE D 61 7.24 2.56 30.23
C ILE D 61 5.93 3.16 30.76
N PHE D 62 5.10 3.72 29.88
CA PHE D 62 3.82 4.28 30.28
C PHE D 62 2.71 3.45 29.66
N GLN D 63 1.48 3.70 30.07
CA GLN D 63 0.38 2.92 29.55
C GLN D 63 -0.61 3.81 28.83
N GLY D 64 -0.98 3.43 27.63
CA GLY D 64 -1.89 4.24 26.85
C GLY D 64 -3.01 3.43 26.24
N TYR D 65 -4.00 4.13 25.72
CA TYR D 65 -5.21 3.48 25.30
C TYR D 65 -5.75 4.09 24.05
N ARG D 66 -6.32 3.26 23.20
CA ARG D 66 -7.15 3.76 22.12
C ARG D 66 -8.33 2.84 21.91
N VAL D 67 -9.52 3.39 22.13
CA VAL D 67 -10.76 2.64 22.00
C VAL D 67 -11.55 3.18 20.82
N VAL D 68 -11.88 2.31 19.87
CA VAL D 68 -12.89 2.64 18.84
C VAL D 68 -14.18 1.96 19.25
N HIS D 69 -15.23 2.77 19.48
CA HIS D 69 -16.52 2.23 19.96
C HIS D 69 -17.43 1.71 18.85
N ASP D 70 -17.84 2.56 17.93
CA ASP D 70 -18.81 2.22 16.92
C ASP D 70 -18.60 3.12 15.72
N ILE D 71 -18.35 2.57 14.55
CA ILE D 71 -18.17 3.42 13.36
C ILE D 71 -19.29 3.32 12.29
N ALA D 72 -20.51 3.01 12.72
CA ALA D 72 -21.65 2.89 11.80
C ALA D 72 -21.79 4.13 10.90
N ARG D 73 -21.77 5.30 11.51
CA ARG D 73 -22.05 6.57 10.83
C ARG D 73 -20.84 7.21 10.11
N GLY D 74 -19.65 6.62 10.25
CA GLY D 74 -18.46 7.24 9.69
C GLY D 74 -17.20 6.88 10.46
N PRO D 75 -16.04 7.42 10.06
CA PRO D 75 -14.77 7.07 10.69
C PRO D 75 -14.81 7.45 12.14
N ALA D 76 -14.03 6.76 12.97
CA ALA D 76 -13.93 7.11 14.39
C ALA D 76 -13.40 8.54 14.64
N LYS D 77 -13.93 9.18 15.66
CA LYS D 77 -13.43 10.49 16.12
C LYS D 77 -13.31 10.43 17.63
N GLY D 78 -12.19 10.93 18.16
CA GLY D 78 -12.00 10.98 19.61
C GLY D 78 -10.74 11.67 20.07
N GLY D 79 -10.83 12.33 21.21
CA GLY D 79 -9.70 13.04 21.78
C GLY D 79 -8.72 12.11 22.46
N VAL D 80 -7.57 12.69 22.81
CA VAL D 80 -6.52 12.02 23.56
C VAL D 80 -6.36 12.75 24.90
N ARG D 81 -6.50 12.00 26.00
CA ARG D 81 -6.26 12.56 27.32
C ARG D 81 -4.83 12.27 27.84
N LEU D 82 -4.23 13.28 28.46
CA LEU D 82 -2.97 13.05 29.16
C LEU D 82 -3.24 13.42 30.61
N ASP D 83 -3.47 12.41 31.43
CA ASP D 83 -3.97 12.62 32.76
C ASP D 83 -3.69 11.40 33.61
N PRO D 84 -3.47 11.60 34.94
CA PRO D 84 -3.16 10.45 35.80
C PRO D 84 -4.35 9.54 36.10
N GLY D 85 -5.56 10.02 35.81
CA GLY D 85 -6.76 9.21 36.02
C GLY D 85 -7.24 8.40 34.82
N VAL D 86 -6.53 8.52 33.69
CA VAL D 86 -6.83 7.76 32.48
C VAL D 86 -6.78 6.26 32.78
N THR D 87 -7.86 5.57 32.40
CA THR D 87 -7.99 4.12 32.53
C THR D 87 -8.76 3.64 31.33
N LEU D 88 -8.81 2.32 31.14
CA LEU D 88 -9.52 1.71 30.01
C LEU D 88 -11.05 1.83 30.13
N GLY D 89 -11.55 1.67 31.36
CA GLY D 89 -12.98 1.84 31.64
C GLY D 89 -13.41 3.23 31.24
N GLN D 90 -12.65 4.24 31.66
CA GLN D 90 -12.97 5.63 31.35
C GLN D 90 -12.91 5.89 29.84
N THR D 91 -11.86 5.38 29.22
CA THR D 91 -11.71 5.55 27.80
C THR D 91 -12.89 4.96 27.01
N ALA D 92 -13.32 3.74 27.38
CA ALA D 92 -14.48 3.12 26.74
C ALA D 92 -15.72 4.00 26.85
N GLY D 93 -15.96 4.51 28.06
CA GLY D 93 -17.10 5.38 28.31
C GLY D 93 -17.02 6.68 27.54
N LEU D 94 -15.82 7.24 27.41
CA LEU D 94 -15.69 8.47 26.62
C LEU D 94 -15.91 8.18 25.14
N ALA D 95 -15.37 7.08 24.64
CA ALA D 95 -15.61 6.68 23.26
C ALA D 95 -17.10 6.55 22.93
N ALA D 96 -17.84 5.89 23.82
CA ALA D 96 -19.25 5.63 23.58
C ALA D 96 -19.99 6.95 23.57
N TRP D 97 -19.58 7.87 24.43
CA TRP D 97 -20.22 9.17 24.42
C TRP D 97 -20.01 10.02 23.20
N MET D 98 -18.85 9.83 22.56
CA MET D 98 -18.56 10.44 21.28
C MET D 98 -19.50 9.90 20.23
N THR D 99 -19.79 8.60 20.28
CA THR D 99 -20.69 8.01 19.29
C THR D 99 -22.06 8.70 19.32
N LEU D 100 -22.59 8.90 20.52
CA LEU D 100 -23.89 9.52 20.75
C LEU D 100 -23.87 10.98 20.37
N LYS D 101 -22.92 11.70 20.94
CA LYS D 101 -22.69 13.12 20.65
C LYS D 101 -22.56 13.41 19.16
N ALA D 102 -21.70 12.64 18.47
CA ALA D 102 -21.58 12.80 17.01
C ALA D 102 -22.92 12.56 16.32
N ALA D 103 -23.63 11.53 16.75
CA ALA D 103 -24.93 11.22 16.19
C ALA D 103 -25.90 12.39 16.42
N VAL D 104 -25.98 12.87 17.67
CA VAL D 104 -26.77 14.05 18.04
C VAL D 104 -26.48 15.21 17.07
N TYR D 105 -25.21 15.47 16.80
CA TYR D 105 -24.84 16.62 15.98
C TYR D 105 -24.98 16.33 14.49
N ASP D 106 -25.38 15.11 14.17
CA ASP D 106 -25.53 14.70 12.78
C ASP D 106 -24.19 14.77 12.02
N LEU D 107 -23.12 14.36 12.67
CA LEU D 107 -21.82 14.38 11.98
C LEU D 107 -21.46 13.00 11.41
N PRO D 108 -20.65 12.97 10.34
CA PRO D 108 -20.34 11.67 9.81
C PRO D 108 -19.13 11.04 10.56
N PHE D 109 -19.24 10.93 11.88
CA PHE D 109 -18.21 10.23 12.67
C PHE D 109 -18.78 9.06 13.47
N GLY D 110 -17.92 8.11 13.82
CA GLY D 110 -18.24 7.18 14.89
C GLY D 110 -17.53 7.65 16.15
N GLY D 111 -17.75 6.95 17.25
CA GLY D 111 -17.09 7.31 18.52
C GLY D 111 -15.75 6.63 18.81
N ALA D 112 -14.81 7.42 19.33
CA ALA D 112 -13.53 6.90 19.81
C ALA D 112 -12.99 7.71 20.98
N ALA D 113 -11.99 7.17 21.65
CA ALA D 113 -11.27 7.90 22.68
C ALA D 113 -9.92 7.21 22.92
N GLY D 114 -8.98 7.96 23.49
CA GLY D 114 -7.65 7.45 23.77
C GLY D 114 -7.07 8.28 24.89
N GLY D 115 -6.02 7.78 25.54
CA GLY D 115 -5.37 8.57 26.55
C GLY D 115 -4.07 7.94 26.94
N ILE D 116 -3.25 8.67 27.68
CA ILE D 116 -2.08 8.11 28.33
C ILE D 116 -2.19 8.42 29.84
N ALA D 117 -1.87 7.42 30.65
CA ALA D 117 -1.88 7.59 32.11
C ALA D 117 -0.55 8.25 32.55
N VAL D 118 -0.58 9.57 32.69
CA VAL D 118 0.62 10.34 32.99
C VAL D 118 0.23 11.67 33.62
N ASP D 119 1.11 12.20 34.48
CA ASP D 119 0.97 13.57 34.87
C ASP D 119 1.89 14.36 33.97
N PRO D 120 1.32 15.15 33.06
CA PRO D 120 2.16 15.99 32.19
C PRO D 120 3.09 16.92 32.96
N LYS D 121 2.66 17.38 34.14
CA LYS D 121 3.51 18.26 34.96
C LYS D 121 4.82 17.60 35.42
N GLY D 122 4.82 16.28 35.59
CA GLY D 122 6.01 15.60 36.09
C GLY D 122 7.01 15.16 35.03
N LEU D 123 6.90 15.73 33.82
CA LEU D 123 7.80 15.41 32.73
C LEU D 123 8.28 16.69 32.14
N SER D 124 9.51 16.67 31.65
CA SER D 124 10.03 17.78 30.85
C SER D 124 9.22 17.89 29.56
N PRO D 125 9.13 19.08 28.98
CA PRO D 125 8.45 19.09 27.67
C PRO D 125 9.04 18.12 26.62
N GLN D 126 10.34 17.78 26.74
CA GLN D 126 10.94 16.83 25.82
C GLN D 126 10.53 15.39 26.12
N GLU D 127 10.43 15.06 27.41
CA GLU D 127 9.92 13.76 27.81
C GLU D 127 8.48 13.60 27.34
N LEU D 128 7.71 14.69 27.40
CA LEU D 128 6.30 14.62 27.00
C LEU D 128 6.18 14.38 25.49
N GLU D 129 7.01 15.08 24.72
CA GLU D 129 7.00 14.97 23.27
C GLU D 129 7.26 13.55 22.85
N ARG D 130 8.32 12.97 23.40
CA ARG D 130 8.70 11.62 23.03
C ARG D 130 7.62 10.62 23.42
N LEU D 131 6.87 10.91 24.48
CA LEU D 131 5.77 10.07 24.90
C LEU D 131 4.61 10.11 23.90
N VAL D 132 4.17 11.31 23.55
CA VAL D 132 3.14 11.48 22.54
C VAL D 132 3.49 10.86 21.19
N ARG D 133 4.76 10.94 20.81
CA ARG D 133 5.23 10.38 19.55
C ARG D 133 5.19 8.85 19.54
N ARG D 134 5.61 8.25 20.66
CA ARG D 134 5.59 6.81 20.77
C ARG D 134 4.14 6.33 20.63
N TYR D 135 3.24 7.04 21.29
CA TYR D 135 1.81 6.75 21.23
C TYR D 135 1.36 6.86 19.79
N THR D 136 1.67 7.96 19.13
CA THR D 136 1.22 8.08 17.77
C THR D 136 1.82 6.98 16.90
N ALA D 137 3.14 6.76 16.99
CA ALA D 137 3.77 5.76 16.16
C ALA D 137 3.18 4.36 16.35
N GLU D 138 2.92 4.00 17.58
CA GLU D 138 2.27 2.72 17.88
C GLU D 138 0.90 2.58 17.23
N LEU D 139 0.25 3.70 16.94
CA LEU D 139 -1.09 3.69 16.46
C LEU D 139 -1.17 3.90 14.95
N VAL D 140 -0.07 4.27 14.31
CA VAL D 140 -0.11 4.65 12.90
C VAL D 140 -0.98 3.73 12.02
N GLY D 141 -0.84 2.42 12.19
CA GLY D 141 -1.66 1.50 11.39
C GLY D 141 -3.14 1.43 11.74
N LEU D 142 -3.58 2.03 12.83
CA LEU D 142 -5.01 1.98 13.23
C LEU D 142 -5.71 3.32 13.20
N ILE D 143 -5.02 4.39 12.80
CA ILE D 143 -5.60 5.74 12.73
C ILE D 143 -5.41 6.38 11.36
N GLY D 144 -5.95 7.58 11.20
CA GLY D 144 -5.78 8.32 9.95
C GLY D 144 -7.07 9.00 9.52
N PRO D 145 -6.99 9.86 8.50
CA PRO D 145 -8.10 10.80 8.26
C PRO D 145 -9.41 10.15 7.87
N ASP D 146 -9.36 8.91 7.42
CA ASP D 146 -10.60 8.20 7.08
C ASP D 146 -10.86 6.94 7.92
N SER D 147 -10.14 6.78 9.03
CA SER D 147 -10.44 5.64 9.89
C SER D 147 -10.63 6.01 11.36
N ASP D 148 -9.68 6.73 11.93
CA ASP D 148 -9.77 7.22 13.33
C ASP D 148 -8.96 8.52 13.44
N ILE D 149 -9.66 9.59 13.80
CA ILE D 149 -9.10 10.94 13.80
C ILE D 149 -8.94 11.43 15.21
N LEU D 150 -7.72 11.75 15.58
CA LEU D 150 -7.44 12.17 16.94
C LEU D 150 -7.80 13.65 17.17
N GLY D 151 -7.89 14.04 18.44
CA GLY D 151 -8.34 15.37 18.83
C GLY D 151 -7.85 15.72 20.23
N PRO D 152 -8.10 16.96 20.66
CA PRO D 152 -7.66 17.42 21.96
C PRO D 152 -8.61 17.03 23.11
N ASP D 153 -8.06 17.03 24.33
CA ASP D 153 -8.77 16.71 25.55
C ASP D 153 -7.92 17.06 26.78
N LEU D 154 -8.43 16.70 27.94
CA LEU D 154 -7.75 16.95 29.19
C LEU D 154 -6.24 16.64 29.13
N GLY D 155 -5.44 17.70 29.18
CA GLY D 155 -3.99 17.61 29.27
C GLY D 155 -3.31 17.63 27.92
N ALA D 156 -4.09 17.71 26.86
CA ALA D 156 -3.56 17.62 25.51
C ALA D 156 -4.05 18.79 24.72
N ASP D 157 -3.14 19.72 24.42
CA ASP D 157 -3.42 20.98 23.73
C ASP D 157 -2.93 21.03 22.24
N GLN D 158 -2.91 22.24 21.64
CA GLN D 158 -2.47 22.43 20.25
C GLN D 158 -1.09 21.82 19.96
N GLN D 159 -0.13 22.02 20.88
CA GLN D 159 1.24 21.53 20.70
C GLN D 159 1.31 20.01 20.66
N VAL D 160 0.59 19.37 21.58
CA VAL D 160 0.41 17.92 21.60
C VAL D 160 -0.20 17.43 20.28
N MET D 161 -1.22 18.12 19.79
CA MET D 161 -1.82 17.75 18.49
C MET D 161 -0.82 17.90 17.33
N ALA D 162 -0.01 18.96 17.40
CA ALA D 162 1.07 19.21 16.45
C ALA D 162 2.00 18.01 16.36
N TRP D 163 2.46 17.51 17.52
CA TRP D 163 3.35 16.33 17.57
C TRP D 163 2.71 15.07 16.98
N ILE D 164 1.41 14.88 17.24
CA ILE D 164 0.68 13.77 16.66
C ILE D 164 0.70 13.82 15.11
N MET D 165 0.33 14.98 14.57
CA MET D 165 0.29 15.23 13.13
C MET D 165 1.69 15.02 12.56
N ASP D 166 2.69 15.55 13.23
CA ASP D 166 4.02 15.37 12.74
C ASP D 166 4.45 13.90 12.69
N THR D 167 4.25 13.16 13.78
CA THR D 167 4.71 11.79 13.85
C THR D 167 4.01 10.89 12.81
N TYR D 168 2.69 11.06 12.69
CA TYR D 168 1.91 10.36 11.68
C TYR D 168 2.43 10.65 10.29
N SER D 169 2.56 11.93 9.98
CA SER D 169 2.94 12.38 8.66
C SER D 169 4.35 11.92 8.32
N MET D 170 5.26 11.97 9.30
CA MET D 170 6.62 11.49 9.06
C MET D 170 6.62 9.98 8.81
N THR D 171 5.92 9.24 9.66
CA THR D 171 5.84 7.78 9.52
C THR D 171 5.29 7.36 8.14
N VAL D 172 4.13 7.92 7.82
CA VAL D 172 3.45 7.66 6.56
C VAL D 172 4.12 8.24 5.27
N GLY D 173 5.08 9.17 5.41
CA GLY D 173 5.74 9.83 4.27
C GLY D 173 4.90 10.81 3.42
N SER D 174 3.78 11.27 3.96
CA SER D 174 3.00 12.31 3.32
C SER D 174 2.45 13.23 4.41
N THR D 175 2.03 14.43 4.01
CA THR D 175 1.59 15.39 4.98
C THR D 175 0.10 15.24 5.10
N VAL D 176 -0.34 14.88 6.30
CA VAL D 176 -1.73 14.51 6.48
C VAL D 176 -2.29 15.23 7.69
N PRO D 177 -2.69 16.51 7.54
CA PRO D 177 -3.23 17.32 8.66
C PRO D 177 -4.52 16.74 9.23
N GLY D 178 -5.22 15.92 8.45
CA GLY D 178 -6.54 15.44 8.79
C GLY D 178 -6.55 14.24 9.70
N VAL D 179 -5.39 13.78 10.15
CA VAL D 179 -5.33 12.70 11.13
C VAL D 179 -5.66 13.16 12.55
N VAL D 180 -5.62 14.47 12.79
CA VAL D 180 -5.87 15.09 14.11
C VAL D 180 -6.49 16.44 13.98
N THR D 181 -7.34 16.77 14.95
CA THR D 181 -7.96 18.08 15.00
C THR D 181 -7.51 18.77 16.24
N GLY D 182 -7.92 20.03 16.41
CA GLY D 182 -7.38 20.88 17.48
C GLY D 182 -5.94 21.31 17.25
N LYS D 183 -5.54 21.38 15.99
CA LYS D 183 -4.19 21.75 15.61
C LYS D 183 -3.97 23.27 15.73
N PRO D 184 -2.69 23.71 15.77
CA PRO D 184 -2.43 25.15 15.58
C PRO D 184 -2.94 25.58 14.22
N HIS D 185 -3.44 26.81 14.09
CA HIS D 185 -3.85 27.31 12.78
C HIS D 185 -2.77 27.10 11.70
N ALA D 186 -1.51 27.31 12.07
CA ALA D 186 -0.37 27.21 11.15
C ALA D 186 -0.21 25.83 10.47
N LEU D 187 -0.80 24.80 11.08
CA LEU D 187 -0.65 23.43 10.60
C LEU D 187 -1.94 22.86 9.99
N GLY D 188 -2.93 23.72 9.81
CA GLY D 188 -4.18 23.31 9.21
C GLY D 188 -5.28 23.26 10.22
N GLY D 189 -5.01 23.79 11.41
CA GLY D 189 -6.03 23.97 12.43
C GLY D 189 -7.07 24.92 11.85
N SER D 190 -8.28 24.90 12.40
CA SER D 190 -9.31 25.78 11.86
C SER D 190 -9.20 27.13 12.51
N GLU D 191 -10.10 28.04 12.13
CA GLU D 191 -10.26 29.27 12.88
C GLU D 191 -10.86 28.86 14.21
N GLY D 192 -10.11 27.97 14.87
CA GLY D 192 -10.32 27.58 16.25
C GLY D 192 -10.73 28.81 17.05
N ARG D 193 -11.67 28.62 17.98
CA ARG D 193 -12.29 27.32 18.27
C ARG D 193 -11.51 26.45 19.28
N ASP D 194 -10.67 27.15 20.05
CA ASP D 194 -10.41 26.82 21.44
C ASP D 194 -11.65 27.30 22.22
N ASP D 195 -12.30 28.34 21.70
CA ASP D 195 -13.52 28.86 22.30
C ASP D 195 -14.80 28.27 21.68
N ALA D 196 -14.63 27.31 20.79
CA ALA D 196 -15.77 26.63 20.19
C ALA D 196 -16.67 26.04 21.25
N ALA D 197 -16.07 25.41 22.25
CA ALA D 197 -16.80 24.71 23.30
C ALA D 197 -17.71 25.67 24.07
N GLY D 198 -17.16 26.82 24.45
CA GLY D 198 -17.90 27.87 25.12
C GLY D 198 -18.93 28.52 24.21
N LEU D 199 -18.50 28.92 23.01
CA LEU D 199 -19.42 29.56 22.08
C LEU D 199 -20.63 28.66 21.84
N GLY D 200 -20.37 27.38 21.61
CA GLY D 200 -21.42 26.41 21.35
C GLY D 200 -22.43 26.30 22.48
N ALA D 201 -21.95 26.27 23.71
CA ALA D 201 -22.83 26.19 24.88
C ALA D 201 -23.84 27.32 24.90
N LEU D 202 -23.35 28.52 24.64
CA LEU D 202 -24.17 29.72 24.70
C LEU D 202 -25.13 29.81 23.52
N LEU D 203 -24.68 29.34 22.36
CA LEU D 203 -25.52 29.36 21.17
C LEU D 203 -26.69 28.42 21.37
N VAL D 204 -26.46 27.31 22.07
CA VAL D 204 -27.51 26.37 22.42
C VAL D 204 -28.38 27.00 23.51
N LEU D 205 -27.74 27.44 24.59
CA LEU D 205 -28.44 28.07 25.72
C LEU D 205 -29.47 29.09 25.25
N GLU D 206 -29.04 30.00 24.38
CA GLU D 206 -29.91 31.03 23.83
C GLU D 206 -30.96 30.44 22.90
N ALA D 207 -30.55 29.63 21.92
CA ALA D 207 -31.53 29.07 20.98
C ALA D 207 -32.69 28.38 21.71
N LEU D 208 -32.45 28.00 22.97
CA LEU D 208 -33.44 27.32 23.79
C LEU D 208 -34.28 28.29 24.61
N ALA D 209 -33.68 29.43 24.97
CA ALA D 209 -34.39 30.54 25.58
C ALA D 209 -35.46 31.12 24.64
N LYS D 210 -35.03 31.52 23.44
CA LYS D 210 -35.91 32.02 22.38
C LYS D 210 -37.03 31.02 22.03
N ARG D 211 -36.93 29.80 22.55
CA ARG D 211 -38.01 28.82 22.44
C ARG D 211 -38.92 28.97 23.67
N ARG D 212 -38.49 28.46 24.82
CA ARG D 212 -39.32 28.45 26.04
C ARG D 212 -39.46 29.82 26.74
N GLY D 213 -39.16 30.90 26.01
CA GLY D 213 -39.43 32.27 26.46
C GLY D 213 -38.70 32.77 27.70
N LEU D 214 -37.36 32.76 27.65
CA LEU D 214 -36.53 33.30 28.74
C LEU D 214 -35.85 34.62 28.35
N ASP D 215 -35.51 34.76 27.06
CA ASP D 215 -34.85 35.95 26.45
C ASP D 215 -33.44 36.33 26.98
N LEU D 216 -33.27 36.26 28.32
CA LEU D 216 -31.95 36.15 29.00
C LEU D 216 -31.05 37.40 29.11
N ARG D 217 -31.51 38.54 28.62
CA ARG D 217 -30.70 39.77 28.69
C ARG D 217 -30.50 40.21 30.14
N GLY D 218 -29.26 40.14 30.62
CA GLY D 218 -28.93 40.55 31.98
C GLY D 218 -29.16 39.51 33.06
N ALA D 219 -29.37 38.26 32.66
CA ALA D 219 -29.42 37.16 33.60
C ALA D 219 -28.03 36.91 34.18
N ARG D 220 -27.98 36.51 35.44
CA ARG D 220 -26.73 36.25 36.13
C ARG D 220 -26.27 34.82 35.87
N VAL D 221 -24.97 34.64 35.64
CA VAL D 221 -24.43 33.34 35.26
C VAL D 221 -23.23 32.94 36.12
N VAL D 222 -23.18 31.68 36.52
CA VAL D 222 -22.04 31.16 37.28
C VAL D 222 -21.29 30.11 36.46
N VAL D 223 -19.97 30.26 36.38
CA VAL D 223 -19.18 29.33 35.58
C VAL D 223 -18.29 28.46 36.44
N GLN D 224 -18.60 27.17 36.48
CA GLN D 224 -17.77 26.17 37.16
C GLN D 224 -16.66 25.70 36.19
N GLY D 225 -15.41 25.92 36.58
CA GLY D 225 -14.26 25.56 35.75
C GLY D 225 -13.80 26.71 34.86
N LEU D 226 -12.50 26.90 34.72
CA LEU D 226 -11.94 27.93 33.84
C LEU D 226 -10.70 27.48 33.09
N GLY D 227 -10.81 26.32 32.43
CA GLY D 227 -9.88 25.96 31.35
C GLY D 227 -10.36 26.66 30.09
N GLN D 228 -9.83 26.27 28.94
CA GLN D 228 -10.25 26.87 27.67
C GLN D 228 -11.78 26.98 27.58
N VAL D 229 -12.47 25.93 28.02
CA VAL D 229 -13.93 25.85 27.96
C VAL D 229 -14.60 26.94 28.80
N GLY D 230 -14.40 26.89 30.12
CA GLY D 230 -14.98 27.88 31.05
C GLY D 230 -14.68 29.34 30.73
N ALA D 231 -13.42 29.61 30.38
CA ALA D 231 -13.00 30.94 29.92
C ALA D 231 -13.88 31.42 28.76
N ALA D 232 -13.97 30.59 27.72
CA ALA D 232 -14.84 30.85 26.59
C ALA D 232 -16.29 31.05 27.02
N VAL D 233 -16.80 30.20 27.91
CA VAL D 233 -18.20 30.31 28.33
C VAL D 233 -18.46 31.65 29.00
N ALA D 234 -17.56 32.02 29.91
CA ALA D 234 -17.62 33.30 30.61
C ALA D 234 -17.51 34.49 29.63
N LEU D 235 -16.42 34.47 28.87
CA LEU D 235 -16.10 35.48 27.86
C LEU D 235 -17.25 35.74 26.89
N HIS D 236 -17.85 34.67 26.38
CA HIS D 236 -18.94 34.79 25.40
C HIS D 236 -20.27 35.18 26.02
N ALA D 237 -20.46 34.88 27.30
CA ALA D 237 -21.66 35.29 28.04
C ALA D 237 -21.78 36.81 28.13
N GLU D 238 -20.64 37.49 28.24
CA GLU D 238 -20.62 38.95 28.27
C GLU D 238 -20.89 39.55 26.90
N ARG D 239 -20.30 38.96 25.85
CA ARG D 239 -20.62 39.31 24.47
C ARG D 239 -22.13 39.29 24.24
N LEU D 240 -22.86 38.47 25.01
CA LEU D 240 -24.31 38.38 24.90
C LEU D 240 -25.05 39.01 26.09
N GLY D 241 -24.36 39.92 26.79
CA GLY D 241 -24.98 40.82 27.77
C GLY D 241 -25.59 40.20 29.02
N MET D 242 -24.92 39.18 29.55
CA MET D 242 -25.33 38.56 30.79
C MET D 242 -24.38 39.00 31.86
N ARG D 243 -24.89 39.14 33.08
CA ARG D 243 -24.04 39.46 34.21
C ARG D 243 -23.43 38.17 34.75
N VAL D 244 -22.15 37.97 34.42
CA VAL D 244 -21.41 36.85 34.96
C VAL D 244 -21.11 37.17 36.41
N VAL D 245 -21.85 36.54 37.32
CA VAL D 245 -21.72 36.81 38.75
C VAL D 245 -20.51 36.12 39.39
N ALA D 246 -20.38 34.81 39.21
CA ALA D 246 -19.29 34.05 39.82
C ALA D 246 -18.58 33.14 38.82
N VAL D 247 -17.42 32.62 39.24
CA VAL D 247 -16.54 31.81 38.39
C VAL D 247 -15.73 30.76 39.18
N ALA D 248 -14.41 30.77 38.99
CA ALA D 248 -13.43 29.93 39.69
C ALA D 248 -13.50 28.42 39.49
N THR D 249 -12.41 27.74 39.85
CA THR D 249 -12.26 26.30 39.68
C THR D 249 -12.66 25.55 40.96
N SER D 250 -11.92 24.50 41.30
CA SER D 250 -12.23 23.60 42.44
C SER D 250 -12.45 24.34 43.76
N MET D 251 -11.99 25.58 43.83
CA MET D 251 -12.22 26.46 44.97
C MET D 251 -12.26 27.94 44.58
N GLY D 252 -12.55 28.79 45.58
CA GLY D 252 -12.30 30.24 45.49
C GLY D 252 -13.34 31.11 44.79
N GLY D 253 -14.41 30.49 44.31
CA GLY D 253 -15.48 31.16 43.56
C GLY D 253 -15.55 32.68 43.64
N MET D 254 -14.78 33.36 42.78
CA MET D 254 -14.74 34.82 42.74
C MET D 254 -16.13 35.42 42.48
N TYR D 255 -16.66 36.07 43.51
CA TYR D 255 -18.05 36.53 43.48
C TYR D 255 -18.17 38.05 43.46
N ALA D 256 -19.07 38.51 42.61
CA ALA D 256 -19.51 39.90 42.59
C ALA D 256 -20.99 39.89 42.17
N PRO D 257 -21.91 39.99 43.14
CA PRO D 257 -23.35 39.81 42.91
C PRO D 257 -23.95 40.68 41.78
N GLU D 258 -23.25 41.75 41.39
CA GLU D 258 -23.73 42.68 40.38
C GLU D 258 -23.01 42.55 39.04
N GLY D 259 -21.88 41.83 39.03
CA GLY D 259 -21.17 41.49 37.79
C GLY D 259 -19.66 41.43 37.84
N LEU D 260 -19.10 40.54 37.02
CA LEU D 260 -17.65 40.43 36.82
C LEU D 260 -17.24 41.09 35.51
N ASP D 261 -15.96 41.44 35.39
CA ASP D 261 -15.41 41.90 34.12
C ASP D 261 -14.46 40.84 33.58
N VAL D 262 -15.03 39.89 32.85
CA VAL D 262 -14.31 38.71 32.35
C VAL D 262 -12.92 39.09 31.82
N ALA D 263 -12.88 39.92 30.78
CA ALA D 263 -11.61 40.36 30.19
C ALA D 263 -10.64 40.89 31.25
N GLU D 264 -11.04 41.94 31.94
CA GLU D 264 -10.21 42.59 32.97
C GLU D 264 -10.09 41.75 34.25
N VAL D 265 -10.37 40.45 34.15
CA VAL D 265 -10.27 39.53 35.29
C VAL D 265 -9.57 38.24 34.88
N LEU D 266 -9.95 37.72 33.72
CA LEU D 266 -9.30 36.56 33.14
C LEU D 266 -7.87 36.92 32.79
N SER D 267 -7.67 38.15 32.31
CA SER D 267 -6.34 38.64 31.91
C SER D 267 -5.36 38.55 33.09
N ALA D 268 -5.81 39.05 34.25
CA ALA D 268 -5.07 38.90 35.50
C ALA D 268 -4.77 37.43 35.79
N TYR D 269 -5.84 36.65 35.96
CA TYR D 269 -5.73 35.22 36.26
C TYR D 269 -4.64 34.50 35.47
N GLU D 270 -4.67 34.67 34.15
CA GLU D 270 -3.91 33.84 33.22
C GLU D 270 -2.39 33.97 33.39
N ALA D 271 -1.90 35.21 33.37
CA ALA D 271 -0.47 35.50 33.42
C ALA D 271 0.13 35.32 34.82
N THR D 272 -0.70 35.53 35.86
CA THR D 272 -0.24 35.56 37.26
C THR D 272 -0.41 34.24 38.01
N GLY D 273 -1.59 33.64 37.90
CA GLY D 273 -1.85 32.34 38.52
C GLY D 273 -3.26 32.16 39.08
N SER D 274 -3.70 33.11 39.90
CA SER D 274 -4.97 32.98 40.62
C SER D 274 -5.94 34.15 40.45
N LEU D 275 -6.96 34.17 41.29
CA LEU D 275 -8.08 35.10 41.18
C LEU D 275 -7.88 36.38 42.03
N PRO D 276 -8.32 37.55 41.51
CA PRO D 276 -8.29 38.85 42.21
C PRO D 276 -8.99 38.91 43.59
N ARG D 277 -10.27 38.51 43.67
CA ARG D 277 -11.00 38.49 44.96
C ARG D 277 -11.78 37.18 45.25
N LEU D 278 -11.20 36.32 46.09
CA LEU D 278 -11.76 34.99 46.41
C LEU D 278 -12.93 35.03 47.41
N ASP D 279 -13.91 35.89 47.12
CA ASP D 279 -15.01 36.22 48.06
C ASP D 279 -15.97 35.06 48.44
N LEU D 280 -15.64 33.83 48.03
CA LEU D 280 -16.50 32.67 48.38
C LEU D 280 -15.79 31.41 48.87
N ALA D 281 -16.48 30.28 48.72
CA ALA D 281 -16.02 28.99 49.23
C ALA D 281 -15.95 27.98 48.09
N PRO D 282 -15.26 26.84 48.30
CA PRO D 282 -15.13 25.78 47.29
C PRO D 282 -16.45 25.06 46.94
N GLU D 283 -17.21 24.72 47.97
CA GLU D 283 -18.49 24.00 47.82
C GLU D 283 -19.61 24.95 47.36
N GLU D 284 -19.56 26.17 47.89
CA GLU D 284 -20.64 27.15 47.78
C GLU D 284 -20.86 27.67 46.35
N VAL D 285 -19.85 27.55 45.50
CA VAL D 285 -19.91 27.98 44.10
C VAL D 285 -21.18 27.51 43.36
N PHE D 286 -21.68 26.32 43.73
CA PHE D 286 -22.88 25.74 43.12
C PHE D 286 -24.18 26.47 43.50
N GLY D 287 -24.32 26.81 44.78
CA GLY D 287 -25.55 27.43 45.29
C GLY D 287 -25.47 28.94 45.42
N LEU D 288 -25.85 29.64 44.36
CA LEU D 288 -25.76 31.11 44.27
C LEU D 288 -26.96 31.74 43.59
N GLU D 289 -27.20 33.02 43.90
CA GLU D 289 -28.36 33.75 43.38
C GLU D 289 -28.13 34.21 41.93
N ALA D 290 -28.16 33.22 41.02
CA ALA D 290 -28.04 33.45 39.58
C ALA D 290 -29.20 32.81 38.80
N GLU D 291 -29.29 33.12 37.51
CA GLU D 291 -30.27 32.54 36.61
C GLU D 291 -29.75 31.26 35.92
N VAL D 292 -28.46 31.25 35.58
CA VAL D 292 -27.87 30.14 34.83
C VAL D 292 -26.58 29.58 35.46
N LEU D 293 -26.57 28.26 35.63
CA LEU D 293 -25.38 27.56 36.08
C LEU D 293 -24.77 26.75 34.94
N VAL D 294 -23.49 26.98 34.66
CA VAL D 294 -22.82 26.32 33.55
C VAL D 294 -21.70 25.40 34.04
N LEU D 295 -21.85 24.11 33.80
CA LEU D 295 -20.89 23.12 34.28
C LEU D 295 -19.86 22.86 33.22
N ALA D 296 -18.68 23.42 33.45
CA ALA D 296 -17.67 23.48 32.42
C ALA D 296 -16.29 23.03 32.90
N ALA D 297 -16.24 21.98 33.72
CA ALA D 297 -14.95 21.53 34.28
C ALA D 297 -14.62 20.05 34.10
N ARG D 298 -15.04 19.22 35.05
CA ARG D 298 -14.76 17.79 34.99
C ARG D 298 -16.02 16.96 35.23
N GLU D 299 -15.94 15.67 34.92
CA GLU D 299 -17.01 14.74 35.28
C GLU D 299 -17.20 14.69 36.80
N GLY D 300 -18.43 14.46 37.22
CA GLY D 300 -18.75 14.33 38.64
C GLY D 300 -18.84 15.65 39.38
N ALA D 301 -18.68 16.75 38.67
CA ALA D 301 -18.71 18.08 39.25
C ALA D 301 -19.85 18.31 40.24
N LEU D 302 -21.09 18.01 39.82
CA LEU D 302 -22.30 18.28 40.61
C LEU D 302 -23.11 17.00 40.85
N ASP D 303 -23.30 16.64 42.12
CA ASP D 303 -24.01 15.39 42.49
C ASP D 303 -25.35 15.63 43.21
N GLY D 304 -26.00 14.54 43.61
CA GLY D 304 -27.32 14.57 44.27
C GLY D 304 -27.43 15.40 45.54
N ASP D 305 -26.38 15.34 46.37
CA ASP D 305 -26.25 16.18 47.56
C ASP D 305 -26.41 17.68 47.23
N ARG D 306 -25.52 18.21 46.38
CA ARG D 306 -25.50 19.63 46.04
C ARG D 306 -26.63 20.11 45.12
N ALA D 307 -27.38 19.18 44.53
CA ALA D 307 -28.52 19.51 43.68
C ALA D 307 -29.68 20.19 44.44
N ARG D 308 -29.94 19.73 45.66
CA ARG D 308 -30.93 20.35 46.56
C ARG D 308 -30.77 21.88 46.61
N GLN D 309 -29.52 22.33 46.54
CA GLN D 309 -29.17 23.72 46.77
C GLN D 309 -29.51 24.68 45.61
N VAL D 310 -29.04 24.37 44.41
CA VAL D 310 -29.04 25.28 43.26
C VAL D 310 -30.36 26.04 43.05
N GLN D 311 -30.25 27.36 42.90
CA GLN D 311 -31.40 28.25 42.78
C GLN D 311 -31.45 28.87 41.38
N ALA D 312 -30.59 28.36 40.50
CA ALA D 312 -30.53 28.83 39.12
C ALA D 312 -31.60 28.15 38.26
N GLN D 313 -32.10 28.88 37.26
CA GLN D 313 -33.16 28.38 36.38
C GLN D 313 -32.64 27.36 35.36
N ALA D 314 -31.63 27.75 34.60
CA ALA D 314 -31.02 26.90 33.61
C ALA D 314 -29.75 26.26 34.16
N VAL D 315 -29.64 24.95 34.03
CA VAL D 315 -28.41 24.25 34.34
C VAL D 315 -27.84 23.69 33.05
N VAL D 316 -26.68 24.22 32.64
CA VAL D 316 -26.08 23.86 31.35
C VAL D 316 -24.83 23.01 31.54
N GLU D 317 -24.94 21.74 31.15
CA GLU D 317 -23.85 20.79 31.26
C GLU D 317 -22.99 20.90 30.01
N VAL D 318 -21.73 21.33 30.18
CA VAL D 318 -20.82 21.50 29.06
C VAL D 318 -19.76 20.40 28.99
N ALA D 319 -19.09 20.15 30.13
CA ALA D 319 -18.13 19.05 30.23
C ALA D 319 -18.88 17.71 30.28
N ASN D 320 -18.39 16.71 29.54
CA ASN D 320 -19.01 15.38 29.52
C ASN D 320 -19.25 14.90 30.94
N PHE D 321 -20.43 14.32 31.16
CA PHE D 321 -20.85 13.80 32.47
C PHE D 321 -20.57 14.76 33.63
N GLY D 322 -20.80 16.05 33.41
CA GLY D 322 -20.53 17.07 34.41
C GLY D 322 -21.55 17.02 35.53
N LEU D 323 -22.73 16.54 35.17
CA LEU D 323 -23.89 16.51 36.06
C LEU D 323 -24.32 15.05 36.34
N ASN D 324 -24.42 14.69 37.63
CA ASN D 324 -24.88 13.35 38.05
C ASN D 324 -26.29 13.04 37.58
N PRO D 325 -26.54 11.78 37.17
CA PRO D 325 -27.91 11.38 36.82
C PRO D 325 -28.88 11.65 37.99
N GLU D 326 -28.48 11.24 39.19
CA GLU D 326 -29.19 11.53 40.44
C GLU D 326 -29.56 13.03 40.54
N ALA D 327 -28.63 13.90 40.14
CA ALA D 327 -28.80 15.36 40.23
C ALA D 327 -29.61 15.97 39.07
N GLU D 328 -29.51 15.38 37.89
CA GLU D 328 -30.33 15.80 36.76
C GLU D 328 -31.79 15.49 37.05
N ALA D 329 -32.04 14.29 37.58
CA ALA D 329 -33.40 13.83 37.89
C ALA D 329 -34.09 14.74 38.90
N TYR D 330 -33.34 15.24 39.88
CA TYR D 330 -33.90 16.14 40.87
C TYR D 330 -34.22 17.50 40.27
N LEU D 331 -33.20 18.13 39.69
CA LEU D 331 -33.33 19.49 39.17
C LEU D 331 -34.43 19.60 38.12
N LEU D 332 -34.67 18.51 37.41
CA LEU D 332 -35.75 18.45 36.42
C LEU D 332 -37.11 18.46 37.11
N GLY D 333 -37.30 17.55 38.08
CA GLY D 333 -38.53 17.46 38.86
C GLY D 333 -38.90 18.80 39.50
N LYS D 334 -37.87 19.60 39.77
CA LYS D 334 -37.99 20.94 40.34
C LYS D 334 -38.37 21.98 39.26
N GLY D 335 -38.71 21.52 38.05
CA GLY D 335 -39.08 22.41 36.93
C GLY D 335 -37.95 23.18 36.23
N ALA D 336 -36.71 23.02 36.71
CA ALA D 336 -35.55 23.73 36.15
C ALA D 336 -35.15 23.21 34.77
N LEU D 337 -34.60 24.09 33.95
CA LEU D 337 -34.17 23.75 32.59
C LEU D 337 -32.77 23.15 32.59
N VAL D 338 -32.69 21.91 32.16
CA VAL D 338 -31.44 21.18 32.16
C VAL D 338 -30.99 20.97 30.75
N VAL D 339 -29.78 21.48 30.46
CA VAL D 339 -29.20 21.36 29.12
C VAL D 339 -28.11 20.30 29.11
N PRO D 340 -28.32 19.24 28.33
CA PRO D 340 -27.41 18.12 28.43
C PRO D 340 -26.14 18.34 27.61
N ASP D 341 -25.06 17.71 28.08
CA ASP D 341 -23.75 17.82 27.47
C ASP D 341 -23.75 17.29 26.05
N LEU D 342 -24.68 16.39 25.76
CA LEU D 342 -24.86 15.90 24.40
C LEU D 342 -25.25 17.03 23.47
N LEU D 343 -25.91 18.04 24.03
CA LEU D 343 -26.35 19.16 23.26
C LEU D 343 -25.43 20.36 23.47
N SER D 344 -25.18 20.73 24.72
CA SER D 344 -24.42 21.95 24.98
C SER D 344 -22.91 21.72 25.15
N GLY D 345 -22.52 20.46 25.24
CA GLY D 345 -21.09 20.13 25.22
C GLY D 345 -20.55 19.76 23.84
N GLY D 346 -21.18 20.23 22.79
CA GLY D 346 -20.86 19.77 21.44
C GLY D 346 -20.09 20.74 20.56
N GLY D 347 -19.74 21.90 21.08
CA GLY D 347 -19.08 22.95 20.31
C GLY D 347 -17.69 22.58 19.83
N GLY D 348 -16.94 21.90 20.71
CA GLY D 348 -15.57 21.46 20.41
C GLY D 348 -15.56 20.45 19.28
N LEU D 349 -16.37 19.43 19.42
CA LEU D 349 -16.48 18.38 18.43
C LEU D 349 -16.99 18.89 17.08
N LEU D 350 -17.90 19.87 17.10
CA LEU D 350 -18.37 20.49 15.85
C LEU D 350 -17.30 21.32 15.16
N ALA D 351 -16.50 22.06 15.95
CA ALA D 351 -15.39 22.84 15.36
C ALA D 351 -14.36 21.88 14.74
N SER D 352 -14.11 20.78 15.46
CA SER D 352 -13.21 19.74 15.00
C SER D 352 -13.69 19.16 13.68
N TYR D 353 -15.01 18.95 13.55
CA TYR D 353 -15.54 18.49 12.28
C TYR D 353 -15.20 19.48 11.14
N LEU D 354 -15.36 20.78 11.37
CA LEU D 354 -15.07 21.80 10.36
C LEU D 354 -13.60 21.95 10.02
N GLU D 355 -12.73 21.83 11.02
CA GLU D 355 -11.31 21.75 10.80
C GLU D 355 -11.01 20.58 9.85
N TRP D 356 -11.66 19.46 10.07
CA TRP D 356 -11.30 18.22 9.38
C TRP D 356 -11.78 18.24 7.94
N VAL D 357 -12.96 18.84 7.77
CA VAL D 357 -13.52 19.12 6.45
C VAL D 357 -12.56 19.97 5.64
N GLN D 358 -12.10 21.07 6.23
CA GLN D 358 -11.18 21.96 5.52
C GLN D 358 -9.81 21.34 5.18
N ASP D 359 -9.32 20.45 6.08
CA ASP D 359 -8.05 19.73 5.87
C ASP D 359 -8.10 18.74 4.72
N LEU D 360 -9.29 18.26 4.38
CA LEU D 360 -9.44 17.26 3.33
C LEU D 360 -9.09 17.82 1.95
N ASN D 361 -9.60 18.99 1.59
CA ASN D 361 -9.16 19.64 0.35
C ASN D 361 -8.11 20.75 0.52
N MET D 362 -7.73 21.00 1.78
CA MET D 362 -6.77 22.03 2.18
C MET D 362 -7.13 23.45 1.77
N PHE D 363 -8.40 23.80 1.92
CA PHE D 363 -8.88 25.16 1.65
C PHE D 363 -9.57 25.68 2.90
N PHE D 364 -9.08 26.81 3.36
CA PHE D 364 -9.49 27.35 4.63
C PHE D 364 -10.40 28.54 4.48
N TRP D 365 -11.55 28.44 5.13
CA TRP D 365 -12.54 29.49 5.14
C TRP D 365 -12.05 30.67 5.97
N SER D 366 -12.63 31.85 5.77
CA SER D 366 -12.38 32.99 6.64
C SER D 366 -12.98 32.74 8.04
N PRO D 367 -12.50 33.47 9.06
CA PRO D 367 -13.06 33.29 10.42
C PRO D 367 -14.57 33.52 10.49
N GLU D 368 -15.12 34.24 9.53
CA GLU D 368 -16.55 34.54 9.54
C GLU D 368 -17.36 33.44 8.86
N GLU D 369 -16.84 32.92 7.74
CA GLU D 369 -17.33 31.71 7.10
C GLU D 369 -17.41 30.55 8.12
N VAL D 370 -16.37 30.41 8.95
CA VAL D 370 -16.35 29.39 9.97
C VAL D 370 -17.46 29.59 11.02
N ARG D 371 -17.61 30.83 11.53
CA ARG D 371 -18.68 31.16 12.50
C ARG D 371 -20.07 30.94 11.91
N GLU D 372 -20.28 31.42 10.68
CA GLU D 372 -21.52 31.19 9.96
C GLU D 372 -21.85 29.69 9.96
N ARG D 373 -20.96 28.89 9.36
CA ARG D 373 -21.19 27.46 9.26
C ARG D 373 -21.45 26.80 10.61
N PHE D 374 -20.71 27.25 11.62
CA PHE D 374 -20.80 26.77 12.98
C PHE D 374 -22.15 27.08 13.59
N GLU D 375 -22.58 28.34 13.49
CA GLU D 375 -23.83 28.75 14.09
C GLU D 375 -24.99 28.05 13.40
N THR D 376 -24.90 27.97 12.07
CA THR D 376 -25.93 27.34 11.23
C THR D 376 -26.21 25.92 11.67
N ARG D 377 -25.14 25.16 11.89
CA ARG D 377 -25.28 23.78 12.31
C ARG D 377 -25.71 23.65 13.78
N VAL D 378 -25.36 24.60 14.64
CA VAL D 378 -25.86 24.53 16.01
C VAL D 378 -27.38 24.73 16.07
N ALA D 379 -27.88 25.77 15.40
CA ALA D 379 -29.31 25.96 15.26
C ALA D 379 -30.01 24.68 14.74
N ARG D 380 -29.64 24.20 13.55
CA ARG D 380 -30.23 22.96 13.03
C ARG D 380 -30.30 21.82 14.08
N VAL D 381 -29.24 21.65 14.87
CA VAL D 381 -29.14 20.53 15.82
C VAL D 381 -30.11 20.67 16.99
N VAL D 382 -30.18 21.88 17.55
CA VAL D 382 -31.11 22.19 18.62
C VAL D 382 -32.53 21.94 18.11
N ASP D 383 -32.78 22.41 16.90
CA ASP D 383 -34.10 22.30 16.34
C ASP D 383 -34.52 20.85 16.15
N ALA D 384 -33.57 20.00 15.73
CA ALA D 384 -33.83 18.57 15.54
C ALA D 384 -34.12 17.85 16.85
N VAL D 385 -33.50 18.32 17.93
CA VAL D 385 -33.59 17.68 19.23
C VAL D 385 -34.87 18.07 19.97
N CYS D 386 -35.28 19.33 19.81
CA CYS D 386 -36.54 19.79 20.37
C CYS D 386 -37.69 19.12 19.66
N ARG D 387 -37.64 19.14 18.33
CA ARG D 387 -38.61 18.50 17.45
C ARG D 387 -38.75 17.03 17.82
N ARG D 388 -37.63 16.36 18.03
CA ARG D 388 -37.66 14.97 18.47
C ARG D 388 -38.20 14.80 19.88
N ALA D 389 -37.79 15.67 20.80
CA ALA D 389 -38.25 15.60 22.17
C ALA D 389 -39.75 15.97 22.32
N GLU D 390 -40.19 17.01 21.63
CA GLU D 390 -41.63 17.33 21.55
C GLU D 390 -42.42 16.10 21.10
N ARG D 391 -42.05 15.53 19.94
CA ARG D 391 -42.68 14.33 19.35
C ARG D 391 -43.06 13.24 20.34
N GLY D 392 -42.26 13.09 21.39
CA GLY D 392 -42.46 12.03 22.37
C GLY D 392 -42.64 12.52 23.79
N GLY D 393 -42.94 13.81 23.95
CA GLY D 393 -43.08 14.42 25.28
C GLY D 393 -41.93 14.05 26.20
N LEU D 394 -40.71 14.27 25.71
CA LEU D 394 -39.49 13.89 26.42
C LEU D 394 -38.72 15.13 26.88
N ASP D 395 -37.86 14.96 27.89
CA ASP D 395 -36.91 16.01 28.26
C ASP D 395 -35.77 16.04 27.23
N LEU D 396 -34.96 17.09 27.27
CA LEU D 396 -33.90 17.33 26.30
C LEU D 396 -32.96 16.14 26.08
N ARG D 397 -32.47 15.56 27.18
CA ARG D 397 -31.52 14.47 27.10
C ARG D 397 -32.11 13.23 26.44
N MET D 398 -33.39 13.00 26.68
CA MET D 398 -34.09 11.84 26.17
C MET D 398 -34.37 12.02 24.69
N GLY D 399 -34.70 13.26 24.30
CA GLY D 399 -34.84 13.63 22.90
C GLY D 399 -33.51 13.53 22.15
N ALA D 400 -32.42 13.98 22.77
CA ALA D 400 -31.10 13.93 22.16
C ALA D 400 -30.72 12.46 21.93
N LEU D 401 -30.79 11.70 23.02
CA LEU D 401 -30.50 10.29 23.03
C LEU D 401 -31.33 9.55 22.00
N ALA D 402 -32.64 9.85 21.95
CA ALA D 402 -33.54 9.18 21.02
C ALA D 402 -33.17 9.52 19.61
N LEU D 403 -32.99 10.81 19.32
CA LEU D 403 -32.52 11.26 18.01
C LEU D 403 -31.28 10.48 17.57
N ALA D 404 -30.25 10.49 18.40
CA ALA D 404 -29.00 9.74 18.16
C ALA D 404 -29.26 8.26 17.88
N LEU D 405 -30.09 7.66 18.73
CA LEU D 405 -30.42 6.23 18.62
C LEU D 405 -30.99 5.84 17.25
N GLU D 406 -31.90 6.67 16.74
CA GLU D 406 -32.53 6.43 15.46
C GLU D 406 -31.55 6.59 14.31
N ARG D 407 -30.69 7.61 14.38
CA ARG D 407 -29.68 7.80 13.34
C ARG D 407 -28.69 6.63 13.31
N LEU D 408 -28.22 6.23 14.48
CA LEU D 408 -27.39 5.06 14.60
C LEU D 408 -28.08 3.81 14.09
N ASP D 409 -29.41 3.76 14.29
CA ASP D 409 -30.17 2.59 13.88
C ASP D 409 -30.27 2.50 12.36
N GLU D 410 -30.49 3.63 11.71
CA GLU D 410 -30.56 3.59 10.25
C GLU D 410 -29.23 3.18 9.58
N ALA D 411 -28.11 3.78 9.99
CA ALA D 411 -26.78 3.40 9.44
C ALA D 411 -26.38 1.92 9.67
N THR D 412 -26.61 1.41 10.88
CA THR D 412 -26.26 0.03 11.22
C THR D 412 -27.11 -0.92 10.43
N ARG D 413 -28.40 -0.64 10.42
CA ARG D 413 -29.37 -1.50 9.79
C ARG D 413 -29.05 -1.55 8.31
N LEU D 414 -28.75 -0.39 7.73
CA LEU D 414 -28.52 -0.33 6.30
C LEU D 414 -27.26 -1.06 5.88
N ARG D 415 -26.19 -0.88 6.66
CA ARG D 415 -24.89 -1.48 6.37
C ARG D 415 -24.85 -3.00 6.54
N GLY D 416 -25.47 -3.50 7.63
CA GLY D 416 -25.52 -4.94 7.92
C GLY D 416 -24.27 -5.47 8.63
N VAL D 417 -24.24 -6.77 8.87
CA VAL D 417 -23.15 -7.37 9.61
C VAL D 417 -22.22 -7.99 8.61
N TYR D 418 -21.02 -7.41 8.51
CA TYR D 418 -19.98 -7.86 7.61
C TYR D 418 -18.65 -7.31 8.07
N PRO D 419 -17.60 -8.17 8.11
CA PRO D 419 -17.58 -9.61 7.79
C PRO D 419 -18.45 -10.42 8.74
N LEU E 3 -25.19 -31.20 -15.13
CA LEU E 3 -24.16 -30.41 -14.38
C LEU E 3 -24.16 -28.96 -14.81
N LYS E 4 -24.35 -28.06 -13.85
CA LYS E 4 -24.38 -26.65 -14.21
C LYS E 4 -23.01 -25.99 -14.15
N ALA E 5 -22.63 -25.39 -15.29
CA ALA E 5 -21.29 -24.85 -15.53
C ALA E 5 -21.31 -23.54 -16.32
N TYR E 6 -20.23 -22.76 -16.21
CA TYR E 6 -20.02 -21.59 -17.05
C TYR E 6 -20.04 -21.94 -18.53
N ARG E 7 -20.68 -21.08 -19.31
CA ARG E 7 -20.74 -21.23 -20.75
C ARG E 7 -19.96 -20.10 -21.40
N PRO E 8 -18.84 -20.42 -22.08
CA PRO E 8 -18.17 -19.38 -22.83
C PRO E 8 -19.02 -19.00 -24.02
N PRO E 9 -19.13 -17.70 -24.32
CA PRO E 9 -19.93 -17.16 -25.41
C PRO E 9 -19.34 -17.47 -26.79
N GLU E 10 -18.02 -17.58 -26.87
CA GLU E 10 -17.26 -17.78 -28.11
C GLU E 10 -16.34 -19.01 -27.94
N ASP E 11 -16.27 -19.87 -28.96
CA ASP E 11 -15.19 -20.86 -29.12
C ASP E 11 -15.04 -21.81 -27.89
N PRO E 12 -16.12 -22.52 -27.51
CA PRO E 12 -16.16 -23.20 -26.21
C PRO E 12 -15.48 -24.56 -26.17
N GLY E 13 -14.83 -24.94 -27.26
CA GLY E 13 -14.31 -26.30 -27.43
C GLY E 13 -13.47 -26.82 -26.28
N LEU E 14 -12.41 -26.09 -25.92
CA LEU E 14 -11.49 -26.57 -24.89
C LEU E 14 -12.15 -26.65 -23.52
N TRP E 15 -12.98 -25.66 -23.21
CA TRP E 15 -13.75 -25.67 -21.99
C TRP E 15 -14.62 -26.91 -21.94
N ASP E 16 -15.33 -27.19 -23.04
CA ASP E 16 -16.30 -28.29 -23.07
C ASP E 16 -15.60 -29.62 -22.79
N THR E 17 -14.43 -29.81 -23.40
CA THR E 17 -13.62 -31.00 -23.14
C THR E 17 -13.33 -31.14 -21.67
N TYR E 18 -12.86 -30.05 -21.05
CA TYR E 18 -12.61 -30.03 -19.61
C TYR E 18 -13.85 -30.47 -18.84
N LEU E 19 -15.00 -29.99 -19.28
CA LEU E 19 -16.23 -30.33 -18.63
C LEU E 19 -16.57 -31.80 -18.75
N GLU E 20 -16.35 -32.36 -19.94
CA GLU E 20 -16.51 -33.80 -20.16
C GLU E 20 -15.69 -34.59 -19.18
N TRP E 21 -14.40 -34.28 -19.12
CA TRP E 21 -13.52 -35.01 -18.22
C TRP E 21 -13.88 -34.83 -16.75
N LEU E 22 -14.33 -33.63 -16.37
CA LEU E 22 -14.73 -33.36 -15.00
C LEU E 22 -15.84 -34.32 -14.61
N GLU E 23 -16.82 -34.44 -15.50
CA GLU E 23 -18.02 -35.18 -15.23
C GLU E 23 -17.81 -36.68 -15.21
N ARG E 24 -16.95 -37.17 -16.07
CA ARG E 24 -16.53 -38.56 -15.99
C ARG E 24 -15.84 -38.88 -14.67
N ALA E 25 -14.95 -37.97 -14.24
CA ALA E 25 -14.13 -38.21 -13.07
C ALA E 25 -14.93 -38.07 -11.79
N LEU E 26 -15.91 -37.17 -11.82
CA LEU E 26 -16.90 -37.02 -10.79
C LEU E 26 -17.48 -38.38 -10.34
N LYS E 27 -17.75 -39.25 -11.32
CA LYS E 27 -18.28 -40.61 -11.07
C LYS E 27 -17.32 -41.56 -10.31
N VAL E 28 -16.04 -41.20 -10.21
CA VAL E 28 -15.04 -42.12 -9.64
C VAL E 28 -14.18 -41.50 -8.53
N ALA E 29 -14.48 -40.26 -8.16
CA ALA E 29 -13.74 -39.57 -7.10
C ALA E 29 -14.72 -38.82 -6.23
N GLY E 30 -14.42 -38.77 -4.94
CA GLY E 30 -15.29 -38.13 -3.96
C GLY E 30 -15.17 -36.62 -4.06
N VAL E 31 -16.15 -36.00 -4.72
CA VAL E 31 -16.15 -34.55 -4.88
C VAL E 31 -17.45 -33.99 -4.35
N HIS E 32 -17.33 -33.16 -3.32
CA HIS E 32 -18.45 -32.45 -2.78
C HIS E 32 -19.07 -31.44 -3.78
N PRO E 33 -20.39 -31.18 -3.66
CA PRO E 33 -21.08 -30.24 -4.57
C PRO E 33 -20.46 -28.82 -4.66
N THR E 34 -19.98 -28.25 -3.54
CA THR E 34 -19.42 -26.89 -3.56
C THR E 34 -18.15 -26.87 -4.40
N THR E 35 -17.30 -27.87 -4.18
CA THR E 35 -16.07 -28.02 -4.96
C THR E 35 -16.39 -28.07 -6.44
N LEU E 36 -17.47 -28.76 -6.77
CA LEU E 36 -17.87 -28.98 -8.14
C LEU E 36 -18.31 -27.66 -8.75
N GLU E 37 -18.94 -26.82 -7.91
CA GLU E 37 -19.40 -25.55 -8.37
C GLU E 37 -18.21 -24.66 -8.69
N TYR E 38 -17.21 -24.68 -7.81
CA TYR E 38 -16.02 -23.84 -8.01
C TYR E 38 -15.28 -24.30 -9.23
N LEU E 39 -15.22 -25.61 -9.42
CA LEU E 39 -14.53 -26.18 -10.58
C LEU E 39 -15.18 -25.85 -11.90
N ALA E 40 -16.49 -25.62 -11.88
CA ALA E 40 -17.28 -25.42 -13.10
C ALA E 40 -17.49 -23.94 -13.49
N HIS E 41 -16.99 -23.02 -12.67
CA HIS E 41 -17.12 -21.60 -12.99
C HIS E 41 -15.79 -20.91 -12.69
N PRO E 42 -15.07 -20.46 -13.74
CA PRO E 42 -13.85 -19.70 -13.44
C PRO E 42 -14.13 -18.53 -12.52
N LYS E 43 -13.24 -18.35 -11.54
CA LYS E 43 -13.24 -17.21 -10.64
C LYS E 43 -13.41 -15.86 -11.36
N ARG E 44 -12.67 -15.68 -12.45
CA ARG E 44 -12.55 -14.37 -13.11
C ARG E 44 -12.03 -14.49 -14.53
N LEU E 45 -12.76 -13.92 -15.48
CA LEU E 45 -12.27 -13.85 -16.87
C LEU E 45 -12.16 -12.39 -17.23
N VAL E 46 -10.96 -11.98 -17.65
CA VAL E 46 -10.65 -10.60 -18.00
C VAL E 46 -10.24 -10.50 -19.47
N THR E 47 -10.96 -9.66 -20.23
CA THR E 47 -10.68 -9.28 -21.60
C THR E 47 -10.17 -7.85 -21.62
N LEU E 48 -9.08 -7.62 -22.34
CA LEU E 48 -8.44 -6.32 -22.36
C LEU E 48 -8.35 -5.75 -23.77
N SER E 49 -8.58 -4.44 -23.90
CA SER E 49 -8.22 -3.74 -25.13
C SER E 49 -6.83 -3.16 -24.97
N LEU E 50 -5.92 -3.60 -25.84
CA LEU E 50 -4.50 -3.27 -25.75
C LEU E 50 -4.05 -2.33 -26.86
N PRO E 51 -4.06 -1.02 -26.59
CA PRO E 51 -3.66 -0.11 -27.68
C PRO E 51 -2.15 -0.14 -27.87
N VAL E 52 -1.69 0.12 -29.09
CA VAL E 52 -0.27 0.02 -29.43
C VAL E 52 0.08 1.01 -30.57
N VAL E 53 1.11 1.83 -30.37
CA VAL E 53 1.60 2.70 -31.43
C VAL E 53 2.43 1.86 -32.38
N MET E 54 1.90 1.62 -33.57
CA MET E 54 2.59 0.79 -34.56
C MET E 54 3.82 1.53 -35.09
N ASP E 55 4.62 0.86 -35.94
CA ASP E 55 5.80 1.51 -36.53
C ASP E 55 5.49 2.77 -37.32
N ASP E 56 4.43 2.73 -38.14
CA ASP E 56 3.94 3.94 -38.83
C ASP E 56 3.48 5.11 -37.94
N GLY E 57 3.19 4.88 -36.67
CA GLY E 57 2.68 5.95 -35.79
C GLY E 57 1.17 5.90 -35.53
N LYS E 58 0.49 4.98 -36.21
CA LYS E 58 -0.93 4.72 -36.00
C LYS E 58 -1.17 3.74 -34.85
N VAL E 59 -2.13 4.05 -34.01
CA VAL E 59 -2.53 3.16 -32.94
C VAL E 59 -3.39 2.04 -33.50
N ARG E 60 -3.08 0.82 -33.12
CA ARG E 60 -3.91 -0.33 -33.42
C ARG E 60 -4.24 -0.99 -32.10
N ILE E 61 -5.45 -1.50 -31.92
CA ILE E 61 -5.80 -2.06 -30.63
C ILE E 61 -5.91 -3.56 -30.76
N PHE E 62 -5.34 -4.28 -29.81
CA PHE E 62 -5.37 -5.72 -29.80
C PHE E 62 -6.22 -6.26 -28.67
N GLN E 63 -6.52 -7.54 -28.73
CA GLN E 63 -7.35 -8.08 -27.71
C GLN E 63 -6.65 -9.19 -27.02
N GLY E 64 -6.60 -9.08 -25.68
CA GLY E 64 -5.97 -10.06 -24.81
C GLY E 64 -6.87 -10.54 -23.68
N TYR E 65 -6.49 -11.62 -23.04
CA TYR E 65 -7.35 -12.27 -22.06
C TYR E 65 -6.52 -12.75 -20.92
N ARG E 66 -7.10 -12.73 -19.71
CA ARG E 66 -6.51 -13.36 -18.52
C ARG E 66 -7.57 -14.03 -17.65
N VAL E 67 -7.46 -15.34 -17.52
CA VAL E 67 -8.47 -16.09 -16.81
C VAL E 67 -7.85 -16.74 -15.61
N VAL E 68 -8.41 -16.47 -14.45
CA VAL E 68 -8.12 -17.25 -13.26
C VAL E 68 -9.31 -18.17 -13.00
N HIS E 69 -9.04 -19.47 -13.07
CA HIS E 69 -10.05 -20.47 -12.93
C HIS E 69 -10.35 -20.75 -11.46
N ASP E 70 -9.34 -21.17 -10.70
CA ASP E 70 -9.52 -21.70 -9.36
C ASP E 70 -8.22 -21.62 -8.60
N ILE E 71 -8.26 -21.05 -7.39
CA ILE E 71 -7.02 -20.88 -6.63
C ILE E 71 -7.04 -21.53 -5.25
N ALA E 72 -7.86 -22.57 -5.08
CA ALA E 72 -7.91 -23.27 -3.80
C ALA E 72 -6.51 -23.63 -3.30
N ARG E 73 -5.66 -24.14 -4.21
CA ARG E 73 -4.46 -24.81 -3.78
C ARG E 73 -3.22 -23.89 -3.72
N GLY E 74 -3.42 -22.63 -4.12
CA GLY E 74 -2.37 -21.61 -4.05
C GLY E 74 -2.57 -20.56 -5.13
N PRO E 75 -1.59 -19.65 -5.28
CA PRO E 75 -1.66 -18.60 -6.30
C PRO E 75 -1.84 -19.22 -7.68
N ALA E 76 -2.47 -18.49 -8.58
CA ALA E 76 -2.68 -18.95 -9.92
C ALA E 76 -1.37 -18.99 -10.74
N LYS E 77 -1.25 -20.02 -11.58
CA LYS E 77 -0.16 -20.14 -12.51
C LYS E 77 -0.78 -20.33 -13.89
N GLY E 78 -0.20 -19.69 -14.89
CA GLY E 78 -0.77 -19.75 -16.21
C GLY E 78 0.12 -19.15 -17.28
N GLY E 79 0.32 -19.90 -18.34
CA GLY E 79 1.07 -19.44 -19.49
C GLY E 79 0.33 -18.39 -20.30
N VAL E 80 1.10 -17.71 -21.16
CA VAL E 80 0.61 -16.63 -22.00
C VAL E 80 0.83 -16.95 -23.47
N ARG E 81 -0.24 -16.90 -24.25
CA ARG E 81 -0.20 -17.26 -25.66
C ARG E 81 -0.26 -16.03 -26.54
N LEU E 82 0.64 -15.97 -27.52
CA LEU E 82 0.56 -14.93 -28.55
C LEU E 82 0.31 -15.62 -29.87
N ASP E 83 -0.96 -15.68 -30.28
CA ASP E 83 -1.35 -16.54 -31.40
C ASP E 83 -2.68 -16.08 -31.98
N PRO E 84 -2.83 -16.15 -33.31
CA PRO E 84 -4.06 -15.56 -33.91
C PRO E 84 -5.37 -16.24 -33.52
N GLY E 85 -5.29 -17.49 -33.04
CA GLY E 85 -6.48 -18.22 -32.62
C GLY E 85 -6.81 -18.15 -31.14
N VAL E 86 -6.19 -17.22 -30.40
CA VAL E 86 -6.47 -17.03 -28.96
C VAL E 86 -7.87 -16.44 -28.78
N THR E 87 -8.70 -17.20 -28.08
CA THR E 87 -10.02 -16.72 -27.71
C THR E 87 -10.17 -16.80 -26.21
N LEU E 88 -11.26 -16.23 -25.71
CA LEU E 88 -11.64 -16.32 -24.30
C LEU E 88 -12.01 -17.75 -23.96
N GLY E 89 -12.81 -18.36 -24.82
CA GLY E 89 -13.19 -19.76 -24.71
C GLY E 89 -12.02 -20.67 -24.48
N GLN E 90 -11.03 -20.67 -25.38
CA GLN E 90 -9.86 -21.54 -25.21
C GLN E 90 -9.00 -21.17 -24.03
N THR E 91 -8.89 -19.89 -23.72
CA THR E 91 -8.17 -19.49 -22.51
C THR E 91 -8.89 -20.08 -21.30
N ALA E 92 -10.21 -19.95 -21.24
CA ALA E 92 -10.92 -20.57 -20.13
C ALA E 92 -10.54 -22.05 -20.00
N GLY E 93 -10.56 -22.78 -21.11
CA GLY E 93 -10.29 -24.21 -21.12
C GLY E 93 -8.91 -24.51 -20.61
N LEU E 94 -7.94 -23.68 -21.01
CA LEU E 94 -6.54 -23.86 -20.61
C LEU E 94 -6.32 -23.55 -19.14
N ALA E 95 -7.04 -22.58 -18.60
CA ALA E 95 -6.88 -22.19 -17.20
C ALA E 95 -7.31 -23.31 -16.27
N ALA E 96 -8.46 -23.91 -16.58
CA ALA E 96 -8.98 -25.05 -15.86
C ALA E 96 -8.06 -26.25 -15.97
N TRP E 97 -7.44 -26.44 -17.14
CA TRP E 97 -6.53 -27.55 -17.35
C TRP E 97 -5.32 -27.37 -16.45
N MET E 98 -4.87 -26.12 -16.32
CA MET E 98 -3.86 -25.79 -15.36
C MET E 98 -4.23 -26.18 -13.90
N THR E 99 -5.44 -25.84 -13.45
CA THR E 99 -5.90 -26.26 -12.11
C THR E 99 -5.64 -27.77 -11.89
N LEU E 100 -6.12 -28.59 -12.82
CA LEU E 100 -5.92 -30.04 -12.75
C LEU E 100 -4.45 -30.43 -12.85
N LYS E 101 -3.74 -29.92 -13.87
CA LYS E 101 -2.33 -30.26 -14.06
C LYS E 101 -1.52 -30.01 -12.79
N ALA E 102 -1.58 -28.78 -12.29
CA ALA E 102 -0.93 -28.40 -11.02
C ALA E 102 -1.25 -29.37 -9.93
N ALA E 103 -2.50 -29.79 -9.88
CA ALA E 103 -3.00 -30.64 -8.80
C ALA E 103 -2.40 -32.03 -8.91
N VAL E 104 -2.42 -32.58 -10.13
CA VAL E 104 -1.80 -33.87 -10.40
C VAL E 104 -0.33 -33.86 -9.96
N TYR E 105 0.37 -32.76 -10.25
CA TYR E 105 1.78 -32.65 -9.92
C TYR E 105 2.04 -32.17 -8.51
N ASP E 106 0.96 -31.96 -7.77
CA ASP E 106 0.99 -31.68 -6.33
C ASP E 106 1.63 -30.32 -6.05
N LEU E 107 1.46 -29.39 -6.97
CA LEU E 107 2.13 -28.11 -6.84
C LEU E 107 1.20 -27.16 -6.09
N PRO E 108 1.77 -26.17 -5.37
CA PRO E 108 0.87 -25.28 -4.65
C PRO E 108 0.38 -24.15 -5.56
N PHE E 109 -0.29 -24.52 -6.65
CA PHE E 109 -0.75 -23.54 -7.63
C PHE E 109 -2.22 -23.76 -7.98
N GLY E 110 -2.96 -22.68 -8.21
CA GLY E 110 -4.26 -22.75 -8.84
C GLY E 110 -4.04 -22.65 -10.32
N GLY E 111 -5.09 -22.65 -11.12
CA GLY E 111 -4.96 -22.57 -12.55
C GLY E 111 -5.33 -21.23 -13.18
N ALA E 112 -4.49 -20.77 -14.09
CA ALA E 112 -4.76 -19.56 -14.84
C ALA E 112 -4.31 -19.81 -16.28
N ALA E 113 -4.68 -18.88 -17.17
CA ALA E 113 -4.11 -18.81 -18.51
C ALA E 113 -4.35 -17.39 -19.06
N GLY E 114 -3.52 -17.01 -20.02
CA GLY E 114 -3.64 -15.73 -20.70
C GLY E 114 -3.27 -15.89 -22.15
N GLY E 115 -3.50 -14.82 -22.91
CA GLY E 115 -3.14 -14.78 -24.32
C GLY E 115 -3.59 -13.48 -24.96
N ILE E 116 -3.03 -13.21 -26.14
CA ILE E 116 -3.42 -12.08 -26.96
C ILE E 116 -3.66 -12.62 -28.35
N ALA E 117 -4.73 -12.15 -28.99
CA ALA E 117 -5.07 -12.57 -30.32
C ALA E 117 -4.19 -11.85 -31.31
N VAL E 118 -2.99 -12.39 -31.54
CA VAL E 118 -2.04 -11.73 -32.42
C VAL E 118 -1.20 -12.72 -33.21
N ASP E 119 -0.80 -12.29 -34.41
CA ASP E 119 0.25 -12.96 -35.18
C ASP E 119 1.62 -12.36 -34.86
N PRO E 120 2.37 -12.96 -33.90
CA PRO E 120 3.64 -12.37 -33.46
C PRO E 120 4.64 -12.20 -34.60
N LYS E 121 4.76 -13.18 -35.47
CA LYS E 121 5.71 -13.08 -36.60
C LYS E 121 5.33 -11.94 -37.57
N GLY E 122 4.14 -11.38 -37.38
CA GLY E 122 3.64 -10.31 -38.26
C GLY E 122 3.87 -8.89 -37.76
N LEU E 123 4.41 -8.76 -36.54
CA LEU E 123 4.73 -7.44 -35.99
C LEU E 123 6.23 -7.26 -36.03
N SER E 124 6.69 -6.02 -35.96
CA SER E 124 8.11 -5.75 -35.72
C SER E 124 8.46 -6.04 -34.26
N PRO E 125 9.75 -6.32 -33.98
CA PRO E 125 10.26 -6.47 -32.62
C PRO E 125 9.78 -5.37 -31.70
N GLN E 126 9.72 -4.12 -32.17
CA GLN E 126 9.22 -3.04 -31.28
C GLN E 126 7.70 -3.04 -31.02
N GLU E 127 6.92 -3.43 -32.03
CA GLU E 127 5.48 -3.58 -31.87
C GLU E 127 5.16 -4.73 -30.92
N LEU E 128 5.80 -5.88 -31.16
CA LEU E 128 5.64 -7.01 -30.25
C LEU E 128 5.95 -6.60 -28.82
N GLU E 129 7.03 -5.87 -28.61
CA GLU E 129 7.46 -5.48 -27.26
C GLU E 129 6.45 -4.58 -26.58
N ARG E 130 5.99 -3.59 -27.32
CA ARG E 130 5.01 -2.68 -26.78
C ARG E 130 3.70 -3.38 -26.41
N LEU E 131 3.35 -4.41 -27.19
CA LEU E 131 2.12 -5.13 -26.96
C LEU E 131 2.22 -5.91 -25.66
N VAL E 132 3.27 -6.72 -25.54
CA VAL E 132 3.55 -7.48 -24.32
C VAL E 132 3.65 -6.56 -23.07
N ARG E 133 4.25 -5.37 -23.20
CA ARG E 133 4.36 -4.48 -22.05
C ARG E 133 2.99 -3.99 -21.61
N ARG E 134 2.18 -3.56 -22.58
CA ARG E 134 0.85 -3.06 -22.32
C ARG E 134 -0.06 -4.13 -21.70
N TYR E 135 0.11 -5.36 -22.16
CA TYR E 135 -0.64 -6.44 -21.61
C TYR E 135 -0.31 -6.59 -20.14
N THR E 136 0.97 -6.42 -19.83
CA THR E 136 1.45 -6.61 -18.50
C THR E 136 1.05 -5.46 -17.59
N ALA E 137 1.20 -4.23 -18.06
CA ALA E 137 0.83 -3.04 -17.27
C ALA E 137 -0.64 -3.07 -16.95
N GLU E 138 -1.46 -3.46 -17.91
CA GLU E 138 -2.90 -3.62 -17.68
C GLU E 138 -3.22 -4.64 -16.62
N LEU E 139 -2.31 -5.58 -16.37
CA LEU E 139 -2.53 -6.71 -15.46
C LEU E 139 -1.86 -6.54 -14.12
N VAL E 140 -1.04 -5.50 -13.98
CA VAL E 140 -0.25 -5.32 -12.77
C VAL E 140 -1.01 -5.50 -11.42
N GLY E 141 -2.19 -4.90 -11.31
CA GLY E 141 -2.95 -5.01 -10.07
C GLY E 141 -3.57 -6.38 -9.81
N LEU E 142 -3.48 -7.27 -10.80
CA LEU E 142 -4.16 -8.56 -10.79
C LEU E 142 -3.20 -9.74 -10.85
N ILE E 143 -1.92 -9.44 -11.07
CA ILE E 143 -0.87 -10.46 -11.10
C ILE E 143 0.17 -10.16 -10.04
N GLY E 144 1.15 -11.05 -9.94
CA GLY E 144 2.22 -10.91 -8.97
C GLY E 144 2.60 -12.30 -8.47
N PRO E 145 3.76 -12.41 -7.78
CA PRO E 145 4.37 -13.69 -7.38
C PRO E 145 3.53 -14.48 -6.38
N ASP E 146 2.54 -13.85 -5.79
CA ASP E 146 1.62 -14.63 -4.97
C ASP E 146 0.14 -14.40 -5.28
N SER E 147 -0.17 -14.06 -6.53
CA SER E 147 -1.56 -13.93 -6.95
C SER E 147 -1.78 -14.68 -8.24
N ASP E 148 -1.02 -14.32 -9.26
CA ASP E 148 -1.16 -14.91 -10.59
C ASP E 148 0.22 -14.81 -11.25
N ILE E 149 0.84 -15.96 -11.43
CA ILE E 149 2.23 -16.05 -11.88
C ILE E 149 2.25 -16.43 -13.35
N LEU E 150 2.69 -15.49 -14.20
CA LEU E 150 2.64 -15.72 -15.64
C LEU E 150 3.70 -16.72 -16.04
N GLY E 151 3.61 -17.21 -17.27
CA GLY E 151 4.54 -18.21 -17.77
C GLY E 151 4.42 -18.27 -19.26
N PRO E 152 5.35 -18.99 -19.91
CA PRO E 152 5.40 -19.07 -21.38
C PRO E 152 4.40 -20.07 -21.94
N ASP E 153 4.12 -19.91 -23.24
CA ASP E 153 3.29 -20.81 -24.04
C ASP E 153 3.51 -20.45 -25.52
N LEU E 154 2.77 -21.07 -26.43
CA LEU E 154 2.75 -20.71 -27.84
C LEU E 154 2.99 -19.22 -28.15
N GLY E 155 4.05 -18.97 -28.90
CA GLY E 155 4.40 -17.62 -29.37
C GLY E 155 4.98 -16.75 -28.28
N ALA E 156 5.24 -17.35 -27.12
CA ALA E 156 5.77 -16.58 -26.00
C ALA E 156 7.08 -17.16 -25.47
N ASP E 157 8.14 -16.49 -25.88
CA ASP E 157 9.55 -16.68 -25.60
C ASP E 157 10.00 -16.38 -24.18
N GLN E 158 11.19 -16.87 -23.87
CA GLN E 158 11.98 -16.36 -22.80
C GLN E 158 12.17 -14.82 -22.89
N GLN E 159 12.33 -14.30 -24.12
CA GLN E 159 12.45 -12.84 -24.30
C GLN E 159 11.14 -12.12 -23.91
N VAL E 160 10.02 -12.72 -24.28
CA VAL E 160 8.73 -12.18 -23.90
C VAL E 160 8.58 -12.20 -22.36
N MET E 161 8.90 -13.32 -21.73
CA MET E 161 8.92 -13.43 -20.27
C MET E 161 9.77 -12.32 -19.65
N ALA E 162 10.89 -11.97 -20.29
CA ALA E 162 11.74 -10.88 -19.80
C ALA E 162 11.01 -9.57 -19.79
N TRP E 163 10.26 -9.27 -20.85
CA TRP E 163 9.57 -8.01 -20.93
C TRP E 163 8.46 -7.97 -19.89
N ILE E 164 7.89 -9.14 -19.63
CA ILE E 164 6.86 -9.25 -18.59
C ILE E 164 7.46 -8.98 -17.21
N MET E 165 8.61 -9.55 -16.93
CA MET E 165 9.24 -9.38 -15.65
C MET E 165 9.63 -7.91 -15.51
N ASP E 166 10.16 -7.34 -16.58
CA ASP E 166 10.64 -5.97 -16.51
C ASP E 166 9.52 -4.95 -16.37
N THR E 167 8.41 -5.17 -17.07
CA THR E 167 7.30 -4.21 -17.06
C THR E 167 6.68 -4.17 -15.67
N TYR E 168 6.45 -5.36 -15.11
CA TYR E 168 5.90 -5.50 -13.78
C TYR E 168 6.80 -4.76 -12.79
N SER E 169 8.07 -5.19 -12.77
CA SER E 169 9.09 -4.65 -11.87
C SER E 169 9.24 -3.12 -11.91
N MET E 170 9.12 -2.54 -13.09
CA MET E 170 9.25 -1.10 -13.26
C MET E 170 7.98 -0.39 -12.76
N THR E 171 6.82 -1.01 -12.92
CA THR E 171 5.59 -0.44 -12.43
C THR E 171 5.53 -0.44 -10.90
N VAL E 172 5.88 -1.57 -10.31
CA VAL E 172 5.71 -1.84 -8.90
C VAL E 172 6.91 -1.26 -8.08
N GLY E 173 8.01 -0.96 -8.77
CA GLY E 173 9.18 -0.29 -8.21
C GLY E 173 10.07 -1.19 -7.37
N SER E 174 10.10 -2.47 -7.73
CA SER E 174 10.90 -3.47 -7.05
C SER E 174 11.33 -4.55 -8.04
N THR E 175 12.50 -5.16 -7.81
CA THR E 175 12.89 -6.30 -8.62
C THR E 175 12.06 -7.51 -8.18
N VAL E 176 11.17 -7.97 -9.05
CA VAL E 176 10.27 -9.06 -8.69
C VAL E 176 10.34 -10.17 -9.75
N PRO E 177 11.34 -11.06 -9.63
CA PRO E 177 11.52 -12.11 -10.62
C PRO E 177 10.43 -13.15 -10.65
N GLY E 178 9.73 -13.33 -9.53
CA GLY E 178 8.77 -14.41 -9.39
C GLY E 178 7.37 -14.19 -9.92
N VAL E 179 7.14 -13.07 -10.61
CA VAL E 179 5.85 -12.79 -11.24
C VAL E 179 5.67 -13.60 -12.52
N VAL E 180 6.77 -14.03 -13.14
CA VAL E 180 6.73 -14.86 -14.35
C VAL E 180 7.80 -15.93 -14.33
N THR E 181 7.50 -17.02 -15.02
CA THR E 181 8.47 -18.05 -15.22
C THR E 181 8.84 -18.17 -16.68
N GLY E 182 9.75 -19.09 -16.97
CA GLY E 182 10.36 -19.23 -18.28
C GLY E 182 11.32 -18.12 -18.64
N LYS E 183 11.85 -17.42 -17.64
CA LYS E 183 12.80 -16.33 -17.89
C LYS E 183 14.18 -16.81 -18.38
N PRO E 184 14.92 -15.89 -19.06
CA PRO E 184 16.33 -16.12 -19.31
C PRO E 184 17.07 -16.37 -18.00
N HIS E 185 18.03 -17.28 -18.02
CA HIS E 185 18.78 -17.62 -16.81
C HIS E 185 19.24 -16.34 -16.07
N ALA E 186 19.66 -15.33 -16.83
CA ALA E 186 20.19 -14.06 -16.33
C ALA E 186 19.25 -13.24 -15.43
N LEU E 187 17.97 -13.57 -15.45
CA LEU E 187 16.95 -12.71 -14.88
C LEU E 187 16.21 -13.37 -13.72
N GLY E 188 16.74 -14.51 -13.30
CA GLY E 188 16.11 -15.30 -12.28
C GLY E 188 15.54 -16.56 -12.86
N GLY E 189 15.88 -16.84 -14.11
CA GLY E 189 15.50 -18.08 -14.76
C GLY E 189 16.18 -19.27 -14.07
N SER E 190 15.61 -20.44 -14.29
CA SER E 190 16.22 -21.67 -13.77
C SER E 190 16.98 -22.31 -14.93
N GLU E 191 17.53 -23.49 -14.70
CA GLU E 191 18.53 -24.06 -15.59
C GLU E 191 17.99 -24.82 -16.79
N GLY E 192 18.53 -24.46 -17.97
CA GLY E 192 18.34 -25.14 -19.28
C GLY E 192 16.92 -25.50 -19.68
N ARG E 193 16.22 -26.13 -18.75
CA ARG E 193 14.82 -26.33 -18.83
C ARG E 193 14.20 -24.92 -18.74
N ASP E 194 13.38 -24.51 -19.72
CA ASP E 194 12.56 -25.40 -20.53
C ASP E 194 13.17 -26.04 -21.84
N ASP E 195 13.88 -27.15 -21.60
CA ASP E 195 13.94 -28.30 -22.45
C ASP E 195 13.24 -29.34 -21.55
N ALA E 196 12.52 -28.82 -20.56
CA ALA E 196 11.85 -29.57 -19.51
C ALA E 196 10.58 -30.27 -19.96
N ALA E 197 9.77 -29.61 -20.78
CA ALA E 197 8.58 -30.23 -21.34
C ALA E 197 8.89 -31.56 -22.00
N GLY E 198 9.97 -31.60 -22.77
CA GLY E 198 10.37 -32.77 -23.54
C GLY E 198 11.07 -33.80 -22.69
N LEU E 199 11.97 -33.31 -21.84
CA LEU E 199 12.67 -34.16 -20.91
C LEU E 199 11.65 -34.87 -20.01
N GLY E 200 10.66 -34.10 -19.55
CA GLY E 200 9.60 -34.60 -18.70
C GLY E 200 8.79 -35.67 -19.41
N ALA E 201 8.46 -35.41 -20.67
CA ALA E 201 7.62 -36.31 -21.43
C ALA E 201 8.28 -37.68 -21.41
N LEU E 202 9.58 -37.69 -21.71
CA LEU E 202 10.32 -38.93 -21.80
C LEU E 202 10.54 -39.59 -20.46
N LEU E 203 10.73 -38.80 -19.41
CA LEU E 203 10.85 -39.35 -18.06
C LEU E 203 9.60 -40.12 -17.62
N VAL E 204 8.45 -39.59 -18.02
CA VAL E 204 7.17 -40.21 -17.75
C VAL E 204 7.07 -41.52 -18.52
N LEU E 205 7.38 -41.48 -19.82
CA LEU E 205 7.35 -42.69 -20.64
C LEU E 205 8.25 -43.78 -20.02
N GLU E 206 9.47 -43.40 -19.66
CA GLU E 206 10.43 -44.36 -19.15
C GLU E 206 9.96 -45.04 -17.86
N ALA E 207 9.41 -44.23 -16.94
CA ALA E 207 8.87 -44.76 -15.70
C ALA E 207 7.69 -45.70 -15.98
N LEU E 208 6.76 -45.27 -16.82
CA LEU E 208 5.60 -46.09 -17.14
C LEU E 208 5.97 -47.43 -17.80
N ALA E 209 7.17 -47.49 -18.38
CA ALA E 209 7.69 -48.66 -19.10
C ALA E 209 8.41 -49.64 -18.16
N LYS E 210 9.34 -49.11 -17.37
CA LYS E 210 10.03 -49.86 -16.33
C LYS E 210 9.02 -50.41 -15.32
N ARG E 211 7.84 -49.80 -15.30
CA ARG E 211 6.76 -50.22 -14.42
C ARG E 211 5.98 -51.41 -15.00
N ARG E 212 5.67 -51.37 -16.30
CA ARG E 212 4.93 -52.47 -16.92
C ARG E 212 5.85 -53.39 -17.72
N GLY E 213 7.12 -53.39 -17.34
CA GLY E 213 8.12 -54.30 -17.90
C GLY E 213 8.26 -54.31 -19.41
N LEU E 214 8.21 -53.14 -20.05
CA LEU E 214 8.61 -52.98 -21.45
C LEU E 214 10.03 -52.41 -21.51
N ASP E 215 10.67 -52.53 -22.68
CA ASP E 215 11.94 -51.86 -22.92
C ASP E 215 11.89 -50.92 -24.13
N LEU E 216 12.65 -49.82 -24.04
CA LEU E 216 12.62 -48.82 -25.09
C LEU E 216 13.88 -48.82 -25.96
N ARG E 217 14.86 -49.66 -25.59
CA ARG E 217 16.05 -49.88 -26.40
C ARG E 217 15.59 -50.20 -27.82
N GLY E 218 15.72 -49.21 -28.70
CA GLY E 218 15.43 -49.38 -30.11
C GLY E 218 13.97 -49.33 -30.52
N ALA E 219 13.13 -48.78 -29.66
CA ALA E 219 11.73 -48.49 -30.01
C ALA E 219 11.66 -47.37 -31.05
N ARG E 220 10.73 -47.50 -32.00
CA ARG E 220 10.54 -46.49 -33.04
C ARG E 220 9.52 -45.43 -32.60
N VAL E 221 9.94 -44.16 -32.71
CA VAL E 221 9.21 -43.00 -32.21
C VAL E 221 8.85 -42.03 -33.33
N VAL E 222 7.58 -41.61 -33.34
CA VAL E 222 7.11 -40.53 -34.22
C VAL E 222 6.83 -39.31 -33.37
N VAL E 223 7.55 -38.23 -33.64
CA VAL E 223 7.34 -36.98 -32.90
C VAL E 223 6.57 -36.03 -33.77
N GLN E 224 5.33 -35.76 -33.37
CA GLN E 224 4.53 -34.78 -34.05
C GLN E 224 4.65 -33.42 -33.35
N GLY E 225 5.31 -32.49 -34.03
CA GLY E 225 5.58 -31.13 -33.55
C GLY E 225 7.08 -30.99 -33.45
N LEU E 226 7.64 -29.85 -33.85
CA LEU E 226 9.07 -29.62 -33.59
C LEU E 226 9.47 -28.26 -32.97
N GLY E 227 8.63 -27.69 -32.10
CA GLY E 227 9.05 -26.52 -31.30
C GLY E 227 9.95 -26.90 -30.13
N GLN E 228 9.99 -26.05 -29.11
CA GLN E 228 10.79 -26.32 -27.91
C GLN E 228 10.50 -27.75 -27.45
N VAL E 229 9.21 -28.09 -27.41
CA VAL E 229 8.72 -29.35 -26.85
C VAL E 229 9.18 -30.56 -27.67
N GLY E 230 8.73 -30.62 -28.92
CA GLY E 230 9.08 -31.72 -29.82
C GLY E 230 10.57 -31.95 -30.04
N ALA E 231 11.31 -30.88 -30.32
CA ALA E 231 12.75 -30.96 -30.48
C ALA E 231 13.40 -31.75 -29.32
N ALA E 232 13.13 -31.31 -28.09
CA ALA E 232 13.63 -32.00 -26.91
C ALA E 232 13.13 -33.44 -26.80
N VAL E 233 11.89 -33.70 -27.18
CA VAL E 233 11.39 -35.07 -27.16
C VAL E 233 12.28 -35.87 -28.08
N ALA E 234 12.22 -35.54 -29.36
CA ALA E 234 13.12 -36.12 -30.35
C ALA E 234 14.55 -36.28 -29.78
N LEU E 235 15.14 -35.19 -29.30
CA LEU E 235 16.50 -35.24 -28.79
C LEU E 235 16.69 -36.30 -27.69
N HIS E 236 15.80 -36.27 -26.70
CA HIS E 236 15.92 -37.16 -25.54
C HIS E 236 15.59 -38.61 -25.84
N ALA E 237 14.65 -38.81 -26.75
CA ALA E 237 14.35 -40.13 -27.28
C ALA E 237 15.61 -40.76 -27.89
N GLU E 238 16.34 -39.97 -28.67
CA GLU E 238 17.58 -40.41 -29.32
C GLU E 238 18.69 -40.82 -28.33
N ARG E 239 18.86 -40.06 -27.25
CA ARG E 239 19.90 -40.37 -26.24
C ARG E 239 19.54 -41.57 -25.34
N LEU E 240 18.25 -41.87 -25.22
CA LEU E 240 17.84 -43.10 -24.55
C LEU E 240 17.90 -44.31 -25.50
N GLY E 241 18.39 -44.08 -26.72
CA GLY E 241 18.60 -45.15 -27.69
C GLY E 241 17.32 -45.63 -28.34
N MET E 242 16.45 -44.68 -28.67
CA MET E 242 15.25 -44.93 -29.46
C MET E 242 15.51 -44.45 -30.86
N ARG E 243 14.79 -45.05 -31.80
CA ARG E 243 14.88 -44.68 -33.18
C ARG E 243 13.76 -43.69 -33.50
N VAL E 244 14.12 -42.43 -33.71
CA VAL E 244 13.14 -41.43 -34.08
C VAL E 244 12.91 -41.56 -35.58
N VAL E 245 11.80 -42.17 -35.98
CA VAL E 245 11.61 -42.47 -37.40
C VAL E 245 10.97 -41.34 -38.19
N ALA E 246 10.27 -40.44 -37.50
CA ALA E 246 9.71 -39.29 -38.17
C ALA E 246 9.53 -38.17 -37.20
N VAL E 247 9.72 -36.97 -37.73
CA VAL E 247 9.33 -35.77 -37.04
C VAL E 247 8.37 -35.07 -38.00
N ALA E 248 7.53 -34.16 -37.50
CA ALA E 248 6.54 -33.52 -38.36
C ALA E 248 6.23 -32.13 -37.85
N THR E 249 6.24 -31.18 -38.76
CA THR E 249 5.86 -29.80 -38.47
C THR E 249 4.47 -29.59 -39.06
N SER E 250 3.94 -28.37 -38.97
CA SER E 250 2.59 -28.12 -39.48
C SER E 250 2.57 -28.16 -41.00
N MET E 251 3.75 -28.38 -41.61
CA MET E 251 3.87 -28.40 -43.07
C MET E 251 3.96 -29.81 -43.65
N GLY E 252 4.28 -30.79 -42.80
CA GLY E 252 4.50 -32.16 -43.25
C GLY E 252 5.60 -32.82 -42.43
N GLY E 253 5.95 -34.05 -42.80
CA GLY E 253 6.93 -34.80 -42.03
C GLY E 253 8.04 -35.47 -42.82
N MET E 254 9.16 -35.67 -42.15
CA MET E 254 10.29 -36.38 -42.73
C MET E 254 10.41 -37.75 -42.06
N TYR E 255 10.48 -38.79 -42.87
CA TYR E 255 10.41 -40.17 -42.41
C TYR E 255 11.58 -41.03 -42.88
N ALA E 256 12.25 -41.67 -41.93
CA ALA E 256 13.31 -42.63 -42.20
C ALA E 256 13.08 -43.83 -41.30
N PRO E 257 12.58 -44.95 -41.87
CA PRO E 257 12.26 -46.19 -41.17
C PRO E 257 13.39 -46.74 -40.29
N GLU E 258 14.61 -46.32 -40.58
CA GLU E 258 15.80 -46.80 -39.87
C GLU E 258 16.25 -45.83 -38.77
N GLY E 259 15.71 -44.61 -38.77
CA GLY E 259 16.05 -43.61 -37.75
C GLY E 259 16.64 -42.37 -38.33
N LEU E 260 16.13 -41.21 -37.92
CA LEU E 260 16.63 -39.92 -38.39
C LEU E 260 17.80 -39.50 -37.55
N ASP E 261 18.78 -38.84 -38.18
CA ASP E 261 19.81 -38.15 -37.43
C ASP E 261 19.15 -36.90 -36.86
N VAL E 262 18.80 -36.95 -35.59
CA VAL E 262 18.07 -35.83 -34.96
C VAL E 262 18.91 -34.55 -34.90
N ALA E 263 20.23 -34.70 -34.89
CA ALA E 263 21.15 -33.55 -34.98
C ALA E 263 21.00 -32.82 -36.31
N GLU E 264 20.92 -33.58 -37.39
CA GLU E 264 20.83 -33.05 -38.75
C GLU E 264 19.51 -32.32 -38.98
N VAL E 265 18.42 -32.97 -38.61
CA VAL E 265 17.08 -32.44 -38.86
C VAL E 265 16.84 -31.18 -38.03
N LEU E 266 17.24 -31.19 -36.76
CA LEU E 266 16.98 -30.02 -35.92
C LEU E 266 17.78 -28.82 -36.37
N SER E 267 19.01 -29.08 -36.79
CA SER E 267 19.93 -28.06 -37.27
C SER E 267 19.35 -27.29 -38.48
N ALA E 268 18.96 -28.04 -39.52
CA ALA E 268 18.28 -27.48 -40.67
C ALA E 268 17.01 -26.67 -40.30
N TYR E 269 16.17 -27.22 -39.44
CA TYR E 269 14.89 -26.60 -39.08
C TYR E 269 15.06 -25.29 -38.32
N GLU E 270 16.06 -25.26 -37.44
CA GLU E 270 16.41 -24.07 -36.67
C GLU E 270 16.99 -22.95 -37.54
N ALA E 271 17.60 -23.32 -38.65
CA ALA E 271 18.27 -22.36 -39.53
C ALA E 271 17.37 -21.80 -40.62
N THR E 272 16.34 -22.56 -40.98
CA THR E 272 15.55 -22.28 -42.19
C THR E 272 14.05 -22.33 -42.01
N GLY E 273 13.58 -23.04 -40.98
CA GLY E 273 12.14 -23.25 -40.74
C GLY E 273 11.53 -24.42 -41.52
N SER E 274 12.40 -25.24 -42.12
CA SER E 274 11.97 -26.41 -42.89
C SER E 274 12.81 -27.62 -42.51
N LEU E 275 12.26 -28.81 -42.74
CA LEU E 275 13.03 -30.03 -42.63
C LEU E 275 13.88 -30.21 -43.92
N PRO E 276 15.00 -30.98 -43.83
CA PRO E 276 15.80 -31.26 -45.02
C PRO E 276 14.97 -31.77 -46.23
N ARG E 277 14.00 -32.64 -45.96
CA ARG E 277 13.06 -33.13 -46.99
C ARG E 277 11.64 -33.36 -46.46
N LEU E 278 10.65 -33.13 -47.32
CA LEU E 278 9.26 -33.39 -46.97
C LEU E 278 8.89 -34.74 -47.55
N ASP E 279 8.60 -35.71 -46.69
CA ASP E 279 8.20 -37.05 -47.15
C ASP E 279 6.69 -37.23 -47.16
N LEU E 280 6.05 -36.79 -46.10
CA LEU E 280 4.63 -37.01 -45.91
C LEU E 280 3.97 -35.68 -45.71
N ALA E 281 2.72 -35.58 -46.14
CA ALA E 281 1.86 -34.49 -45.71
C ALA E 281 1.64 -34.68 -44.21
N PRO E 282 1.39 -33.57 -43.49
CA PRO E 282 1.40 -33.61 -42.02
C PRO E 282 0.48 -34.68 -41.40
N GLU E 283 -0.72 -34.83 -41.97
CA GLU E 283 -1.71 -35.81 -41.51
C GLU E 283 -1.37 -37.29 -41.73
N GLU E 284 -0.34 -37.58 -42.52
CA GLU E 284 0.04 -38.97 -42.81
C GLU E 284 0.97 -39.51 -41.73
N VAL E 285 1.43 -38.62 -40.86
CA VAL E 285 2.48 -38.97 -39.91
C VAL E 285 1.97 -39.83 -38.74
N PHE E 286 0.69 -39.70 -38.43
CA PHE E 286 0.04 -40.47 -37.37
C PHE E 286 -0.04 -41.94 -37.72
N GLY E 287 -0.29 -42.22 -39.00
CA GLY E 287 -0.51 -43.59 -39.47
C GLY E 287 0.76 -44.39 -39.67
N LEU E 288 1.90 -43.90 -39.21
CA LEU E 288 3.17 -44.56 -39.48
C LEU E 288 3.43 -45.77 -38.60
N GLU E 289 4.13 -46.75 -39.16
CA GLU E 289 4.53 -47.95 -38.45
C GLU E 289 5.63 -47.61 -37.44
N ALA E 290 5.22 -47.47 -36.17
CA ALA E 290 6.12 -47.10 -35.08
C ALA E 290 5.60 -47.74 -33.81
N GLU E 291 6.39 -47.68 -32.73
CA GLU E 291 5.94 -48.18 -31.43
C GLU E 291 5.38 -47.06 -30.56
N VAL E 292 5.98 -45.86 -30.69
CA VAL E 292 5.64 -44.67 -29.90
C VAL E 292 5.20 -43.49 -30.77
N LEU E 293 4.06 -42.89 -30.41
CA LEU E 293 3.58 -41.68 -31.06
C LEU E 293 3.55 -40.55 -30.04
N VAL E 294 4.29 -39.48 -30.32
CA VAL E 294 4.31 -38.36 -29.41
C VAL E 294 3.62 -37.15 -30.03
N LEU E 295 2.56 -36.69 -29.36
CA LEU E 295 1.83 -35.50 -29.75
C LEU E 295 2.41 -34.31 -29.00
N ALA E 296 3.24 -33.55 -29.71
CA ALA E 296 3.98 -32.44 -29.12
C ALA E 296 3.80 -31.12 -29.89
N ALA E 297 2.65 -30.95 -30.53
CA ALA E 297 2.37 -29.71 -31.29
C ALA E 297 1.29 -28.90 -30.59
N ARG E 298 0.15 -28.75 -31.25
CA ARG E 298 -1.01 -28.03 -30.73
C ARG E 298 -2.11 -29.02 -30.31
N GLU E 299 -3.22 -28.45 -29.85
CA GLU E 299 -4.42 -29.19 -29.46
C GLU E 299 -5.26 -29.67 -30.66
N GLY E 300 -5.90 -30.82 -30.51
CA GLY E 300 -6.75 -31.38 -31.53
C GLY E 300 -5.92 -31.88 -32.67
N ALA E 301 -4.80 -32.52 -32.37
CA ALA E 301 -3.88 -32.97 -33.39
C ALA E 301 -4.32 -34.31 -33.94
N LEU E 302 -4.81 -35.16 -33.06
CA LEU E 302 -5.25 -36.50 -33.41
C LEU E 302 -6.72 -36.65 -33.06
N ASP E 303 -7.58 -36.59 -34.08
CA ASP E 303 -9.04 -36.72 -33.88
C ASP E 303 -9.52 -38.18 -33.94
N GLY E 304 -10.81 -38.39 -33.72
CA GLY E 304 -11.44 -39.72 -33.79
C GLY E 304 -11.07 -40.61 -34.98
N ASP E 305 -11.26 -40.11 -36.20
CA ASP E 305 -10.93 -40.97 -37.35
C ASP E 305 -9.43 -41.20 -37.62
N ARG E 306 -8.61 -40.16 -37.67
CA ARG E 306 -7.16 -40.35 -37.85
C ARG E 306 -6.53 -41.33 -36.85
N ALA E 307 -7.21 -41.53 -35.71
CA ALA E 307 -6.80 -42.48 -34.68
C ALA E 307 -6.91 -43.95 -35.14
N ARG E 308 -7.91 -44.22 -35.97
CA ARG E 308 -8.06 -45.51 -36.66
C ARG E 308 -6.83 -45.91 -37.50
N GLN E 309 -5.97 -44.95 -37.83
CA GLN E 309 -4.74 -45.22 -38.60
C GLN E 309 -3.52 -45.58 -37.74
N VAL E 310 -3.56 -45.25 -36.45
CA VAL E 310 -2.38 -45.42 -35.58
C VAL E 310 -1.95 -46.88 -35.52
N GLN E 311 -0.66 -47.12 -35.63
CA GLN E 311 -0.09 -48.46 -35.48
C GLN E 311 0.69 -48.54 -34.19
N ALA E 312 1.16 -47.38 -33.72
CA ALA E 312 1.95 -47.29 -32.49
C ALA E 312 1.20 -47.86 -31.29
N GLN E 313 1.92 -48.62 -30.47
CA GLN E 313 1.36 -49.18 -29.24
C GLN E 313 1.20 -48.18 -28.07
N ALA E 314 2.14 -47.25 -27.97
CA ALA E 314 2.14 -46.21 -26.94
C ALA E 314 1.98 -44.84 -27.58
N VAL E 315 1.01 -44.07 -27.10
CA VAL E 315 0.78 -42.70 -27.57
C VAL E 315 0.97 -41.74 -26.41
N VAL E 316 1.92 -40.82 -26.56
CA VAL E 316 2.23 -39.86 -25.51
C VAL E 316 1.70 -38.46 -25.86
N GLU E 317 0.73 -37.99 -25.09
CA GLU E 317 0.13 -36.69 -25.33
C GLU E 317 0.91 -35.72 -24.48
N VAL E 318 1.67 -34.84 -25.13
CA VAL E 318 2.43 -33.83 -24.43
C VAL E 318 1.73 -32.46 -24.47
N ALA E 319 1.35 -32.02 -25.68
CA ALA E 319 0.58 -30.78 -25.85
C ALA E 319 -0.79 -30.91 -25.19
N ASN E 320 -1.32 -29.81 -24.64
CA ASN E 320 -2.63 -29.88 -23.99
C ASN E 320 -3.73 -30.19 -25.02
N PHE E 321 -4.51 -31.22 -24.74
CA PHE E 321 -5.58 -31.67 -25.61
C PHE E 321 -5.08 -32.05 -27.01
N GLY E 322 -3.83 -32.52 -27.11
CA GLY E 322 -3.28 -32.98 -28.37
C GLY E 322 -4.16 -34.11 -28.92
N LEU E 323 -4.64 -34.93 -27.99
CA LEU E 323 -5.40 -36.13 -28.30
C LEU E 323 -6.84 -35.94 -27.88
N ASN E 324 -7.74 -36.06 -28.87
CA ASN E 324 -9.17 -35.88 -28.65
C ASN E 324 -9.77 -37.03 -27.82
N PRO E 325 -10.84 -36.74 -27.05
CA PRO E 325 -11.44 -37.77 -26.20
C PRO E 325 -11.95 -38.96 -26.99
N GLU E 326 -12.48 -38.70 -28.19
CA GLU E 326 -12.95 -39.78 -29.06
C GLU E 326 -11.82 -40.68 -29.56
N ALA E 327 -10.63 -40.12 -29.70
CA ALA E 327 -9.47 -40.87 -30.15
C ALA E 327 -8.80 -41.60 -28.99
N GLU E 328 -8.97 -41.10 -27.77
CA GLU E 328 -8.47 -41.79 -26.57
C GLU E 328 -9.29 -43.07 -26.31
N ALA E 329 -10.60 -42.99 -26.47
CA ALA E 329 -11.45 -44.17 -26.29
C ALA E 329 -11.01 -45.28 -27.26
N TYR E 330 -10.94 -44.94 -28.54
CA TYR E 330 -10.58 -45.91 -29.56
C TYR E 330 -9.22 -46.54 -29.28
N LEU E 331 -8.21 -45.73 -29.03
CA LEU E 331 -6.87 -46.26 -28.75
C LEU E 331 -6.83 -47.13 -27.49
N LEU E 332 -7.70 -46.83 -26.53
CA LEU E 332 -7.81 -47.65 -25.32
C LEU E 332 -8.47 -48.96 -25.63
N GLY E 333 -9.53 -48.90 -26.45
CA GLY E 333 -10.22 -50.07 -26.97
C GLY E 333 -9.25 -51.04 -27.61
N LYS E 334 -8.49 -50.55 -28.59
CA LYS E 334 -7.51 -51.36 -29.30
C LYS E 334 -6.32 -51.86 -28.46
N GLY E 335 -6.23 -51.42 -27.21
CA GLY E 335 -5.17 -51.90 -26.29
C GLY E 335 -3.98 -50.97 -26.08
N ALA E 336 -3.86 -49.93 -26.91
CA ALA E 336 -2.74 -49.00 -26.79
C ALA E 336 -2.53 -48.38 -25.38
N LEU E 337 -1.27 -48.12 -25.02
CA LEU E 337 -0.96 -47.31 -23.85
C LEU E 337 -1.10 -45.84 -24.26
N VAL E 338 -1.94 -45.13 -23.52
CA VAL E 338 -2.20 -43.74 -23.75
C VAL E 338 -1.72 -42.99 -22.54
N VAL E 339 -0.69 -42.18 -22.72
CA VAL E 339 -0.22 -41.29 -21.64
C VAL E 339 -0.80 -39.88 -21.76
N PRO E 340 -1.59 -39.46 -20.75
CA PRO E 340 -2.26 -38.17 -20.83
C PRO E 340 -1.32 -37.00 -20.58
N ASP E 341 -1.68 -35.87 -21.19
CA ASP E 341 -1.03 -34.59 -20.97
C ASP E 341 -0.91 -34.24 -19.52
N LEU E 342 -1.97 -34.47 -18.75
CA LEU E 342 -1.95 -34.14 -17.33
C LEU E 342 -0.73 -34.77 -16.66
N LEU E 343 -0.30 -35.91 -17.16
CA LEU E 343 0.93 -36.52 -16.73
C LEU E 343 2.10 -36.05 -17.60
N SER E 344 2.14 -36.48 -18.86
CA SER E 344 3.31 -36.27 -19.69
C SER E 344 3.50 -34.85 -20.28
N GLY E 345 2.49 -33.98 -20.13
CA GLY E 345 2.64 -32.58 -20.53
C GLY E 345 2.99 -31.68 -19.35
N GLY E 346 3.52 -32.26 -18.27
CA GLY E 346 3.69 -31.51 -17.01
C GLY E 346 5.11 -31.03 -16.69
N GLY E 347 6.06 -31.38 -17.55
CA GLY E 347 7.43 -30.92 -17.42
C GLY E 347 7.63 -29.42 -17.32
N GLY E 348 7.08 -28.67 -18.27
CA GLY E 348 7.20 -27.22 -18.26
C GLY E 348 6.69 -26.62 -16.97
N LEU E 349 5.57 -27.13 -16.49
CA LEU E 349 4.96 -26.60 -15.29
C LEU E 349 5.84 -26.88 -14.08
N LEU E 350 6.30 -28.13 -13.96
CA LEU E 350 7.21 -28.51 -12.87
C LEU E 350 8.47 -27.65 -12.91
N ALA E 351 9.04 -27.44 -14.10
CA ALA E 351 10.28 -26.68 -14.22
C ALA E 351 10.02 -25.26 -13.79
N SER E 352 8.92 -24.70 -14.27
CA SER E 352 8.48 -23.38 -13.85
C SER E 352 8.32 -23.24 -12.35
N TYR E 353 7.80 -24.28 -11.69
CA TYR E 353 7.62 -24.24 -10.23
C TYR E 353 8.96 -24.11 -9.53
N LEU E 354 9.95 -24.84 -10.05
CA LEU E 354 11.29 -24.81 -9.51
C LEU E 354 11.99 -23.46 -9.75
N GLU E 355 11.67 -22.83 -10.88
CA GLU E 355 12.13 -21.47 -11.13
C GLU E 355 11.51 -20.52 -10.09
N TRP E 356 10.20 -20.64 -9.92
CA TRP E 356 9.48 -19.82 -8.97
C TRP E 356 10.08 -19.99 -7.55
N VAL E 357 10.17 -21.21 -7.05
CA VAL E 357 10.77 -21.48 -5.72
C VAL E 357 12.13 -20.82 -5.51
N GLN E 358 13.01 -20.94 -6.50
CA GLN E 358 14.34 -20.25 -6.45
C GLN E 358 14.27 -18.71 -6.40
N ASP E 359 13.28 -18.14 -7.07
CA ASP E 359 13.09 -16.69 -7.12
C ASP E 359 12.47 -16.10 -5.86
N LEU E 360 11.75 -16.93 -5.11
CA LEU E 360 11.29 -16.56 -3.78
C LEU E 360 12.43 -16.10 -2.85
N ASN E 361 13.57 -16.80 -2.78
CA ASN E 361 14.66 -16.29 -1.95
C ASN E 361 15.92 -15.89 -2.70
N MET E 362 15.80 -15.79 -4.01
CA MET E 362 16.92 -15.44 -4.88
C MET E 362 18.17 -16.26 -4.60
N PHE E 363 17.95 -17.57 -4.46
CA PHE E 363 19.04 -18.52 -4.32
C PHE E 363 18.99 -19.58 -5.42
N PHE E 364 20.03 -19.64 -6.23
CA PHE E 364 20.04 -20.52 -7.41
C PHE E 364 20.86 -21.80 -7.35
N TRP E 365 20.15 -22.91 -7.47
CA TRP E 365 20.76 -24.24 -7.54
C TRP E 365 21.56 -24.44 -8.84
N SER E 366 22.47 -25.41 -8.80
CA SER E 366 23.25 -25.82 -9.97
C SER E 366 22.42 -26.62 -10.98
N PRO E 367 22.86 -26.65 -12.27
CA PRO E 367 22.20 -27.52 -13.24
C PRO E 367 21.91 -28.93 -12.73
N GLU E 368 22.83 -29.52 -11.97
CA GLU E 368 22.67 -30.89 -11.50
C GLU E 368 21.67 -31.02 -10.36
N GLU E 369 21.60 -30.01 -9.50
CA GLU E 369 20.65 -29.98 -8.39
C GLU E 369 19.23 -29.86 -8.91
N VAL E 370 19.11 -29.04 -9.95
CA VAL E 370 17.85 -28.76 -10.61
C VAL E 370 17.35 -30.03 -11.30
N ARG E 371 18.24 -30.69 -12.03
CA ARG E 371 17.99 -31.99 -12.64
C ARG E 371 17.51 -33.02 -11.61
N GLU E 372 18.23 -33.13 -10.48
CA GLU E 372 17.90 -34.15 -9.50
C GLU E 372 16.49 -33.93 -8.92
N ARG E 373 16.21 -32.69 -8.54
CA ARG E 373 14.92 -32.34 -7.96
C ARG E 373 13.79 -32.45 -8.96
N PHE E 374 14.08 -32.12 -10.21
CA PHE E 374 13.14 -32.33 -11.31
C PHE E 374 12.79 -33.82 -11.46
N GLU E 375 13.81 -34.66 -11.57
CA GLU E 375 13.57 -36.09 -11.74
C GLU E 375 12.80 -36.73 -10.59
N THR E 376 13.20 -36.47 -9.35
CA THR E 376 12.47 -37.13 -8.27
C THR E 376 10.98 -36.74 -8.20
N ARG E 377 10.65 -35.47 -8.47
CA ARG E 377 9.24 -35.08 -8.52
C ARG E 377 8.47 -35.69 -9.70
N VAL E 378 9.09 -35.82 -10.86
CA VAL E 378 8.41 -36.54 -11.93
C VAL E 378 8.03 -37.97 -11.49
N ALA E 379 9.00 -38.69 -10.91
CA ALA E 379 8.86 -40.05 -10.46
C ALA E 379 7.78 -40.20 -9.38
N ARG E 380 7.78 -39.30 -8.40
CA ARG E 380 6.77 -39.27 -7.36
C ARG E 380 5.39 -39.07 -7.99
N VAL E 381 5.29 -38.24 -9.03
CA VAL E 381 4.00 -37.96 -9.65
C VAL E 381 3.55 -39.15 -10.50
N VAL E 382 4.46 -39.73 -11.27
CA VAL E 382 4.10 -40.94 -12.02
C VAL E 382 3.64 -42.06 -11.10
N ASP E 383 4.39 -42.32 -10.04
CA ASP E 383 4.00 -43.39 -9.13
C ASP E 383 2.67 -43.08 -8.40
N ALA E 384 2.41 -41.82 -8.08
CA ALA E 384 1.16 -41.46 -7.41
C ALA E 384 -0.05 -41.64 -8.29
N VAL E 385 0.07 -41.24 -9.56
CA VAL E 385 -0.98 -41.40 -10.55
C VAL E 385 -1.27 -42.89 -10.79
N CYS E 386 -0.23 -43.69 -11.00
CA CYS E 386 -0.37 -45.13 -11.17
C CYS E 386 -0.99 -45.82 -9.96
N ARG E 387 -0.66 -45.32 -8.78
CA ARG E 387 -1.16 -45.87 -7.55
C ARG E 387 -2.68 -45.62 -7.44
N ARG E 388 -3.12 -44.40 -7.72
CA ARG E 388 -4.54 -44.06 -7.63
C ARG E 388 -5.32 -44.77 -8.74
N ALA E 389 -4.66 -45.02 -9.87
CA ALA E 389 -5.34 -45.70 -10.97
C ALA E 389 -5.65 -47.18 -10.63
N GLU E 390 -4.63 -47.92 -10.16
CA GLU E 390 -4.81 -49.33 -9.82
C GLU E 390 -5.69 -49.52 -8.58
N ARG E 391 -5.71 -48.54 -7.69
CA ARG E 391 -6.62 -48.53 -6.55
C ARG E 391 -8.10 -48.61 -6.97
N GLY E 392 -8.45 -47.98 -8.09
CA GLY E 392 -9.84 -47.94 -8.51
C GLY E 392 -10.07 -48.53 -9.88
N GLY E 393 -9.08 -49.25 -10.40
CA GLY E 393 -9.16 -49.94 -11.69
C GLY E 393 -9.33 -49.03 -12.88
N LEU E 394 -8.48 -48.00 -13.00
CA LEU E 394 -8.66 -46.94 -13.98
C LEU E 394 -7.48 -46.87 -14.92
N ASP E 395 -7.68 -46.23 -16.09
CA ASP E 395 -6.56 -45.85 -16.93
C ASP E 395 -5.85 -44.61 -16.34
N LEU E 396 -4.80 -44.15 -17.03
CA LEU E 396 -3.93 -43.11 -16.51
C LEU E 396 -4.62 -41.74 -16.35
N ARG E 397 -5.23 -41.28 -17.43
CA ARG E 397 -6.05 -40.09 -17.40
C ARG E 397 -6.94 -40.09 -16.16
N MET E 398 -7.73 -41.13 -16.04
CA MET E 398 -8.75 -41.18 -15.01
C MET E 398 -8.18 -41.24 -13.59
N GLY E 399 -7.06 -41.94 -13.44
CA GLY E 399 -6.37 -42.00 -12.16
C GLY E 399 -5.77 -40.64 -11.82
N ALA E 400 -5.31 -39.96 -12.86
CA ALA E 400 -4.74 -38.65 -12.69
C ALA E 400 -5.85 -37.68 -12.23
N LEU E 401 -6.98 -37.70 -12.93
CA LEU E 401 -8.13 -36.84 -12.63
C LEU E 401 -8.64 -37.12 -11.22
N ALA E 402 -8.72 -38.40 -10.87
CA ALA E 402 -9.15 -38.76 -9.54
C ALA E 402 -8.25 -38.10 -8.51
N LEU E 403 -6.95 -38.22 -8.74
CA LEU E 403 -5.94 -37.70 -7.80
C LEU E 403 -6.09 -36.20 -7.63
N ALA E 404 -6.33 -35.52 -8.74
CA ALA E 404 -6.47 -34.06 -8.78
C ALA E 404 -7.74 -33.62 -8.05
N LEU E 405 -8.86 -34.20 -8.45
CA LEU E 405 -10.13 -33.88 -7.84
C LEU E 405 -10.12 -34.03 -6.32
N GLU E 406 -9.54 -35.11 -5.80
CA GLU E 406 -9.52 -35.25 -4.33
C GLU E 406 -8.56 -34.27 -3.60
N ARG E 407 -7.45 -33.89 -4.24
CA ARG E 407 -6.62 -32.83 -3.69
C ARG E 407 -7.31 -31.45 -3.76
N LEU E 408 -7.98 -31.18 -4.88
CA LEU E 408 -8.79 -29.98 -5.02
C LEU E 408 -9.96 -29.93 -4.03
N ASP E 409 -10.60 -31.09 -3.83
CA ASP E 409 -11.74 -31.19 -2.94
C ASP E 409 -11.33 -30.94 -1.49
N GLU E 410 -10.23 -31.58 -1.08
CA GLU E 410 -9.66 -31.35 0.24
C GLU E 410 -9.38 -29.85 0.48
N ALA E 411 -8.69 -29.22 -0.45
CA ALA E 411 -8.33 -27.81 -0.32
C ALA E 411 -9.60 -26.93 -0.31
N THR E 412 -10.55 -27.22 -1.19
CA THR E 412 -11.78 -26.43 -1.23
C THR E 412 -12.60 -26.56 0.06
N ARG E 413 -12.80 -27.80 0.53
CA ARG E 413 -13.56 -28.04 1.76
C ARG E 413 -12.94 -27.41 2.99
N LEU E 414 -11.60 -27.42 3.08
CA LEU E 414 -10.96 -26.89 4.29
C LEU E 414 -11.07 -25.38 4.39
N ARG E 415 -10.91 -24.69 3.27
CA ARG E 415 -10.91 -23.24 3.21
C ARG E 415 -12.28 -22.63 3.27
N GLY E 416 -13.25 -23.27 2.61
CA GLY E 416 -14.66 -22.83 2.66
C GLY E 416 -14.99 -21.61 1.80
N VAL E 417 -16.26 -21.22 1.83
CA VAL E 417 -16.75 -20.09 1.04
C VAL E 417 -16.54 -18.78 1.75
N TYR E 418 -15.76 -17.89 1.16
CA TYR E 418 -15.53 -16.57 1.74
C TYR E 418 -14.84 -15.70 0.74
N PRO E 419 -15.31 -14.46 0.55
CA PRO E 419 -16.50 -13.87 1.21
C PRO E 419 -17.82 -14.56 0.83
N LYS F 4 -12.45 -2.36 -37.29
CA LYS F 4 -12.44 -1.06 -36.53
C LYS F 4 -12.90 -1.18 -35.05
N ALA F 5 -13.72 -2.18 -34.70
CA ALA F 5 -14.40 -2.17 -33.38
C ALA F 5 -14.49 -3.50 -32.62
N TYR F 6 -14.35 -3.44 -31.30
CA TYR F 6 -14.73 -4.54 -30.42
C TYR F 6 -16.07 -5.16 -30.84
N ARG F 7 -16.10 -6.49 -30.87
CA ARG F 7 -17.32 -7.19 -31.14
C ARG F 7 -17.68 -8.05 -29.94
N PRO F 8 -18.75 -7.68 -29.21
CA PRO F 8 -19.23 -8.51 -28.10
C PRO F 8 -19.62 -9.90 -28.61
N PRO F 9 -19.33 -10.96 -27.83
CA PRO F 9 -19.67 -12.28 -28.36
C PRO F 9 -21.12 -12.68 -28.06
N GLU F 10 -21.75 -11.99 -27.12
CA GLU F 10 -23.09 -12.39 -26.65
C GLU F 10 -24.21 -11.59 -27.25
N ASP F 11 -24.23 -10.29 -27.00
CA ASP F 11 -25.51 -9.58 -27.04
C ASP F 11 -25.35 -8.15 -27.48
N PRO F 12 -25.00 -7.93 -28.76
CA PRO F 12 -24.40 -6.66 -29.17
C PRO F 12 -25.35 -5.46 -29.32
N GLY F 13 -26.65 -5.68 -29.26
CA GLY F 13 -27.63 -4.63 -29.53
C GLY F 13 -27.25 -3.23 -29.06
N LEU F 14 -27.14 -3.05 -27.75
CA LEU F 14 -26.81 -1.73 -27.18
C LEU F 14 -25.44 -1.18 -27.64
N TRP F 15 -24.41 -2.06 -27.68
CA TRP F 15 -23.08 -1.74 -28.21
C TRP F 15 -23.11 -1.30 -29.67
N ASP F 16 -23.82 -2.07 -30.51
CA ASP F 16 -23.98 -1.74 -31.95
C ASP F 16 -24.75 -0.45 -32.17
N THR F 17 -25.72 -0.18 -31.31
CA THR F 17 -26.40 1.11 -31.32
C THR F 17 -25.41 2.21 -31.01
N TYR F 18 -24.51 1.96 -30.07
CA TYR F 18 -23.49 2.96 -29.74
C TYR F 18 -22.54 3.24 -30.91
N LEU F 19 -22.06 2.17 -31.54
CA LEU F 19 -21.28 2.27 -32.75
C LEU F 19 -22.00 3.02 -33.87
N GLU F 20 -23.30 2.82 -34.02
CA GLU F 20 -24.03 3.50 -35.09
C GLU F 20 -24.05 4.99 -34.85
N TRP F 21 -24.25 5.40 -33.60
CA TRP F 21 -24.30 6.82 -33.33
C TRP F 21 -22.90 7.40 -33.45
N LEU F 22 -21.93 6.64 -32.99
CA LEU F 22 -20.54 7.10 -33.03
C LEU F 22 -20.10 7.40 -34.47
N GLU F 23 -20.33 6.44 -35.36
CA GLU F 23 -20.05 6.58 -36.79
C GLU F 23 -20.72 7.79 -37.45
N ARG F 24 -21.96 8.08 -37.10
CA ARG F 24 -22.63 9.24 -37.62
C ARG F 24 -22.01 10.54 -37.09
N ALA F 25 -21.71 10.55 -35.80
CA ALA F 25 -21.14 11.73 -35.16
C ALA F 25 -19.74 12.09 -35.64
N LEU F 26 -18.94 11.07 -35.98
CA LEU F 26 -17.61 11.27 -36.57
C LEU F 26 -17.60 12.25 -37.74
N LYS F 27 -18.68 12.25 -38.53
CA LYS F 27 -18.76 13.04 -39.75
C LYS F 27 -18.97 14.53 -39.49
N VAL F 28 -19.23 14.91 -38.23
CA VAL F 28 -19.64 16.29 -37.91
C VAL F 28 -18.81 16.92 -36.77
N ALA F 29 -17.86 16.15 -36.26
CA ALA F 29 -16.93 16.58 -35.21
C ALA F 29 -15.48 16.29 -35.65
N GLY F 30 -14.53 17.06 -35.13
CA GLY F 30 -13.12 16.80 -35.35
C GLY F 30 -12.66 15.72 -34.39
N VAL F 31 -12.31 14.55 -34.91
CA VAL F 31 -11.91 13.49 -34.05
C VAL F 31 -10.65 12.83 -34.58
N HIS F 32 -9.63 12.73 -33.72
CA HIS F 32 -8.38 12.04 -34.08
C HIS F 32 -8.59 10.53 -34.19
N PRO F 33 -7.88 9.89 -35.14
CA PRO F 33 -7.94 8.43 -35.28
C PRO F 33 -7.73 7.68 -33.96
N THR F 34 -6.72 8.11 -33.21
CA THR F 34 -6.36 7.39 -32.02
C THR F 34 -7.48 7.45 -30.95
N THR F 35 -8.22 8.57 -30.92
CA THR F 35 -9.39 8.73 -30.07
C THR F 35 -10.45 7.71 -30.45
N LEU F 36 -10.64 7.57 -31.75
CA LEU F 36 -11.66 6.72 -32.30
C LEU F 36 -11.38 5.27 -31.92
N GLU F 37 -10.12 4.87 -32.00
CA GLU F 37 -9.65 3.58 -31.52
C GLU F 37 -10.12 3.32 -30.10
N TYR F 38 -9.68 4.14 -29.16
CA TYR F 38 -10.09 4.01 -27.75
C TYR F 38 -11.60 3.94 -27.57
N LEU F 39 -12.33 4.80 -28.27
CA LEU F 39 -13.77 4.87 -28.12
C LEU F 39 -14.47 3.61 -28.67
N ALA F 40 -13.77 2.88 -29.54
CA ALA F 40 -14.35 1.69 -30.16
C ALA F 40 -13.92 0.34 -29.58
N HIS F 41 -13.09 0.35 -28.55
CA HIS F 41 -12.70 -0.86 -27.86
C HIS F 41 -12.68 -0.54 -26.36
N PRO F 42 -13.61 -1.13 -25.58
CA PRO F 42 -13.59 -0.89 -24.13
C PRO F 42 -12.29 -1.36 -23.45
N LYS F 43 -11.77 -0.54 -22.54
CA LYS F 43 -10.55 -0.84 -21.82
C LYS F 43 -10.52 -2.28 -21.33
N ARG F 44 -11.50 -2.62 -20.50
CA ARG F 44 -11.46 -3.86 -19.75
C ARG F 44 -12.89 -4.36 -19.63
N LEU F 45 -13.12 -5.63 -19.96
CA LEU F 45 -14.39 -6.30 -19.69
C LEU F 45 -14.03 -7.49 -18.83
N VAL F 46 -14.71 -7.59 -17.68
CA VAL F 46 -14.40 -8.62 -16.72
C VAL F 46 -15.67 -9.36 -16.36
N THR F 47 -15.57 -10.68 -16.31
CA THR F 47 -16.66 -11.56 -15.95
C THR F 47 -16.27 -12.28 -14.69
N LEU F 48 -17.16 -12.26 -13.69
CA LEU F 48 -16.95 -12.95 -12.41
C LEU F 48 -17.90 -14.11 -12.17
N SER F 49 -17.38 -15.15 -11.54
CA SER F 49 -18.22 -16.16 -10.91
C SER F 49 -18.35 -15.88 -9.41
N LEU F 50 -19.59 -15.86 -8.94
CA LEU F 50 -19.93 -15.35 -7.63
C LEU F 50 -20.60 -16.43 -6.79
N PRO F 51 -19.82 -17.14 -5.96
CA PRO F 51 -20.38 -18.17 -5.10
C PRO F 51 -21.27 -17.54 -4.03
N VAL F 52 -22.48 -18.07 -3.87
CA VAL F 52 -23.31 -17.67 -2.75
C VAL F 52 -23.79 -18.92 -2.00
N VAL F 53 -23.77 -18.86 -0.68
CA VAL F 53 -24.31 -19.95 0.14
C VAL F 53 -25.79 -19.65 0.32
N MET F 54 -26.63 -20.46 -0.31
CA MET F 54 -28.05 -20.23 -0.32
C MET F 54 -28.69 -20.55 1.04
N ASP F 55 -29.93 -20.09 1.22
CA ASP F 55 -30.67 -20.29 2.47
C ASP F 55 -30.72 -21.78 2.84
N ASP F 56 -30.83 -22.65 1.85
CA ASP F 56 -30.84 -24.08 2.14
C ASP F 56 -29.46 -24.70 2.37
N GLY F 57 -28.42 -23.87 2.43
CA GLY F 57 -27.03 -24.32 2.69
C GLY F 57 -26.21 -24.79 1.50
N LYS F 58 -26.84 -24.89 0.33
CA LYS F 58 -26.16 -25.35 -0.88
C LYS F 58 -25.60 -24.12 -1.58
N VAL F 59 -24.44 -24.28 -2.21
CA VAL F 59 -23.76 -23.20 -2.90
C VAL F 59 -24.22 -23.10 -4.35
N ARG F 60 -24.66 -21.90 -4.71
CA ARG F 60 -25.02 -21.58 -6.06
C ARG F 60 -24.10 -20.45 -6.56
N ILE F 61 -23.68 -20.54 -7.82
CA ILE F 61 -22.74 -19.58 -8.40
C ILE F 61 -23.46 -18.65 -9.36
N PHE F 62 -23.36 -17.35 -9.14
CA PHE F 62 -23.95 -16.40 -10.04
C PHE F 62 -22.93 -15.76 -10.97
N GLN F 63 -23.39 -15.19 -12.06
CA GLN F 63 -22.48 -14.56 -13.00
C GLN F 63 -22.71 -13.06 -13.09
N GLY F 64 -21.62 -12.31 -13.01
CA GLY F 64 -21.65 -10.85 -13.04
C GLY F 64 -20.55 -10.22 -13.88
N TYR F 65 -20.60 -8.88 -14.00
CA TYR F 65 -19.75 -8.15 -14.94
C TYR F 65 -19.43 -6.75 -14.48
N ARG F 66 -18.25 -6.29 -14.86
CA ARG F 66 -17.88 -4.89 -14.73
C ARG F 66 -17.03 -4.58 -15.96
N VAL F 67 -17.43 -3.57 -16.71
CA VAL F 67 -16.73 -3.18 -17.93
C VAL F 67 -16.32 -1.73 -17.72
N VAL F 68 -15.06 -1.40 -17.96
CA VAL F 68 -14.67 -0.01 -18.07
C VAL F 68 -14.40 0.26 -19.55
N HIS F 69 -15.16 1.17 -20.12
CA HIS F 69 -15.08 1.47 -21.53
C HIS F 69 -13.93 2.44 -21.77
N ASP F 70 -14.04 3.65 -21.23
CA ASP F 70 -13.10 4.73 -21.56
C ASP F 70 -12.92 5.73 -20.43
N ILE F 71 -11.66 5.90 -20.00
CA ILE F 71 -11.32 6.77 -18.87
C ILE F 71 -10.58 8.06 -19.20
N ALA F 72 -10.64 8.49 -20.45
CA ALA F 72 -9.99 9.75 -20.89
C ALA F 72 -10.29 10.96 -19.98
N ARG F 73 -11.55 11.12 -19.57
CA ARG F 73 -11.93 12.34 -18.89
C ARG F 73 -11.85 12.27 -17.37
N GLY F 74 -11.73 11.06 -16.85
CA GLY F 74 -11.51 10.90 -15.42
C GLY F 74 -11.78 9.46 -15.02
N PRO F 75 -11.96 9.22 -13.71
CA PRO F 75 -12.29 7.90 -13.20
C PRO F 75 -13.54 7.31 -13.87
N ALA F 76 -13.59 5.98 -13.95
CA ALA F 76 -14.76 5.31 -14.51
C ALA F 76 -15.96 5.46 -13.57
N LYS F 77 -17.13 5.77 -14.12
CA LYS F 77 -18.39 5.85 -13.38
C LYS F 77 -19.47 5.00 -14.05
N GLY F 78 -20.15 4.14 -13.29
CA GLY F 78 -21.20 3.32 -13.89
C GLY F 78 -22.10 2.52 -12.97
N GLY F 79 -23.35 2.35 -13.34
CA GLY F 79 -24.33 1.62 -12.52
C GLY F 79 -24.18 0.11 -12.46
N VAL F 80 -25.05 -0.49 -11.66
CA VAL F 80 -25.04 -1.91 -11.44
C VAL F 80 -26.48 -2.39 -11.68
N ARG F 81 -26.61 -3.42 -12.53
CA ARG F 81 -27.90 -4.02 -12.76
C ARG F 81 -27.98 -5.37 -12.12
N LEU F 82 -29.01 -5.54 -11.30
CA LEU F 82 -29.43 -6.82 -10.84
C LEU F 82 -30.69 -7.14 -11.65
N ASP F 83 -30.52 -7.93 -12.70
CA ASP F 83 -31.61 -8.28 -13.61
C ASP F 83 -31.35 -9.58 -14.39
N PRO F 84 -32.41 -10.38 -14.61
CA PRO F 84 -32.22 -11.59 -15.44
C PRO F 84 -31.64 -11.35 -16.83
N GLY F 85 -31.84 -10.17 -17.40
CA GLY F 85 -31.39 -9.90 -18.78
C GLY F 85 -29.95 -9.39 -18.98
N VAL F 86 -29.21 -9.24 -17.87
CA VAL F 86 -27.86 -8.71 -17.90
C VAL F 86 -26.98 -9.64 -18.71
N THR F 87 -26.16 -9.08 -19.60
CA THR F 87 -25.19 -9.82 -20.36
C THR F 87 -23.96 -8.94 -20.50
N LEU F 88 -22.88 -9.52 -21.02
CA LEU F 88 -21.65 -8.76 -21.21
C LEU F 88 -21.87 -7.64 -22.23
N GLY F 89 -22.59 -7.96 -23.29
CA GLY F 89 -22.86 -7.03 -24.40
C GLY F 89 -23.67 -5.81 -24.00
N GLN F 90 -24.69 -6.06 -23.19
CA GLN F 90 -25.49 -5.00 -22.61
C GLN F 90 -24.64 -4.06 -21.73
N THR F 91 -23.83 -4.65 -20.85
CA THR F 91 -22.99 -3.88 -19.92
C THR F 91 -21.99 -3.04 -20.73
N ALA F 92 -21.44 -3.65 -21.78
CA ALA F 92 -20.53 -2.93 -22.67
C ALA F 92 -21.23 -1.72 -23.29
N GLY F 93 -22.40 -1.94 -23.88
CA GLY F 93 -23.18 -0.86 -24.49
C GLY F 93 -23.46 0.23 -23.49
N LEU F 94 -23.89 -0.16 -22.30
CA LEU F 94 -24.20 0.82 -21.28
C LEU F 94 -22.94 1.57 -20.81
N ALA F 95 -21.80 0.90 -20.76
CA ALA F 95 -20.56 1.57 -20.37
C ALA F 95 -20.17 2.68 -21.38
N ALA F 96 -20.30 2.37 -22.66
CA ALA F 96 -20.00 3.32 -23.73
C ALA F 96 -20.98 4.50 -23.71
N TRP F 97 -22.27 4.19 -23.56
CA TRP F 97 -23.25 5.26 -23.47
C TRP F 97 -22.86 6.18 -22.34
N MET F 98 -22.40 5.62 -21.22
CA MET F 98 -21.92 6.40 -20.08
C MET F 98 -20.75 7.34 -20.37
N THR F 99 -19.78 6.89 -21.17
CA THR F 99 -18.71 7.76 -21.55
C THR F 99 -19.26 9.03 -22.20
N LEU F 100 -20.25 8.85 -23.07
CA LEU F 100 -20.81 9.96 -23.85
C LEU F 100 -21.64 10.88 -22.95
N LYS F 101 -22.53 10.30 -22.18
CA LYS F 101 -23.44 11.01 -21.29
C LYS F 101 -22.65 11.93 -20.38
N ALA F 102 -21.62 11.37 -19.76
CA ALA F 102 -20.81 12.06 -18.82
C ALA F 102 -20.09 13.18 -19.52
N ALA F 103 -19.69 12.96 -20.76
CA ALA F 103 -18.99 13.97 -21.56
C ALA F 103 -19.92 15.08 -21.98
N VAL F 104 -21.16 14.73 -22.32
CA VAL F 104 -22.17 15.73 -22.64
C VAL F 104 -22.39 16.65 -21.42
N TYR F 105 -22.34 16.05 -20.24
CA TYR F 105 -22.60 16.79 -19.00
C TYR F 105 -21.37 17.47 -18.43
N ASP F 106 -20.26 17.42 -19.17
CA ASP F 106 -19.00 18.07 -18.80
C ASP F 106 -18.48 17.55 -17.44
N LEU F 107 -18.67 16.25 -17.22
CA LEU F 107 -18.35 15.65 -15.94
C LEU F 107 -16.97 14.97 -15.98
N PRO F 108 -16.19 15.04 -14.90
CA PRO F 108 -14.88 14.41 -15.00
C PRO F 108 -14.96 12.90 -14.79
N PHE F 109 -15.79 12.23 -15.58
CA PHE F 109 -15.95 10.78 -15.49
C PHE F 109 -15.68 10.05 -16.82
N GLY F 110 -15.04 8.89 -16.74
CA GLY F 110 -15.05 7.94 -17.83
C GLY F 110 -16.33 7.11 -17.72
N GLY F 111 -16.53 6.18 -18.65
CA GLY F 111 -17.73 5.35 -18.66
C GLY F 111 -17.48 3.90 -18.28
N ALA F 112 -18.43 3.34 -17.51
CA ALA F 112 -18.36 2.00 -16.93
C ALA F 112 -19.78 1.51 -16.71
N ALA F 113 -19.95 0.22 -16.47
CA ALA F 113 -21.27 -0.33 -16.13
C ALA F 113 -21.07 -1.72 -15.59
N GLY F 114 -21.99 -2.16 -14.76
CA GLY F 114 -21.89 -3.52 -14.19
C GLY F 114 -23.23 -4.20 -14.01
N GLY F 115 -23.19 -5.44 -13.59
CA GLY F 115 -24.42 -6.18 -13.40
C GLY F 115 -24.21 -7.62 -13.03
N ILE F 116 -25.30 -8.25 -12.60
CA ILE F 116 -25.34 -9.66 -12.30
C ILE F 116 -26.62 -10.21 -12.91
N ALA F 117 -26.48 -11.31 -13.65
CA ALA F 117 -27.63 -12.09 -14.12
C ALA F 117 -28.36 -12.79 -12.95
N VAL F 118 -29.42 -12.15 -12.46
CA VAL F 118 -30.20 -12.64 -11.32
C VAL F 118 -31.56 -11.99 -11.30
N ASP F 119 -32.59 -12.71 -10.88
CA ASP F 119 -33.85 -12.10 -10.53
C ASP F 119 -33.78 -11.79 -9.04
N PRO F 120 -33.69 -10.50 -8.67
CA PRO F 120 -33.56 -10.07 -7.26
C PRO F 120 -34.76 -10.40 -6.38
N LYS F 121 -35.96 -10.38 -6.97
CA LYS F 121 -37.19 -10.77 -6.30
C LYS F 121 -37.19 -12.25 -5.95
N GLY F 122 -36.49 -13.05 -6.75
CA GLY F 122 -36.46 -14.50 -6.56
C GLY F 122 -35.50 -14.98 -5.49
N LEU F 123 -34.77 -14.06 -4.87
CA LEU F 123 -33.88 -14.42 -3.75
C LEU F 123 -34.42 -13.84 -2.46
N SER F 124 -34.08 -14.47 -1.35
CA SER F 124 -34.38 -13.88 -0.07
C SER F 124 -33.42 -12.69 0.13
N PRO F 125 -33.79 -11.75 1.01
CA PRO F 125 -32.90 -10.61 1.27
C PRO F 125 -31.50 -11.04 1.77
N GLN F 126 -31.43 -12.15 2.49
CA GLN F 126 -30.13 -12.63 2.97
C GLN F 126 -29.29 -13.11 1.78
N GLU F 127 -29.92 -13.82 0.86
CA GLU F 127 -29.22 -14.36 -0.32
C GLU F 127 -28.77 -13.23 -1.25
N LEU F 128 -29.63 -12.25 -1.43
CA LEU F 128 -29.27 -11.07 -2.21
C LEU F 128 -28.13 -10.25 -1.56
N GLU F 129 -28.17 -10.05 -0.25
CA GLU F 129 -27.10 -9.28 0.41
C GLU F 129 -25.78 -10.02 0.23
N ARG F 130 -25.80 -11.34 0.42
CA ARG F 130 -24.59 -12.13 0.18
C ARG F 130 -24.10 -12.03 -1.27
N LEU F 131 -25.00 -12.13 -2.24
CA LEU F 131 -24.63 -11.96 -3.66
C LEU F 131 -24.00 -10.61 -3.98
N VAL F 132 -24.54 -9.54 -3.41
CA VAL F 132 -24.01 -8.21 -3.63
C VAL F 132 -22.63 -8.08 -2.97
N ARG F 133 -22.49 -8.61 -1.76
CA ARG F 133 -21.20 -8.54 -1.08
C ARG F 133 -20.09 -9.31 -1.82
N ARG F 134 -20.43 -10.47 -2.38
CA ARG F 134 -19.39 -11.20 -3.10
C ARG F 134 -18.98 -10.46 -4.39
N TYR F 135 -19.95 -9.82 -5.01
CA TYR F 135 -19.70 -9.00 -6.15
C TYR F 135 -18.69 -7.93 -5.79
N THR F 136 -18.98 -7.15 -4.75
CA THR F 136 -18.11 -6.02 -4.45
C THR F 136 -16.76 -6.52 -3.94
N ALA F 137 -16.78 -7.59 -3.15
CA ALA F 137 -15.50 -8.19 -2.71
C ALA F 137 -14.60 -8.56 -3.89
N GLU F 138 -15.15 -9.26 -4.87
CA GLU F 138 -14.38 -9.69 -6.01
C GLU F 138 -13.86 -8.51 -6.82
N LEU F 139 -14.42 -7.32 -6.60
CA LEU F 139 -14.03 -6.13 -7.36
C LEU F 139 -13.16 -5.13 -6.60
N VAL F 140 -12.90 -5.37 -5.32
CA VAL F 140 -12.16 -4.40 -4.50
C VAL F 140 -10.88 -3.86 -5.13
N GLY F 141 -10.01 -4.75 -5.64
CA GLY F 141 -8.80 -4.31 -6.36
C GLY F 141 -8.96 -3.55 -7.70
N LEU F 142 -10.19 -3.49 -8.25
CA LEU F 142 -10.44 -2.84 -9.55
C LEU F 142 -11.37 -1.63 -9.43
N ILE F 143 -11.92 -1.40 -8.25
CA ILE F 143 -12.78 -0.25 -8.06
C ILE F 143 -12.24 0.69 -6.95
N GLY F 144 -12.92 1.81 -6.72
CA GLY F 144 -12.44 2.82 -5.77
C GLY F 144 -12.84 4.24 -6.16
N PRO F 145 -12.74 5.19 -5.21
CA PRO F 145 -13.21 6.57 -5.36
C PRO F 145 -12.53 7.36 -6.49
N ASP F 146 -11.46 6.81 -7.06
CA ASP F 146 -10.75 7.39 -8.22
C ASP F 146 -10.32 6.33 -9.26
N SER F 147 -10.95 5.15 -9.22
CA SER F 147 -10.69 4.14 -10.25
C SER F 147 -12.00 3.90 -11.01
N ASP F 148 -12.97 3.29 -10.30
CA ASP F 148 -14.26 2.86 -10.81
C ASP F 148 -15.31 3.08 -9.73
N ILE F 149 -16.14 4.10 -9.93
CA ILE F 149 -17.18 4.46 -8.97
C ILE F 149 -18.51 3.86 -9.44
N LEU F 150 -19.09 3.02 -8.58
CA LEU F 150 -20.35 2.36 -8.91
C LEU F 150 -21.58 3.20 -8.49
N GLY F 151 -22.77 2.79 -8.94
CA GLY F 151 -24.00 3.53 -8.66
C GLY F 151 -25.21 2.65 -8.90
N PRO F 152 -26.43 3.21 -8.78
CA PRO F 152 -27.63 2.40 -8.96
C PRO F 152 -28.06 2.28 -10.42
N ASP F 153 -28.82 1.21 -10.72
CA ASP F 153 -29.38 0.94 -12.05
C ASP F 153 -30.49 -0.08 -11.83
N LEU F 154 -31.10 -0.55 -12.92
CA LEU F 154 -32.20 -1.51 -12.88
C LEU F 154 -32.02 -2.58 -11.81
N GLY F 155 -33.02 -2.73 -10.94
CA GLY F 155 -33.02 -3.77 -9.92
C GLY F 155 -32.03 -3.55 -8.78
N ALA F 156 -31.39 -2.37 -8.73
CA ALA F 156 -30.35 -2.08 -7.72
C ALA F 156 -30.59 -0.78 -6.97
N ASP F 157 -31.25 -0.87 -5.81
CA ASP F 157 -31.73 0.32 -5.12
C ASP F 157 -30.70 0.86 -4.10
N GLN F 158 -31.14 1.76 -3.25
CA GLN F 158 -30.24 2.36 -2.29
C GLN F 158 -29.73 1.34 -1.26
N GLN F 159 -30.54 0.36 -0.89
CA GLN F 159 -30.04 -0.65 0.07
C GLN F 159 -28.89 -1.46 -0.53
N VAL F 160 -28.92 -1.68 -1.84
CA VAL F 160 -27.86 -2.42 -2.53
C VAL F 160 -26.57 -1.63 -2.46
N MET F 161 -26.70 -0.31 -2.73
CA MET F 161 -25.58 0.63 -2.68
C MET F 161 -24.98 0.62 -1.28
N ALA F 162 -25.84 0.53 -0.26
CA ALA F 162 -25.39 0.44 1.15
C ALA F 162 -24.44 -0.74 1.30
N TRP F 163 -24.86 -1.89 0.79
CA TRP F 163 -24.08 -3.11 0.92
C TRP F 163 -22.76 -3.06 0.13
N ILE F 164 -22.78 -2.42 -1.04
CA ILE F 164 -21.54 -2.22 -1.76
C ILE F 164 -20.56 -1.42 -0.91
N MET F 165 -21.00 -0.23 -0.50
CA MET F 165 -20.21 0.65 0.32
C MET F 165 -19.64 -0.06 1.55
N ASP F 166 -20.48 -0.81 2.26
CA ASP F 166 -20.08 -1.42 3.52
C ASP F 166 -19.00 -2.47 3.28
N THR F 167 -19.30 -3.41 2.38
CA THR F 167 -18.38 -4.46 2.05
C THR F 167 -17.03 -3.87 1.70
N TYR F 168 -17.04 -2.87 0.83
CA TYR F 168 -15.79 -2.28 0.35
C TYR F 168 -15.00 -1.66 1.51
N SER F 169 -15.72 -1.01 2.43
CA SER F 169 -15.14 -0.27 3.52
C SER F 169 -14.61 -1.18 4.61
N MET F 170 -15.22 -2.34 4.72
CA MET F 170 -14.77 -3.28 5.72
C MET F 170 -13.53 -4.04 5.20
N THR F 171 -13.48 -4.24 3.89
CA THR F 171 -12.39 -4.95 3.25
C THR F 171 -11.09 -4.16 3.36
N VAL F 172 -11.22 -2.86 3.14
CA VAL F 172 -10.09 -1.98 2.90
C VAL F 172 -9.64 -1.30 4.21
N GLY F 173 -10.48 -1.41 5.24
CA GLY F 173 -10.13 -1.00 6.61
C GLY F 173 -10.29 0.49 6.85
N SER F 174 -11.13 1.12 6.06
CA SER F 174 -11.24 2.56 5.97
C SER F 174 -12.67 2.88 5.56
N THR F 175 -13.18 4.04 5.93
CA THR F 175 -14.53 4.35 5.48
C THR F 175 -14.53 5.20 4.21
N VAL F 176 -14.99 4.56 3.15
CA VAL F 176 -14.85 5.06 1.79
C VAL F 176 -16.20 5.27 1.10
N PRO F 177 -16.89 6.38 1.43
CA PRO F 177 -18.21 6.68 0.86
C PRO F 177 -18.21 6.79 -0.65
N GLY F 178 -17.10 7.24 -1.23
CA GLY F 178 -17.04 7.59 -2.65
C GLY F 178 -16.86 6.41 -3.59
N VAL F 179 -16.87 5.20 -3.07
CA VAL F 179 -16.79 4.02 -3.93
C VAL F 179 -18.09 3.77 -4.74
N VAL F 180 -19.22 4.28 -4.25
CA VAL F 180 -20.55 4.13 -4.87
C VAL F 180 -21.46 5.28 -4.60
N THR F 181 -22.34 5.51 -5.56
CA THR F 181 -23.31 6.58 -5.49
C THR F 181 -24.73 5.99 -5.41
N GLY F 182 -25.73 6.85 -5.19
CA GLY F 182 -27.10 6.40 -5.02
C GLY F 182 -27.32 5.85 -3.62
N LYS F 183 -26.42 6.18 -2.70
CA LYS F 183 -26.48 5.67 -1.33
C LYS F 183 -27.63 6.27 -0.52
N PRO F 184 -28.03 5.60 0.58
CA PRO F 184 -28.96 6.27 1.50
C PRO F 184 -28.38 7.57 2.06
N HIS F 185 -29.27 8.49 2.44
CA HIS F 185 -28.88 9.71 3.14
C HIS F 185 -28.04 9.43 4.39
N ALA F 186 -28.42 8.43 5.18
CA ALA F 186 -27.65 8.08 6.39
C ALA F 186 -26.17 7.69 6.14
N LEU F 187 -25.86 7.24 4.92
CA LEU F 187 -24.55 6.66 4.58
C LEU F 187 -23.65 7.51 3.67
N GLY F 188 -24.02 8.79 3.52
CA GLY F 188 -23.28 9.69 2.66
C GLY F 188 -23.94 9.89 1.31
N GLY F 189 -25.18 9.44 1.15
CA GLY F 189 -25.97 9.83 -0.01
C GLY F 189 -26.23 11.33 -0.05
N SER F 190 -26.79 11.79 -1.16
CA SER F 190 -27.13 13.20 -1.32
C SER F 190 -28.64 13.42 -1.25
N GLU F 191 -29.03 14.59 -0.75
CA GLU F 191 -30.44 15.03 -0.66
C GLU F 191 -31.01 15.03 -2.06
N GLY F 192 -30.22 15.60 -2.96
CA GLY F 192 -30.48 15.56 -4.37
C GLY F 192 -29.76 14.41 -5.06
N ARG F 193 -30.45 13.27 -5.24
CA ARG F 193 -31.83 13.03 -4.73
C ARG F 193 -32.43 11.64 -4.92
N ASP F 194 -32.15 10.96 -6.03
CA ASP F 194 -32.84 9.70 -6.32
C ASP F 194 -34.32 10.02 -6.65
N ASP F 195 -34.54 11.27 -7.10
CA ASP F 195 -35.66 11.71 -7.94
C ASP F 195 -35.11 12.77 -8.93
N ALA F 196 -33.79 12.65 -9.17
CA ALA F 196 -33.02 13.57 -9.98
C ALA F 196 -33.23 13.27 -11.45
N ALA F 197 -33.35 11.99 -11.77
CA ALA F 197 -33.60 11.58 -13.13
C ALA F 197 -34.80 12.33 -13.69
N GLY F 198 -35.89 12.34 -12.92
CA GLY F 198 -37.15 12.97 -13.32
C GLY F 198 -37.09 14.48 -13.40
N LEU F 199 -36.53 15.11 -12.36
CA LEU F 199 -36.41 16.56 -12.34
C LEU F 199 -35.55 17.05 -13.49
N GLY F 200 -34.48 16.30 -13.77
CA GLY F 200 -33.56 16.63 -14.82
C GLY F 200 -34.32 16.63 -16.13
N ALA F 201 -35.06 15.55 -16.37
CA ALA F 201 -35.81 15.40 -17.59
C ALA F 201 -36.63 16.67 -17.81
N LEU F 202 -37.32 17.13 -16.76
CA LEU F 202 -38.12 18.33 -16.84
C LEU F 202 -37.41 19.66 -16.89
N LEU F 203 -36.33 19.80 -16.13
CA LEU F 203 -35.53 21.02 -16.25
C LEU F 203 -35.03 21.14 -17.68
N VAL F 204 -34.68 20.01 -18.30
CA VAL F 204 -34.17 20.03 -19.67
C VAL F 204 -35.30 20.47 -20.60
N LEU F 205 -36.48 19.89 -20.40
CA LEU F 205 -37.61 20.12 -21.26
C LEU F 205 -38.00 21.57 -21.20
N GLU F 206 -38.18 22.08 -19.99
CA GLU F 206 -38.64 23.45 -19.86
C GLU F 206 -37.65 24.44 -20.49
N ALA F 207 -36.36 24.18 -20.33
CA ALA F 207 -35.30 24.97 -20.95
C ALA F 207 -35.38 24.99 -22.47
N LEU F 208 -35.78 23.87 -23.08
CA LEU F 208 -35.80 23.80 -24.53
C LEU F 208 -37.04 24.45 -25.12
N ALA F 209 -38.15 24.40 -24.40
CA ALA F 209 -39.39 25.04 -24.83
C ALA F 209 -39.30 26.57 -24.73
N LYS F 210 -38.71 27.07 -23.64
CA LYS F 210 -38.45 28.50 -23.48
C LYS F 210 -37.72 29.07 -24.71
N ARG F 211 -36.69 28.34 -25.14
CA ARG F 211 -35.89 28.68 -26.32
C ARG F 211 -36.70 28.70 -27.62
N ARG F 212 -37.54 27.68 -27.86
CA ARG F 212 -38.29 27.56 -29.13
C ARG F 212 -39.79 27.90 -29.10
N GLY F 213 -40.21 28.80 -28.20
CA GLY F 213 -41.61 29.25 -28.08
C GLY F 213 -42.70 28.17 -28.02
N LEU F 214 -42.47 27.14 -27.20
CA LEU F 214 -43.45 26.07 -26.95
C LEU F 214 -44.06 26.37 -25.57
N ASP F 215 -45.39 26.50 -25.49
CA ASP F 215 -46.04 26.82 -24.19
C ASP F 215 -46.35 25.61 -23.31
N LEU F 216 -45.80 25.63 -22.09
CA LEU F 216 -45.75 24.43 -21.24
C LEU F 216 -46.77 24.33 -20.10
N ARG F 217 -47.13 25.47 -19.51
CA ARG F 217 -48.23 25.52 -18.52
C ARG F 217 -49.51 25.06 -19.24
N GLY F 218 -50.08 23.97 -18.75
CA GLY F 218 -51.30 23.39 -19.34
C GLY F 218 -51.08 22.48 -20.53
N ALA F 219 -49.81 22.19 -20.85
CA ALA F 219 -49.52 21.17 -21.85
C ALA F 219 -49.77 19.79 -21.24
N ARG F 220 -50.29 18.88 -22.05
CA ARG F 220 -50.63 17.53 -21.61
C ARG F 220 -49.40 16.64 -21.71
N VAL F 221 -49.15 15.84 -20.68
CA VAL F 221 -47.99 14.95 -20.62
C VAL F 221 -48.47 13.52 -20.46
N VAL F 222 -47.88 12.60 -21.23
CA VAL F 222 -48.03 11.16 -21.01
C VAL F 222 -46.71 10.63 -20.45
N VAL F 223 -46.77 9.85 -19.38
CA VAL F 223 -45.56 9.28 -18.85
C VAL F 223 -45.55 7.75 -19.03
N GLN F 224 -44.59 7.25 -19.80
CA GLN F 224 -44.41 5.80 -19.96
C GLN F 224 -43.42 5.23 -18.94
N GLY F 225 -43.93 4.52 -17.96
CA GLY F 225 -43.10 3.95 -16.90
C GLY F 225 -43.39 4.59 -15.55
N LEU F 226 -43.47 3.79 -14.49
CA LEU F 226 -43.79 4.30 -13.14
C LEU F 226 -42.91 3.83 -11.99
N GLY F 227 -41.60 3.73 -12.21
CA GLY F 227 -40.65 3.48 -11.14
C GLY F 227 -40.23 4.82 -10.58
N GLN F 228 -39.09 4.85 -9.89
CA GLN F 228 -38.61 6.12 -9.31
C GLN F 228 -38.51 7.22 -10.37
N VAL F 229 -38.10 6.86 -11.58
CA VAL F 229 -37.94 7.81 -12.67
C VAL F 229 -39.27 8.43 -13.14
N GLY F 230 -40.19 7.58 -13.61
CA GLY F 230 -41.52 8.02 -14.03
C GLY F 230 -42.31 8.76 -12.98
N ALA F 231 -42.26 8.26 -11.75
CA ALA F 231 -42.98 8.92 -10.64
C ALA F 231 -42.54 10.37 -10.50
N ALA F 232 -41.22 10.55 -10.50
CA ALA F 232 -40.63 11.87 -10.36
C ALA F 232 -40.97 12.81 -11.53
N VAL F 233 -40.83 12.29 -12.75
CA VAL F 233 -41.24 13.01 -13.94
C VAL F 233 -42.66 13.52 -13.74
N ALA F 234 -43.57 12.62 -13.35
CA ALA F 234 -44.96 12.95 -13.21
C ALA F 234 -45.21 14.00 -12.12
N LEU F 235 -44.57 13.83 -10.97
CA LEU F 235 -44.72 14.76 -9.86
C LEU F 235 -44.23 16.16 -10.24
N HIS F 236 -43.07 16.25 -10.88
CA HIS F 236 -42.50 17.53 -11.26
C HIS F 236 -43.25 18.18 -12.40
N ALA F 237 -43.76 17.36 -13.31
CA ALA F 237 -44.49 17.92 -14.46
C ALA F 237 -45.72 18.59 -13.91
N GLU F 238 -46.35 17.97 -12.92
CA GLU F 238 -47.50 18.59 -12.29
C GLU F 238 -47.13 19.86 -11.51
N ARG F 239 -46.05 19.82 -10.72
CA ARG F 239 -45.58 21.00 -10.00
C ARG F 239 -45.41 22.21 -10.93
N LEU F 240 -44.81 21.98 -12.11
CA LEU F 240 -44.57 23.06 -13.04
C LEU F 240 -45.81 23.41 -13.88
N GLY F 241 -46.97 22.90 -13.51
CA GLY F 241 -48.26 23.34 -14.06
C GLY F 241 -48.71 22.68 -15.34
N MET F 242 -48.24 21.46 -15.59
CA MET F 242 -48.65 20.66 -16.75
C MET F 242 -49.74 19.68 -16.37
N ARG F 243 -50.47 19.16 -17.35
CA ARG F 243 -51.50 18.18 -17.05
C ARG F 243 -50.98 16.79 -17.35
N VAL F 244 -50.81 15.97 -16.31
CA VAL F 244 -50.43 14.60 -16.52
C VAL F 244 -51.69 13.78 -16.79
N VAL F 245 -52.00 13.65 -18.08
CA VAL F 245 -53.20 12.97 -18.55
C VAL F 245 -53.05 11.46 -18.49
N ALA F 246 -51.83 10.95 -18.61
CA ALA F 246 -51.61 9.51 -18.52
C ALA F 246 -50.31 9.13 -17.81
N VAL F 247 -50.37 8.03 -17.05
CA VAL F 247 -49.20 7.30 -16.62
C VAL F 247 -49.44 5.84 -16.95
N ALA F 248 -48.39 5.13 -17.34
CA ALA F 248 -48.46 3.73 -17.77
C ALA F 248 -47.40 2.83 -17.14
N THR F 249 -47.76 1.57 -16.92
CA THR F 249 -46.81 0.53 -16.54
C THR F 249 -46.90 -0.53 -17.63
N SER F 250 -46.30 -1.70 -17.42
CA SER F 250 -46.30 -2.75 -18.43
C SER F 250 -47.63 -3.49 -18.53
N MET F 251 -48.49 -3.34 -17.52
CA MET F 251 -49.87 -3.87 -17.55
C MET F 251 -50.86 -2.97 -18.33
N GLY F 252 -50.49 -1.71 -18.55
CA GLY F 252 -51.36 -0.74 -19.22
C GLY F 252 -51.31 0.63 -18.55
N GLY F 253 -52.29 1.47 -18.85
CA GLY F 253 -52.21 2.86 -18.44
C GLY F 253 -53.47 3.43 -17.84
N MET F 254 -53.31 4.55 -17.15
CA MET F 254 -54.42 5.28 -16.60
C MET F 254 -54.54 6.64 -17.27
N TYR F 255 -55.77 7.04 -17.57
CA TYR F 255 -56.00 8.20 -18.42
C TYR F 255 -57.07 9.12 -17.85
N ALA F 256 -56.80 10.40 -17.90
CA ALA F 256 -57.71 11.42 -17.40
C ALA F 256 -57.53 12.67 -18.24
N PRO F 257 -58.40 12.88 -19.23
CA PRO F 257 -58.26 14.00 -20.19
C PRO F 257 -58.07 15.32 -19.49
N GLU F 258 -58.56 15.42 -18.26
CA GLU F 258 -58.45 16.61 -17.43
C GLU F 258 -57.14 16.68 -16.65
N GLY F 259 -56.38 15.58 -16.68
CA GLY F 259 -55.11 15.50 -15.95
C GLY F 259 -55.27 14.84 -14.60
N LEU F 260 -54.47 13.80 -14.35
CA LEU F 260 -54.55 13.01 -13.14
C LEU F 260 -54.15 13.79 -11.89
N ASP F 261 -54.68 13.37 -10.75
CA ASP F 261 -54.15 13.73 -9.45
C ASP F 261 -52.91 12.86 -9.18
N VAL F 262 -51.74 13.39 -9.55
CA VAL F 262 -50.53 12.58 -9.60
C VAL F 262 -50.21 11.92 -8.27
N ALA F 263 -50.22 12.70 -7.19
CA ALA F 263 -49.82 12.20 -5.86
C ALA F 263 -50.77 11.11 -5.40
N GLU F 264 -52.05 11.26 -5.76
CA GLU F 264 -53.08 10.29 -5.40
C GLU F 264 -52.83 8.98 -6.14
N VAL F 265 -52.58 9.08 -7.45
CA VAL F 265 -52.31 7.93 -8.29
C VAL F 265 -51.05 7.19 -7.83
N LEU F 266 -50.05 7.94 -7.36
CA LEU F 266 -48.81 7.35 -6.91
C LEU F 266 -48.91 6.80 -5.49
N SER F 267 -49.73 7.43 -4.66
CA SER F 267 -50.06 6.90 -3.35
C SER F 267 -50.64 5.50 -3.51
N ALA F 268 -51.61 5.39 -4.42
CA ALA F 268 -52.28 4.13 -4.71
C ALA F 268 -51.32 3.07 -5.25
N TYR F 269 -50.38 3.51 -6.08
CA TYR F 269 -49.46 2.61 -6.73
C TYR F 269 -48.46 2.03 -5.73
N GLU F 270 -47.87 2.89 -4.91
CA GLU F 270 -47.02 2.48 -3.78
C GLU F 270 -47.77 1.55 -2.81
N ALA F 271 -48.97 1.95 -2.39
CA ALA F 271 -49.79 1.23 -1.41
C ALA F 271 -50.32 -0.13 -1.87
N THR F 272 -50.81 -0.21 -3.10
CA THR F 272 -51.44 -1.44 -3.60
C THR F 272 -50.56 -2.18 -4.59
N GLY F 273 -49.61 -1.48 -5.19
CA GLY F 273 -48.83 -2.05 -6.29
C GLY F 273 -49.65 -2.12 -7.56
N SER F 274 -50.56 -1.14 -7.74
CA SER F 274 -51.40 -1.04 -8.93
C SER F 274 -52.02 0.35 -9.09
N LEU F 275 -52.25 0.74 -10.34
CA LEU F 275 -52.94 1.99 -10.63
C LEU F 275 -54.41 1.85 -10.25
N PRO F 276 -54.99 2.90 -9.64
CA PRO F 276 -56.38 2.86 -9.18
C PRO F 276 -57.36 2.38 -10.27
N ARG F 277 -57.06 2.68 -11.53
CA ARG F 277 -57.81 2.09 -12.66
C ARG F 277 -56.94 1.94 -13.93
N LEU F 278 -57.43 1.15 -14.90
CA LEU F 278 -56.71 0.91 -16.15
C LEU F 278 -57.51 1.21 -17.42
N ASP F 279 -57.53 2.47 -17.84
CA ASP F 279 -58.19 2.86 -19.09
C ASP F 279 -57.51 2.29 -20.33
N LEU F 280 -56.19 2.20 -20.31
CA LEU F 280 -55.45 1.95 -21.54
C LEU F 280 -54.79 0.59 -21.56
N ALA F 281 -54.79 -0.04 -22.72
CA ALA F 281 -53.94 -1.19 -23.00
C ALA F 281 -52.51 -0.68 -23.15
N PRO F 282 -51.50 -1.54 -22.89
CA PRO F 282 -50.09 -1.13 -23.03
C PRO F 282 -49.76 -0.52 -24.40
N GLU F 283 -50.42 -1.01 -25.45
CA GLU F 283 -50.19 -0.48 -26.81
C GLU F 283 -50.60 0.99 -26.95
N GLU F 284 -51.81 1.30 -26.50
CA GLU F 284 -52.42 2.62 -26.65
C GLU F 284 -51.69 3.81 -26.04
N VAL F 285 -50.84 3.56 -25.05
CA VAL F 285 -50.14 4.63 -24.32
C VAL F 285 -49.51 5.71 -25.22
N PHE F 286 -48.86 5.30 -26.29
CA PHE F 286 -48.11 6.19 -27.17
C PHE F 286 -49.02 6.97 -28.08
N GLY F 287 -50.26 6.50 -28.21
CA GLY F 287 -51.17 7.04 -29.20
C GLY F 287 -52.17 8.08 -28.71
N LEU F 288 -51.98 8.57 -27.49
CA LEU F 288 -52.92 9.54 -26.91
C LEU F 288 -52.73 10.92 -27.52
N GLU F 289 -53.67 11.81 -27.28
CA GLU F 289 -53.52 13.18 -27.78
C GLU F 289 -52.87 14.02 -26.71
N ALA F 290 -51.57 14.28 -26.88
CA ALA F 290 -50.79 15.05 -25.93
C ALA F 290 -49.72 15.90 -26.57
N GLU F 291 -49.19 16.82 -25.77
CA GLU F 291 -48.09 17.67 -26.17
C GLU F 291 -46.77 16.94 -25.90
N VAL F 292 -46.67 16.32 -24.72
CA VAL F 292 -45.43 15.67 -24.29
C VAL F 292 -45.56 14.17 -24.00
N LEU F 293 -44.77 13.35 -24.69
CA LEU F 293 -44.63 11.94 -24.33
C LEU F 293 -43.27 11.73 -23.67
N VAL F 294 -43.27 11.14 -22.48
CA VAL F 294 -42.01 10.83 -21.76
C VAL F 294 -41.69 9.33 -21.70
N LEU F 295 -40.58 8.93 -22.31
CA LEU F 295 -40.07 7.58 -22.20
C LEU F 295 -39.19 7.44 -20.95
N ALA F 296 -39.81 6.95 -19.86
CA ALA F 296 -39.16 6.86 -18.55
C ALA F 296 -39.19 5.44 -17.96
N ALA F 297 -39.03 4.44 -18.83
CA ALA F 297 -39.03 3.05 -18.40
C ALA F 297 -37.76 2.35 -18.83
N ARG F 298 -37.86 1.51 -19.86
CA ARG F 298 -36.78 0.62 -20.26
C ARG F 298 -36.34 0.86 -21.70
N GLU F 299 -35.15 0.35 -22.04
CA GLU F 299 -34.66 0.36 -23.42
C GLU F 299 -35.66 -0.26 -24.41
N GLY F 300 -35.61 0.18 -25.66
CA GLY F 300 -36.46 -0.36 -26.73
C GLY F 300 -37.96 -0.08 -26.69
N ALA F 301 -38.37 0.75 -25.74
CA ALA F 301 -39.78 1.06 -25.53
C ALA F 301 -40.49 1.55 -26.79
N LEU F 302 -39.87 2.46 -27.53
CA LEU F 302 -40.47 2.99 -28.75
C LEU F 302 -39.63 2.63 -29.96
N ASP F 303 -40.18 1.79 -30.82
CA ASP F 303 -39.54 1.41 -32.09
C ASP F 303 -40.18 2.14 -33.27
N GLY F 304 -39.73 1.80 -34.48
CA GLY F 304 -40.18 2.44 -35.70
C GLY F 304 -41.68 2.39 -35.97
N ASP F 305 -42.28 1.21 -35.74
CA ASP F 305 -43.72 1.03 -35.92
C ASP F 305 -44.48 1.93 -34.97
N ARG F 306 -44.17 1.79 -33.69
CA ARG F 306 -44.81 2.58 -32.63
C ARG F 306 -44.68 4.11 -32.79
N ALA F 307 -43.59 4.57 -33.40
CA ALA F 307 -43.38 6.00 -33.66
C ALA F 307 -44.51 6.59 -34.48
N ARG F 308 -45.10 5.78 -35.35
CA ARG F 308 -46.22 6.20 -36.18
C ARG F 308 -47.48 6.50 -35.38
N GLN F 309 -47.55 5.95 -34.18
CA GLN F 309 -48.64 6.21 -33.23
C GLN F 309 -48.56 7.60 -32.60
N VAL F 310 -47.35 8.09 -32.41
CA VAL F 310 -47.09 9.25 -31.55
C VAL F 310 -47.73 10.50 -32.11
N GLN F 311 -48.50 11.19 -31.27
CA GLN F 311 -49.14 12.45 -31.66
C GLN F 311 -48.49 13.65 -30.97
N ALA F 312 -47.55 13.38 -30.06
CA ALA F 312 -46.87 14.42 -29.28
C ALA F 312 -45.95 15.33 -30.12
N GLN F 313 -45.94 16.61 -29.74
CA GLN F 313 -45.01 17.59 -30.27
C GLN F 313 -43.60 17.36 -29.71
N ALA F 314 -43.52 16.93 -28.45
CA ALA F 314 -42.22 16.64 -27.85
C ALA F 314 -42.17 15.24 -27.27
N VAL F 315 -41.07 14.56 -27.57
CA VAL F 315 -40.80 13.25 -27.07
C VAL F 315 -39.49 13.33 -26.33
N VAL F 316 -39.55 12.90 -25.07
CA VAL F 316 -38.46 13.08 -24.14
C VAL F 316 -37.95 11.68 -23.75
N GLU F 317 -36.82 11.30 -24.32
CA GLU F 317 -36.16 10.05 -23.97
C GLU F 317 -35.45 10.25 -22.60
N VAL F 318 -35.84 9.47 -21.61
CA VAL F 318 -35.16 9.53 -20.33
C VAL F 318 -34.46 8.22 -20.06
N ALA F 319 -35.16 7.10 -20.24
CA ALA F 319 -34.51 5.82 -20.18
C ALA F 319 -33.46 5.78 -21.30
N ASN F 320 -32.31 5.18 -21.03
CA ASN F 320 -31.32 4.91 -22.06
C ASN F 320 -31.92 4.08 -23.16
N PHE F 321 -31.70 4.51 -24.40
CA PHE F 321 -32.20 3.80 -25.56
C PHE F 321 -33.70 3.54 -25.53
N GLY F 322 -34.47 4.41 -24.86
CA GLY F 322 -35.92 4.31 -24.86
C GLY F 322 -36.53 4.30 -26.25
N LEU F 323 -36.07 5.19 -27.13
CA LEU F 323 -36.48 5.16 -28.54
C LEU F 323 -35.28 4.80 -29.41
N ASN F 324 -35.49 3.99 -30.43
CA ASN F 324 -34.37 3.59 -31.28
C ASN F 324 -34.14 4.58 -32.42
N PRO F 325 -32.99 4.47 -33.10
CA PRO F 325 -32.65 5.41 -34.18
C PRO F 325 -33.76 5.59 -35.19
N GLU F 326 -34.44 4.50 -35.51
CA GLU F 326 -35.46 4.52 -36.54
C GLU F 326 -36.68 5.35 -36.17
N ALA F 327 -37.07 5.32 -34.90
CA ALA F 327 -38.20 6.11 -34.41
C ALA F 327 -37.82 7.58 -34.38
N GLU F 328 -36.59 7.84 -33.97
CA GLU F 328 -36.09 9.22 -33.93
C GLU F 328 -36.10 9.88 -35.32
N ALA F 329 -35.66 9.16 -36.36
CA ALA F 329 -35.63 9.71 -37.71
C ALA F 329 -37.03 10.09 -38.15
N TYR F 330 -37.98 9.16 -37.94
CA TYR F 330 -39.37 9.38 -38.29
C TYR F 330 -39.97 10.62 -37.61
N LEU F 331 -39.87 10.66 -36.28
CA LEU F 331 -40.39 11.75 -35.48
C LEU F 331 -39.74 13.08 -35.81
N LEU F 332 -38.44 13.07 -36.09
CA LEU F 332 -37.79 14.28 -36.56
C LEU F 332 -38.35 14.72 -37.93
N GLY F 333 -38.58 13.74 -38.83
CA GLY F 333 -39.15 14.00 -40.14
C GLY F 333 -40.53 14.63 -40.06
N LYS F 334 -41.26 14.34 -38.99
CA LYS F 334 -42.59 14.90 -38.74
C LYS F 334 -42.57 16.26 -38.03
N GLY F 335 -41.40 16.74 -37.62
CA GLY F 335 -41.30 18.04 -36.97
C GLY F 335 -41.40 17.96 -35.46
N ALA F 336 -41.37 16.76 -34.91
CA ALA F 336 -41.37 16.60 -33.45
C ALA F 336 -40.04 17.07 -32.88
N LEU F 337 -40.11 17.60 -31.67
CA LEU F 337 -38.95 17.82 -30.84
C LEU F 337 -38.62 16.50 -30.16
N VAL F 338 -37.49 15.89 -30.54
CA VAL F 338 -36.99 14.72 -29.83
C VAL F 338 -35.85 15.12 -28.88
N VAL F 339 -36.07 14.93 -27.58
CA VAL F 339 -35.04 15.19 -26.56
C VAL F 339 -34.31 13.90 -26.20
N PRO F 340 -33.03 13.80 -26.55
CA PRO F 340 -32.40 12.48 -26.39
C PRO F 340 -31.95 12.12 -24.96
N ASP F 341 -31.79 10.83 -24.70
CA ASP F 341 -31.36 10.34 -23.38
C ASP F 341 -30.08 10.99 -22.92
N LEU F 342 -29.15 11.23 -23.85
CA LEU F 342 -27.88 11.89 -23.52
C LEU F 342 -28.07 13.24 -22.86
N LEU F 343 -29.24 13.84 -23.03
CA LEU F 343 -29.53 15.13 -22.44
C LEU F 343 -30.60 14.97 -21.34
N SER F 344 -31.83 14.67 -21.71
CA SER F 344 -32.86 14.43 -20.69
C SER F 344 -32.46 13.20 -19.87
N GLY F 345 -32.80 13.18 -18.60
CA GLY F 345 -32.15 12.10 -17.82
C GLY F 345 -30.64 11.81 -18.09
N GLY F 346 -29.81 12.85 -18.06
CA GLY F 346 -28.49 12.73 -17.47
C GLY F 346 -28.61 13.15 -16.00
N GLY F 347 -29.85 13.23 -15.52
CA GLY F 347 -30.14 13.80 -14.20
C GLY F 347 -29.67 12.91 -13.07
N GLY F 348 -29.82 11.60 -13.24
CA GLY F 348 -29.32 10.62 -12.27
C GLY F 348 -27.81 10.76 -12.11
N LEU F 349 -27.15 10.89 -13.26
CA LEU F 349 -25.69 10.94 -13.29
C LEU F 349 -25.08 12.20 -12.68
N LEU F 350 -25.66 13.35 -13.05
CA LEU F 350 -25.31 14.62 -12.45
C LEU F 350 -25.48 14.60 -10.92
N ALA F 351 -26.56 14.02 -10.42
CA ALA F 351 -26.78 13.93 -8.98
C ALA F 351 -25.70 13.02 -8.33
N SER F 352 -25.38 11.94 -9.02
CA SER F 352 -24.42 11.02 -8.51
C SER F 352 -23.08 11.73 -8.35
N TYR F 353 -22.78 12.59 -9.34
CA TYR F 353 -21.58 13.40 -9.33
C TYR F 353 -21.58 14.33 -8.15
N LEU F 354 -22.68 15.05 -7.95
CA LEU F 354 -22.77 15.95 -6.80
C LEU F 354 -22.71 15.18 -5.47
N GLU F 355 -23.11 13.90 -5.49
CA GLU F 355 -23.00 13.04 -4.33
C GLU F 355 -21.51 12.77 -4.05
N TRP F 356 -20.77 12.43 -5.11
CA TRP F 356 -19.36 12.08 -5.02
C TRP F 356 -18.54 13.25 -4.50
N VAL F 357 -18.70 14.42 -5.13
CA VAL F 357 -18.04 15.64 -4.68
C VAL F 357 -18.20 15.85 -3.17
N GLN F 358 -19.43 15.71 -2.68
CA GLN F 358 -19.75 15.86 -1.26
C GLN F 358 -19.12 14.78 -0.38
N ASP F 359 -19.20 13.52 -0.81
CA ASP F 359 -18.53 12.41 -0.12
C ASP F 359 -17.02 12.61 -0.02
N LEU F 360 -16.38 13.05 -1.10
CA LEU F 360 -14.95 13.19 -1.11
C LEU F 360 -14.43 14.20 -0.10
N ASN F 361 -15.15 15.28 0.16
CA ASN F 361 -14.70 16.05 1.30
C ASN F 361 -15.65 16.17 2.49
N MET F 362 -16.57 15.20 2.54
CA MET F 362 -17.35 14.83 3.73
C MET F 362 -18.14 15.99 4.36
N PHE F 363 -18.64 16.82 3.46
CA PHE F 363 -19.36 18.02 3.80
C PHE F 363 -20.61 18.04 2.92
N PHE F 364 -21.78 18.13 3.56
CA PHE F 364 -23.02 17.93 2.84
C PHE F 364 -23.90 19.17 2.76
N TRP F 365 -24.22 19.55 1.52
CA TRP F 365 -25.05 20.72 1.25
C TRP F 365 -26.52 20.50 1.63
N SER F 366 -27.21 21.62 1.90
CA SER F 366 -28.66 21.58 2.18
C SER F 366 -29.48 21.07 1.00
N PRO F 367 -30.68 20.51 1.26
CA PRO F 367 -31.50 20.27 0.08
C PRO F 367 -31.55 21.51 -0.83
N GLU F 368 -31.57 22.71 -0.26
CA GLU F 368 -31.64 23.91 -1.08
C GLU F 368 -30.41 24.04 -1.98
N GLU F 369 -29.22 23.93 -1.38
CA GLU F 369 -27.95 24.16 -2.09
C GLU F 369 -27.62 23.13 -3.17
N VAL F 370 -28.03 21.88 -2.94
CA VAL F 370 -27.88 20.83 -3.93
C VAL F 370 -28.74 21.14 -5.17
N ARG F 371 -30.02 21.44 -4.93
CA ARG F 371 -30.97 21.85 -5.95
C ARG F 371 -30.42 22.93 -6.89
N GLU F 372 -29.78 23.92 -6.29
CA GLU F 372 -29.33 25.12 -6.99
C GLU F 372 -28.10 24.88 -7.88
N ARG F 373 -27.15 24.10 -7.37
CA ARG F 373 -26.00 23.63 -8.14
C ARG F 373 -26.45 22.64 -9.22
N PHE F 374 -27.47 21.86 -8.92
CA PHE F 374 -28.07 20.92 -9.87
C PHE F 374 -28.73 21.63 -11.07
N GLU F 375 -29.58 22.62 -10.80
CA GLU F 375 -30.21 23.46 -11.82
C GLU F 375 -29.21 24.23 -12.66
N THR F 376 -28.22 24.83 -12.01
CA THR F 376 -27.24 25.65 -12.72
C THR F 376 -26.57 24.78 -13.79
N ARG F 377 -26.24 23.55 -13.39
CA ARG F 377 -25.54 22.65 -14.26
C ARG F 377 -26.38 22.09 -15.38
N VAL F 378 -27.66 21.80 -15.16
CA VAL F 378 -28.46 21.36 -16.31
C VAL F 378 -28.73 22.49 -17.32
N ALA F 379 -28.93 23.71 -16.85
CA ALA F 379 -29.08 24.86 -17.72
C ALA F 379 -27.82 25.09 -18.56
N ARG F 380 -26.63 24.95 -17.95
CA ARG F 380 -25.35 25.00 -18.68
C ARG F 380 -25.19 23.90 -19.74
N VAL F 381 -25.51 22.67 -19.37
CA VAL F 381 -25.45 21.55 -20.32
C VAL F 381 -26.40 21.75 -21.51
N VAL F 382 -27.64 22.19 -21.25
CA VAL F 382 -28.55 22.52 -22.35
C VAL F 382 -28.00 23.62 -23.27
N ASP F 383 -27.44 24.68 -22.68
CA ASP F 383 -26.78 25.71 -23.45
C ASP F 383 -25.64 25.22 -24.38
N ALA F 384 -24.73 24.45 -23.82
CA ALA F 384 -23.59 23.97 -24.58
C ALA F 384 -24.07 23.08 -25.74
N VAL F 385 -24.99 22.18 -25.45
CA VAL F 385 -25.49 21.26 -26.47
C VAL F 385 -26.19 22.00 -27.60
N CYS F 386 -27.09 22.92 -27.27
CA CYS F 386 -27.71 23.82 -28.27
C CYS F 386 -26.70 24.69 -29.05
N ARG F 387 -25.76 25.36 -28.38
CA ARG F 387 -24.75 26.16 -29.11
C ARG F 387 -24.05 25.29 -30.17
N ARG F 388 -23.69 24.07 -29.78
CA ARG F 388 -22.98 23.16 -30.68
C ARG F 388 -23.88 22.70 -31.81
N ALA F 389 -25.09 22.26 -31.50
CA ALA F 389 -26.05 21.86 -32.52
C ALA F 389 -26.20 22.95 -33.57
N GLU F 390 -26.35 24.19 -33.10
CA GLU F 390 -26.60 25.33 -33.97
C GLU F 390 -25.42 25.66 -34.90
N ARG F 391 -24.20 25.58 -34.37
CA ARG F 391 -22.99 25.89 -35.17
C ARG F 391 -22.79 24.95 -36.36
N GLY F 392 -23.30 23.74 -36.23
CA GLY F 392 -23.20 22.76 -37.31
C GLY F 392 -24.54 22.49 -37.96
N GLY F 393 -25.56 23.21 -37.49
CA GLY F 393 -26.91 23.01 -37.99
C GLY F 393 -27.35 21.56 -37.86
N LEU F 394 -27.19 21.01 -36.65
CA LEU F 394 -27.54 19.62 -36.40
C LEU F 394 -28.72 19.54 -35.45
N ASP F 395 -29.37 18.37 -35.43
CA ASP F 395 -30.42 18.10 -34.42
C ASP F 395 -29.76 17.90 -33.05
N LEU F 396 -30.56 17.96 -31.98
CA LEU F 396 -30.08 17.86 -30.58
C LEU F 396 -29.14 16.71 -30.26
N ARG F 397 -29.52 15.50 -30.65
CA ARG F 397 -28.68 14.33 -30.43
C ARG F 397 -27.30 14.48 -31.03
N MET F 398 -27.25 14.91 -32.29
CA MET F 398 -25.98 15.07 -33.01
C MET F 398 -25.10 16.11 -32.36
N GLY F 399 -25.72 17.24 -31.97
CA GLY F 399 -25.01 18.31 -31.26
C GLY F 399 -24.38 17.78 -29.98
N ALA F 400 -25.18 17.03 -29.20
CA ALA F 400 -24.69 16.42 -27.98
C ALA F 400 -23.56 15.47 -28.30
N LEU F 401 -23.79 14.63 -29.30
CA LEU F 401 -22.77 13.69 -29.72
C LEU F 401 -21.50 14.42 -30.07
N ALA F 402 -21.60 15.45 -30.89
CA ALA F 402 -20.41 16.15 -31.36
C ALA F 402 -19.67 16.83 -30.21
N LEU F 403 -20.46 17.34 -29.26
CA LEU F 403 -19.89 17.93 -28.07
C LEU F 403 -19.08 16.87 -27.33
N ALA F 404 -19.71 15.74 -27.00
CA ALA F 404 -19.05 14.68 -26.27
C ALA F 404 -17.77 14.27 -26.97
N LEU F 405 -17.90 13.98 -28.27
CA LEU F 405 -16.76 13.55 -29.07
C LEU F 405 -15.62 14.56 -29.07
N GLU F 406 -15.94 15.84 -29.16
CA GLU F 406 -14.89 16.86 -29.14
C GLU F 406 -14.14 16.91 -27.80
N ARG F 407 -14.87 16.67 -26.72
CA ARG F 407 -14.33 16.73 -25.38
C ARG F 407 -13.48 15.49 -25.08
N LEU F 408 -13.98 14.34 -25.50
CA LEU F 408 -13.28 13.08 -25.41
C LEU F 408 -11.98 13.13 -26.20
N ASP F 409 -12.03 13.77 -27.37
CA ASP F 409 -10.85 13.91 -28.26
C ASP F 409 -9.79 14.82 -27.65
N GLU F 410 -10.24 15.89 -27.00
CA GLU F 410 -9.29 16.69 -26.26
C GLU F 410 -8.59 15.90 -25.15
N ALA F 411 -9.35 15.25 -24.28
CA ALA F 411 -8.72 14.58 -23.15
C ALA F 411 -7.79 13.51 -23.67
N THR F 412 -8.26 12.77 -24.66
CA THR F 412 -7.47 11.67 -25.26
C THR F 412 -6.22 12.11 -25.99
N ARG F 413 -6.29 13.16 -26.81
CA ARG F 413 -5.08 13.60 -27.52
C ARG F 413 -4.08 14.22 -26.55
N LEU F 414 -4.55 14.98 -25.56
CA LEU F 414 -3.66 15.58 -24.57
C LEU F 414 -2.92 14.57 -23.71
N ARG F 415 -3.61 13.49 -23.31
CA ARG F 415 -3.03 12.45 -22.45
C ARG F 415 -2.09 11.52 -23.20
N GLY F 416 -2.44 11.23 -24.47
CA GLY F 416 -1.66 10.35 -25.34
C GLY F 416 -1.59 8.90 -24.89
N VAL F 417 -0.89 8.08 -25.67
CA VAL F 417 -0.82 6.62 -25.45
C VAL F 417 0.28 6.23 -24.48
N TYR F 418 -0.10 5.62 -23.35
CA TYR F 418 0.83 5.17 -22.31
C TYR F 418 0.13 4.30 -21.24
N PRO F 419 0.78 3.19 -20.81
CA PRO F 419 2.05 2.65 -21.23
C PRO F 419 2.08 2.27 -22.73
N LEU G . 13.43 -1.21 -18.06
CA LEU G . 14.60 -0.72 -17.26
C LEU G . 15.04 0.69 -17.66
O LEU G . 14.65 1.25 -18.69
CB LEU G . 15.77 -1.69 -17.39
CG LEU G . 16.82 -1.73 -16.29
CD1 LEU G . 16.33 -2.35 -14.96
CD2 LEU G . 18.04 -2.50 -16.80
OXT LEU G . 15.80 1.31 -16.94
N LEU H . 9.41 16.38 12.13
CA LEU H . 9.85 17.01 10.84
C LEU H . 11.37 16.91 10.62
O LEU H . 11.92 17.32 9.60
CB LEU H . 9.40 18.47 10.82
CG LEU H . 9.57 19.29 9.57
CD1 LEU H . 8.68 18.84 8.40
CD2 LEU H . 9.26 20.72 9.96
OXT LEU H . 12.09 16.38 11.47
N LEU I . 13.09 -0.23 18.53
CA LEU I . 12.23 -1.20 19.25
C LEU I . 11.35 -0.49 20.28
O LEU I . 10.28 -0.98 20.64
CB LEU I . 13.09 -2.21 19.98
CG LEU I . 12.71 -3.69 20.01
CD1 LEU I . 11.39 -4.02 19.34
CD2 LEU I . 12.79 -4.27 21.43
OXT LEU I . 11.70 0.59 20.79
N LEU J . -20.46 -4.21 8.23
CA LEU J . -20.06 -3.58 9.53
C LEU J . -19.83 -4.61 10.65
O LEU J . -20.47 -5.67 10.69
CB LEU J . -21.12 -2.59 9.96
CG LEU J . -20.87 -1.83 11.25
CD1 LEU J . -19.92 -0.64 11.01
CD2 LEU J . -22.21 -1.35 11.73
OXT LEU J . -18.99 -4.37 11.53
N LEU K . -12.83 -18.63 0.33
CA LEU K . -12.41 -18.83 -1.10
C LEU K . -13.55 -18.49 -2.01
O LEU K . -13.32 -18.31 -3.20
CB LEU K . -11.99 -20.28 -1.34
CG LEU K . -11.44 -20.71 -2.72
CD1 LEU K . -11.53 -22.20 -2.88
CD2 LEU K . -10.01 -20.28 -2.88
OXT LEU K . -14.71 -18.40 -1.59
N LEU L . -2.74 7.03 -21.17
CA LEU L . -3.99 6.33 -21.61
C LEU L . -3.70 5.07 -22.38
O LEU L . -4.43 4.09 -22.25
CB LEU L . -4.84 7.22 -22.50
CG LEU L . -5.94 8.04 -21.87
CD1 LEU L . -6.91 8.41 -22.98
CD2 LEU L . -6.65 7.31 -20.69
OXT LEU L . -2.76 5.00 -23.17
#